data_8VQH
#
_entry.id   8VQH
#
_cell.length_a   1.00
_cell.length_b   1.00
_cell.length_c   1.00
_cell.angle_alpha   90.00
_cell.angle_beta   90.00
_cell.angle_gamma   90.00
#
_symmetry.space_group_name_H-M   'P 1'
#
loop_
_entity.id
_entity.type
_entity.pdbx_description
1 polymer 'Light-independent protochlorophyllide reductase subunit N'
2 polymer 'Light-independent protochlorophyllide reductase subunit B'
3 non-polymer 'IRON/SULFUR CLUSTER'
4 non-polymer 'COPPER (II) ION'
5 water water
#
loop_
_entity_poly.entity_id
_entity_poly.type
_entity_poly.pdbx_seq_one_letter_code
_entity_poly.pdbx_strand_id
1 'polypeptide(L)'
;MSLDLPPPPARGCRSTEVLKERGQREVFCGLTGIIWLHRKMQDAFFLVVGSRTCAHLLQSAAGVMIFAEPRFGTAVLEEK
DLAGLADANAELDREVDRLLARRPDIRQLFLVGSCPSEVIKLDLHRAAERLSAHHGPAVRVYNFSGSGIETTFTQGEDAC
LASIVPTLPATEARELLLVGALPDVVEDQAVSLLTQLGIGPVRCLPAHHAAEAPGVGPNTVFALVQPFLGDTHGALTRRG
ARHIAAPFPFGEEGTTLWLKAIADEFGVSAETFEAVTAAPRARARKAVAAASEGLRGKSVFFLPDSQLEPSLARFLTREC
GMSAVEVGTPFLHRGILGPDLDLLAEGPVLSEGQDVERQLDRVRAARPDLTVCGLGLANPLEAEGFTTKWAIELVFTPVH
FYEQAGDLAGLFSRPVRRRAILRREAAE
;
A,C
2 'polypeptide(L)'
;MSDSEVNQEAKPEVKPEVKPETHINLKVSDGSSEIFFKIKKTTPLRRLMEAFAKRQGKEMDSLRFLYDGIRIQADQTPED
LDMEDNDIIEAHREQIMKLTLWTYEGPPHVGAMRVATGMTGMHYVLHAPQGDTYADLLFTMIERRGKRPPVSYTTFQARD
LGSDTAELFQSACRDAYERFQPQAIMVGSSCTAELIQDDTGGLADALSLPVPVVHLELPSYQRKENFGADESFLQICRKL
ARPMERTEKVSCNLLGPTALGFRHRDDILEVTRLLEGMGIAVNAVAPMGASPADIARLGAAHFNVLLYPETGESAARWAE
KTLKQPYTKTVPIGVGATRDFVAEVAALAGVAPVADDSRLRQPWWSASVDSTYLTGKRVFLFGDATHVIAAARVARDEMG
FEVVGMGCYNREFARPMRAAAKGYGLEALVTDDYLEVEEAIQALAPELILGTQMERHIAKRLGIPCAVISAPVHVQDFPA
RYSPQMGFEGANVLFDTWIHPLTMGLEEHLLTMFREDFEFHDEAGPSHHGGKAVPASAPRADEAAEALPLTGAETAEGGS
IPPEAVPPAEAAAVPAGEIVWLTDAERELKKIPFFVRGKARRNTEKFAAEKGLTRISLETLYEAKAHYAR
;
B,D
#
# COMPACT_ATOMS: atom_id res chain seq x y z
N GLU A 21 22.87 10.82 41.15
CA GLU A 21 23.33 11.81 40.19
C GLU A 21 22.18 12.64 39.66
N ARG A 22 22.24 13.95 39.87
CA ARG A 22 21.19 14.87 39.43
C ARG A 22 21.62 15.47 38.09
N GLY A 23 21.10 14.91 37.00
CA GLY A 23 21.35 15.44 35.69
C GLY A 23 20.11 15.36 34.81
N GLN A 24 20.30 15.24 33.51
CA GLN A 24 19.16 15.06 32.60
C GLN A 24 18.64 13.63 32.73
N ARG A 25 17.34 13.48 32.91
CA ARG A 25 16.70 12.18 33.02
C ARG A 25 15.80 11.94 31.83
N GLU A 26 16.03 10.82 31.14
CA GLU A 26 15.20 10.44 29.99
C GLU A 26 14.12 9.44 30.42
N VAL A 27 13.17 9.96 31.21
CA VAL A 27 12.05 9.17 31.67
C VAL A 27 10.77 9.96 31.38
N PHE A 28 9.65 9.24 31.32
CA PHE A 28 8.37 9.83 30.94
C PHE A 28 7.71 10.50 32.14
N CYS A 29 6.96 11.58 31.94
CA CYS A 29 6.11 12.10 33.05
C CYS A 29 5.05 11.03 33.34
N GLY A 30 4.35 11.09 34.46
CA GLY A 30 3.42 10.02 34.84
C GLY A 30 2.10 10.06 34.10
N LEU A 31 1.91 11.04 33.21
CA LEU A 31 0.68 11.06 32.38
C LEU A 31 0.72 9.85 31.46
N THR A 32 1.90 9.26 31.24
CA THR A 32 1.93 8.04 30.44
C THR A 32 1.23 6.89 31.14
N GLY A 33 1.12 6.94 32.46
CA GLY A 33 0.38 5.91 33.19
C GLY A 33 -1.07 5.84 32.78
N ILE A 34 -1.65 6.98 32.40
CA ILE A 34 -3.03 7.02 31.92
C ILE A 34 -3.22 6.10 30.71
N ILE A 35 -2.18 5.99 29.89
CA ILE A 35 -2.33 5.34 28.57
C ILE A 35 -2.73 3.88 28.72
N TRP A 36 -2.11 3.17 29.66
CA TRP A 36 -2.50 1.78 29.90
C TRP A 36 -3.50 1.62 31.02
N LEU A 37 -3.78 2.68 31.79
CA LEU A 37 -4.75 2.58 32.88
C LEU A 37 -6.18 2.49 32.35
N HIS A 38 -6.52 3.34 31.38
CA HIS A 38 -7.88 3.40 30.89
C HIS A 38 -8.30 2.12 30.16
N ARG A 39 -7.33 1.31 29.72
CA ARG A 39 -7.67 0.03 29.13
C ARG A 39 -8.14 -0.98 30.16
N LYS A 40 -7.74 -0.82 31.43
CA LYS A 40 -8.20 -1.70 32.50
C LYS A 40 -9.45 -1.15 33.17
N MET A 41 -9.54 0.16 33.31
CA MET A 41 -10.72 0.82 33.88
C MET A 41 -11.57 1.35 32.73
N GLN A 42 -12.53 0.55 32.28
CA GLN A 42 -13.38 0.92 31.16
C GLN A 42 -14.47 1.91 31.56
N ASP A 43 -14.56 2.25 32.83
CA ASP A 43 -15.57 3.17 33.35
C ASP A 43 -14.96 4.55 33.61
N ALA A 44 -13.65 4.65 33.61
CA ALA A 44 -12.95 5.85 34.04
C ALA A 44 -12.48 6.66 32.83
N PHE A 45 -12.71 7.96 32.89
CA PHE A 45 -12.14 8.92 31.94
C PHE A 45 -11.12 9.77 32.68
N PHE A 46 -9.95 9.95 32.08
CA PHE A 46 -8.87 10.72 32.67
C PHE A 46 -8.76 12.06 31.96
N LEU A 47 -9.11 13.13 32.66
CA LEU A 47 -9.00 14.47 32.10
C LEU A 47 -7.73 15.12 32.63
N VAL A 48 -6.82 15.48 31.73
CA VAL A 48 -5.55 16.07 32.08
C VAL A 48 -5.67 17.59 31.94
N VAL A 49 -5.40 18.32 33.01
CA VAL A 49 -5.37 19.77 32.98
C VAL A 49 -3.93 20.18 32.71
N GLY A 50 -3.60 20.40 31.43
CA GLY A 50 -2.22 20.65 31.08
C GLY A 50 -2.11 21.55 29.86
N SER A 51 -0.88 21.68 29.39
CA SER A 51 -0.58 22.54 28.25
C SER A 51 -0.62 21.71 26.96
N ARG A 52 -0.15 22.32 25.86
CA ARG A 52 -0.05 21.59 24.61
C ARG A 52 1.00 20.49 24.68
N THR A 53 2.05 20.70 25.49
CA THR A 53 3.09 19.70 25.63
C THR A 53 2.54 18.40 26.21
N CYS A 54 1.69 18.49 27.22
CA CYS A 54 1.17 17.28 27.85
C CYS A 54 0.21 16.53 26.93
N ALA A 55 -0.65 17.25 26.20
CA ALA A 55 -1.50 16.61 25.21
C ALA A 55 -0.68 15.95 24.11
N HIS A 56 0.36 16.63 23.63
CA HIS A 56 1.22 16.07 22.59
C HIS A 56 1.94 14.82 23.08
N LEU A 57 2.46 14.83 24.31
CA LEU A 57 3.09 13.65 24.87
C LEU A 57 2.10 12.50 24.99
N LEU A 58 0.90 12.80 25.47
CA LEU A 58 -0.11 11.78 25.68
C LEU A 58 -0.46 11.11 24.35
N GLN A 59 -0.67 11.92 23.31
CA GLN A 59 -0.99 11.36 22.00
C GLN A 59 0.20 10.62 21.39
N SER A 60 1.42 11.12 21.56
CA SER A 60 2.59 10.46 21.00
C SER A 60 2.81 9.10 21.63
N ALA A 61 2.66 9.00 22.95
CA ALA A 61 2.87 7.73 23.61
C ALA A 61 1.68 6.79 23.46
N ALA A 62 0.49 7.35 23.17
CA ALA A 62 -0.65 6.49 22.88
C ALA A 62 -0.55 5.87 21.50
N GLY A 63 -0.17 6.66 20.50
CA GLY A 63 0.02 6.11 19.17
C GLY A 63 -1.31 5.94 18.43
N VAL A 64 -1.78 4.69 18.35
CA VAL A 64 -3.01 4.39 17.63
C VAL A 64 -4.24 4.51 18.53
N MET A 65 -4.04 4.46 19.84
CA MET A 65 -5.16 4.56 20.75
C MET A 65 -5.91 5.88 20.59
N ILE A 66 -5.18 6.98 20.40
CA ILE A 66 -5.83 8.27 20.18
C ILE A 66 -6.66 8.25 18.90
N PHE A 67 -6.23 7.48 17.90
CA PHE A 67 -7.10 7.25 16.75
C PHE A 67 -8.30 6.39 17.09
N ALA A 68 -8.20 5.54 18.11
CA ALA A 68 -9.29 4.66 18.51
C ALA A 68 -10.26 5.34 19.47
N GLU A 69 -10.25 6.68 19.55
CA GLU A 69 -11.13 7.47 20.41
C GLU A 69 -11.06 6.97 21.85
N PRO A 70 -9.96 7.22 22.57
CA PRO A 70 -9.81 6.68 23.91
C PRO A 70 -10.41 7.57 24.98
N ARG A 71 -10.20 7.22 26.25
CA ARG A 71 -10.81 7.92 27.37
C ARG A 71 -9.83 8.81 28.12
N PHE A 72 -8.89 9.46 27.44
CA PHE A 72 -8.08 10.49 28.06
C PHE A 72 -8.12 11.74 27.18
N GLY A 73 -8.39 12.88 27.79
CA GLY A 73 -8.34 14.15 27.10
C GLY A 73 -7.53 15.14 27.90
N THR A 74 -7.10 16.20 27.24
CA THR A 74 -6.31 17.24 27.88
C THR A 74 -7.08 18.56 27.80
N ALA A 75 -7.52 19.05 28.94
CA ALA A 75 -8.11 20.39 29.02
C ALA A 75 -6.96 21.39 28.91
N VAL A 76 -6.69 21.84 27.68
CA VAL A 76 -5.50 22.62 27.42
C VAL A 76 -5.61 23.97 28.11
N LEU A 77 -4.59 24.30 28.92
CA LEU A 77 -4.53 25.59 29.58
C LEU A 77 -4.19 26.67 28.56
N GLU A 78 -5.05 27.66 28.43
CA GLU A 78 -4.80 28.78 27.55
C GLU A 78 -4.19 29.94 28.34
N GLU A 79 -3.77 30.98 27.62
CA GLU A 79 -3.18 32.15 28.27
C GLU A 79 -4.17 32.79 29.24
N LYS A 80 -5.44 32.90 28.84
CA LYS A 80 -6.47 33.41 29.73
C LYS A 80 -6.75 32.43 30.86
N ASP A 81 -6.50 31.15 30.65
CA ASP A 81 -6.66 30.16 31.72
C ASP A 81 -5.53 30.24 32.75
N LEU A 82 -4.38 30.79 32.37
CA LEU A 82 -3.24 30.84 33.29
C LEU A 82 -3.53 31.77 34.47
N ALA A 83 -4.19 32.89 34.21
CA ALA A 83 -4.47 33.88 35.24
C ALA A 83 -5.87 33.68 35.80
N GLY A 84 -5.97 33.47 37.11
CA GLY A 84 -7.25 33.32 37.76
C GLY A 84 -7.65 31.88 38.02
N LEU A 85 -7.51 31.44 39.27
CA LEU A 85 -7.93 30.09 39.61
C LEU A 85 -9.44 29.92 39.49
N ALA A 86 -10.21 30.95 39.88
CA ALA A 86 -11.65 30.85 39.78
C ALA A 86 -12.12 30.75 38.32
N ASP A 87 -11.58 31.60 37.44
CA ASP A 87 -11.97 31.54 36.04
C ASP A 87 -11.59 30.21 35.40
N ALA A 88 -10.35 29.77 35.61
CA ALA A 88 -9.87 28.53 35.04
C ALA A 88 -10.68 27.35 35.57
N ASN A 89 -11.03 27.39 36.86
CA ASN A 89 -11.84 26.33 37.44
C ASN A 89 -13.26 26.33 36.87
N ALA A 90 -13.79 27.52 36.58
CA ALA A 90 -15.10 27.61 35.95
C ALA A 90 -15.07 27.00 34.55
N GLU A 91 -14.03 27.30 33.78
CA GLU A 91 -13.92 26.69 32.45
C GLU A 91 -13.70 25.19 32.55
N LEU A 92 -12.96 24.75 33.58
CA LEU A 92 -12.79 23.32 33.82
C LEU A 92 -14.14 22.65 34.08
N ASP A 93 -14.98 23.28 34.90
CA ASP A 93 -16.32 22.75 35.15
C ASP A 93 -17.14 22.72 33.88
N ARG A 94 -17.03 23.76 33.05
CA ARG A 94 -17.73 23.78 31.78
C ARG A 94 -17.33 22.59 30.92
N GLU A 95 -16.03 22.36 30.78
CA GLU A 95 -15.54 21.27 29.95
C GLU A 95 -15.93 19.91 30.52
N VAL A 96 -15.88 19.76 31.84
CA VAL A 96 -16.25 18.49 32.45
C VAL A 96 -17.74 18.21 32.22
N ASP A 97 -18.60 19.21 32.42
CA ASP A 97 -20.02 19.03 32.16
C ASP A 97 -20.27 18.69 30.70
N ARG A 98 -19.56 19.36 29.79
CA ARG A 98 -19.68 19.06 28.37
C ARG A 98 -19.26 17.63 28.07
N LEU A 99 -18.23 17.15 28.77
CA LEU A 99 -17.73 15.80 28.54
C LEU A 99 -18.72 14.75 29.04
N LEU A 100 -19.29 14.92 30.24
CA LEU A 100 -20.35 14.00 30.65
C LEU A 100 -21.60 14.15 29.81
N ALA A 101 -21.80 15.30 29.19
CA ALA A 101 -22.86 15.41 28.19
C ALA A 101 -22.57 14.49 27.00
N ARG A 102 -21.32 14.48 26.52
CA ARG A 102 -20.96 13.55 25.46
C ARG A 102 -20.88 12.11 25.98
N ARG A 103 -20.37 11.94 27.20
CA ARG A 103 -20.00 10.62 27.73
C ARG A 103 -20.78 10.34 29.01
N PRO A 104 -22.04 9.92 28.91
CA PRO A 104 -22.74 9.42 30.10
C PRO A 104 -22.41 7.98 30.44
N ASP A 105 -21.55 7.32 29.66
CA ASP A 105 -21.18 5.94 29.99
C ASP A 105 -20.21 5.88 31.16
N ILE A 106 -19.38 6.91 31.32
CA ILE A 106 -18.32 6.86 32.32
C ILE A 106 -18.82 7.44 33.64
N ARG A 107 -18.46 6.77 34.75
CA ARG A 107 -18.76 7.24 36.10
C ARG A 107 -17.54 7.75 36.85
N GLN A 108 -16.33 7.47 36.38
CA GLN A 108 -15.12 7.90 37.08
C GLN A 108 -14.41 8.95 36.24
N LEU A 109 -14.09 10.08 36.87
CA LEU A 109 -13.30 11.12 36.24
C LEU A 109 -12.07 11.39 37.06
N PHE A 110 -10.92 11.42 36.40
CA PHE A 110 -9.64 11.66 37.04
C PHE A 110 -9.11 13.00 36.57
N LEU A 111 -9.02 13.97 37.49
CA LEU A 111 -8.47 15.28 37.20
C LEU A 111 -6.97 15.19 37.39
N VAL A 112 -6.30 14.62 36.38
CA VAL A 112 -4.88 14.33 36.48
C VAL A 112 -4.10 15.64 36.49
N GLY A 113 -3.35 15.85 37.57
CA GLY A 113 -2.49 17.01 37.65
C GLY A 113 -1.34 16.92 36.67
N SER A 114 -0.93 18.10 36.17
CA SER A 114 0.14 18.18 35.19
C SER A 114 1.07 19.31 35.61
N CYS A 115 2.26 19.31 35.01
CA CYS A 115 3.29 20.28 35.41
C CYS A 115 2.81 21.72 35.34
N PRO A 116 2.21 22.20 34.24
CA PRO A 116 1.68 23.58 34.26
C PRO A 116 0.59 23.77 35.28
N SER A 117 -0.23 22.73 35.51
CA SER A 117 -1.27 22.83 36.53
C SER A 117 -0.66 23.01 37.91
N GLU A 118 0.42 22.29 38.21
CA GLU A 118 1.09 22.48 39.50
C GLU A 118 1.70 23.86 39.62
N VAL A 119 2.30 24.37 38.54
CA VAL A 119 2.89 25.70 38.60
C VAL A 119 1.83 26.77 38.82
N ILE A 120 0.69 26.63 38.12
CA ILE A 120 -0.45 27.53 38.35
C ILE A 120 -0.98 27.38 39.78
N LYS A 121 -0.65 26.28 40.45
CA LYS A 121 -1.21 25.94 41.77
C LYS A 121 -2.74 25.82 41.68
N LEU A 122 -3.22 25.36 40.53
CA LEU A 122 -4.64 25.15 40.33
C LEU A 122 -5.08 23.93 41.13
N ASP A 123 -5.76 24.17 42.24
CA ASP A 123 -6.16 23.08 43.13
C ASP A 123 -7.18 22.18 42.44
N LEU A 124 -6.75 20.98 42.07
CA LEU A 124 -7.63 19.99 41.48
C LEU A 124 -8.29 19.08 42.51
N HIS A 125 -7.75 19.03 43.74
CA HIS A 125 -8.44 18.33 44.81
C HIS A 125 -9.75 19.02 45.16
N ARG A 126 -9.74 20.35 45.20
CA ARG A 126 -10.96 21.11 45.42
C ARG A 126 -11.95 20.90 44.28
N ALA A 127 -11.44 20.88 43.04
CA ALA A 127 -12.29 20.70 41.87
C ALA A 127 -12.97 19.34 41.90
N ALA A 128 -12.25 18.30 42.33
CA ALA A 128 -12.87 16.99 42.46
C ALA A 128 -14.05 17.04 43.42
N GLU A 129 -13.88 17.73 44.56
CA GLU A 129 -14.98 17.85 45.52
C GLU A 129 -16.15 18.62 44.93
N ARG A 130 -15.88 19.71 44.21
CA ARG A 130 -16.97 20.50 43.64
C ARG A 130 -17.74 19.70 42.59
N LEU A 131 -17.03 18.96 41.73
CA LEU A 131 -17.70 18.15 40.72
C LEU A 131 -18.44 16.98 41.35
N SER A 132 -17.94 16.45 42.46
CA SER A 132 -18.68 15.42 43.19
C SER A 132 -19.93 16.01 43.85
N ALA A 133 -19.87 17.27 44.26
CA ALA A 133 -21.07 17.95 44.73
C ALA A 133 -22.06 18.14 43.60
N HIS A 134 -21.57 18.45 42.40
CA HIS A 134 -22.44 18.66 41.25
C HIS A 134 -23.14 17.37 40.84
N HIS A 135 -22.37 16.35 40.44
CA HIS A 135 -22.92 15.14 39.87
C HIS A 135 -22.25 13.90 40.48
N GLY A 136 -22.19 13.88 41.81
CA GLY A 136 -21.59 12.78 42.54
C GLY A 136 -22.21 11.42 42.29
N PRO A 137 -23.53 11.28 42.50
CA PRO A 137 -24.17 9.98 42.22
C PRO A 137 -24.01 9.57 40.77
N ALA A 138 -24.04 10.54 39.86
CA ALA A 138 -23.82 10.27 38.45
C ALA A 138 -22.37 9.99 38.11
N VAL A 139 -21.42 10.74 38.68
CA VAL A 139 -20.01 10.57 38.37
C VAL A 139 -19.18 10.78 39.63
N ARG A 140 -18.24 9.86 39.88
CA ARG A 140 -17.31 9.99 41.00
C ARG A 140 -15.99 10.51 40.46
N VAL A 141 -15.64 11.74 40.84
CA VAL A 141 -14.44 12.41 40.35
C VAL A 141 -13.32 12.15 41.34
N TYR A 142 -12.27 11.46 40.88
CA TYR A 142 -11.08 11.23 41.67
C TYR A 142 -10.06 12.32 41.36
N ASN A 143 -8.86 12.21 41.93
CA ASN A 143 -7.86 13.24 41.72
C ASN A 143 -6.48 12.74 42.09
N PHE A 144 -5.54 12.87 41.16
CA PHE A 144 -4.13 12.59 41.43
C PHE A 144 -3.30 13.47 40.51
N SER A 145 -1.98 13.46 40.74
CA SER A 145 -1.05 14.28 39.99
C SER A 145 -0.10 13.39 39.22
N GLY A 146 -0.25 13.38 37.89
CA GLY A 146 0.69 12.72 37.00
C GLY A 146 1.77 13.64 36.49
N SER A 147 2.03 14.76 37.17
CA SER A 147 2.98 15.75 36.67
C SER A 147 4.39 15.21 36.65
N GLY A 148 5.20 15.74 35.73
CA GLY A 148 6.58 15.30 35.63
C GLY A 148 7.43 15.71 36.80
N ILE A 149 7.23 16.93 37.31
CA ILE A 149 8.03 17.41 38.44
C ILE A 149 7.69 16.63 39.70
N GLU A 150 6.58 15.90 39.69
CA GLU A 150 6.14 15.07 40.80
C GLU A 150 6.29 13.58 40.52
N THR A 151 5.86 13.14 39.34
CA THR A 151 5.60 11.73 39.08
C THR A 151 6.26 11.31 37.76
N THR A 152 6.75 10.07 37.73
CA THR A 152 7.50 9.56 36.59
C THR A 152 6.95 8.22 36.15
N PHE A 153 6.48 8.14 34.90
CA PHE A 153 6.03 6.91 34.26
C PHE A 153 4.94 6.18 35.06
N THR A 154 5.25 4.96 35.50
CA THR A 154 4.29 4.13 36.22
C THR A 154 3.94 4.69 37.59
N GLN A 155 4.70 5.68 38.07
CA GLN A 155 4.23 6.45 39.21
C GLN A 155 2.90 7.13 38.90
N GLY A 156 2.59 7.37 37.63
CA GLY A 156 1.26 7.82 37.28
C GLY A 156 0.20 6.80 37.61
N GLU A 157 0.44 5.54 37.25
CA GLU A 157 -0.50 4.47 37.59
C GLU A 157 -0.66 4.33 39.08
N ASP A 158 0.45 4.34 39.82
CA ASP A 158 0.32 4.09 41.26
C ASP A 158 -0.26 5.31 41.97
N ALA A 159 -0.04 6.51 41.43
CA ALA A 159 -0.69 7.69 41.95
C ALA A 159 -2.20 7.64 41.72
N CYS A 160 -2.63 7.21 40.54
CA CYS A 160 -4.06 7.04 40.29
C CYS A 160 -4.67 6.03 41.25
N LEU A 161 -4.00 4.90 41.45
CA LEU A 161 -4.51 3.88 42.37
C LEU A 161 -4.58 4.41 43.80
N ALA A 162 -3.52 5.11 44.25
CA ALA A 162 -3.51 5.67 45.59
C ALA A 162 -4.57 6.74 45.77
N SER A 163 -4.89 7.46 44.69
CA SER A 163 -6.01 8.39 44.73
C SER A 163 -7.34 7.64 44.90
N ILE A 164 -7.48 6.51 44.21
CA ILE A 164 -8.70 5.73 44.31
C ILE A 164 -8.88 5.16 45.72
N VAL A 165 -7.78 4.81 46.39
CA VAL A 165 -7.85 4.06 47.65
C VAL A 165 -8.69 4.70 48.75
N PRO A 166 -8.49 5.97 49.14
CA PRO A 166 -9.20 6.47 50.33
C PRO A 166 -10.71 6.42 50.20
N THR A 167 -11.24 6.60 48.99
CA THR A 167 -12.69 6.62 48.80
C THR A 167 -13.27 5.21 48.87
N LEU A 168 -12.42 4.20 48.77
CA LEU A 168 -12.88 2.82 48.72
C LEU A 168 -13.59 2.44 50.02
N PRO A 169 -14.67 1.68 49.95
CA PRO A 169 -15.40 1.33 51.18
C PRO A 169 -14.60 0.37 52.06
N ALA A 170 -14.90 0.42 53.35
CA ALA A 170 -14.25 -0.45 54.31
C ALA A 170 -14.95 -1.81 54.35
N THR A 171 -14.17 -2.85 54.60
CA THR A 171 -14.69 -4.21 54.73
C THR A 171 -14.13 -4.83 56.00
N GLU A 172 -14.86 -5.81 56.54
CA GLU A 172 -14.49 -6.48 57.77
C GLU A 172 -14.11 -7.94 57.57
N ALA A 173 -13.82 -8.35 56.34
CA ALA A 173 -13.53 -9.74 56.01
C ALA A 173 -12.14 -9.85 55.42
N ARG A 174 -11.40 -10.87 55.86
CA ARG A 174 -10.05 -11.11 55.36
C ARG A 174 -10.12 -11.74 53.98
N GLU A 175 -9.77 -10.96 52.96
CA GLU A 175 -9.83 -11.43 51.58
C GLU A 175 -8.52 -11.12 50.88
N LEU A 176 -8.12 -12.00 49.97
CA LEU A 176 -6.94 -11.76 49.17
C LEU A 176 -7.17 -10.57 48.25
N LEU A 177 -6.19 -9.67 48.19
CA LEU A 177 -6.33 -8.40 47.50
C LEU A 177 -5.18 -8.26 46.51
N LEU A 178 -5.51 -7.90 45.28
CA LEU A 178 -4.53 -7.76 44.20
C LEU A 178 -4.46 -6.30 43.79
N VAL A 179 -3.24 -5.76 43.72
CA VAL A 179 -3.01 -4.37 43.37
C VAL A 179 -2.19 -4.30 42.10
N GLY A 180 -2.67 -3.54 41.13
CA GLY A 180 -1.93 -3.32 39.89
C GLY A 180 -2.78 -3.56 38.67
N ALA A 181 -2.57 -2.74 37.64
CA ALA A 181 -3.29 -2.87 36.39
C ALA A 181 -2.64 -3.97 35.55
N LEU A 182 -3.41 -4.99 35.20
CA LEU A 182 -2.92 -6.12 34.43
C LEU A 182 -3.88 -6.39 33.28
N PRO A 183 -3.38 -6.99 32.19
CA PRO A 183 -4.28 -7.40 31.11
C PRO A 183 -5.28 -8.42 31.60
N ASP A 184 -6.45 -8.43 30.95
CA ASP A 184 -7.55 -9.27 31.42
C ASP A 184 -7.17 -10.75 31.40
N VAL A 185 -6.38 -11.17 30.41
CA VAL A 185 -5.91 -12.56 30.38
C VAL A 185 -5.01 -12.84 31.57
N VAL A 186 -4.08 -11.94 31.86
CA VAL A 186 -3.17 -12.12 32.99
C VAL A 186 -3.94 -12.11 34.30
N GLU A 187 -4.88 -11.16 34.46
CA GLU A 187 -5.67 -11.13 35.68
C GLU A 187 -6.50 -12.40 35.84
N ASP A 188 -7.09 -12.89 34.75
CA ASP A 188 -7.90 -14.10 34.83
C ASP A 188 -7.05 -15.29 35.22
N GLN A 189 -5.86 -15.44 34.64
CA GLN A 189 -5.01 -16.57 35.00
C GLN A 189 -4.46 -16.44 36.41
N ALA A 190 -4.20 -15.21 36.86
CA ALA A 190 -3.74 -15.01 38.23
C ALA A 190 -4.81 -15.40 39.23
N VAL A 191 -6.03 -14.92 39.04
CA VAL A 191 -7.11 -15.27 39.96
C VAL A 191 -7.45 -16.76 39.83
N SER A 192 -7.24 -17.34 38.65
CA SER A 192 -7.47 -18.78 38.49
C SER A 192 -6.49 -19.58 39.34
N LEU A 193 -5.20 -19.23 39.28
CA LEU A 193 -4.22 -19.95 40.09
C LEU A 193 -4.44 -19.70 41.58
N LEU A 194 -4.85 -18.48 41.94
CA LEU A 194 -5.17 -18.19 43.33
C LEU A 194 -6.36 -19.02 43.80
N THR A 195 -7.32 -19.29 42.90
CA THR A 195 -8.47 -20.11 43.27
C THR A 195 -8.10 -21.58 43.37
N GLN A 196 -7.24 -22.08 42.48
CA GLN A 196 -6.80 -23.46 42.62
C GLN A 196 -5.92 -23.62 43.86
N LEU A 197 -5.34 -22.52 44.36
CA LEU A 197 -4.74 -22.58 45.69
C LEU A 197 -5.78 -22.87 46.76
N GLY A 198 -7.00 -22.39 46.57
CA GLY A 198 -8.14 -22.81 47.37
C GLY A 198 -8.54 -21.87 48.49
N ILE A 199 -7.64 -21.05 49.00
CA ILE A 199 -7.92 -20.20 50.15
C ILE A 199 -7.72 -18.74 49.75
N GLY A 200 -8.74 -17.92 49.99
CA GLY A 200 -8.64 -16.49 49.80
C GLY A 200 -9.28 -16.01 48.51
N PRO A 201 -10.52 -15.51 48.62
CA PRO A 201 -11.12 -14.84 47.46
C PRO A 201 -10.32 -13.59 47.08
N VAL A 202 -10.25 -13.33 45.79
CA VAL A 202 -9.38 -12.30 45.23
C VAL A 202 -10.20 -11.06 44.92
N ARG A 203 -9.52 -9.92 44.81
CA ARG A 203 -10.13 -8.66 44.40
C ARG A 203 -9.04 -7.73 43.90
N CYS A 204 -9.35 -6.96 42.87
CA CYS A 204 -8.39 -6.05 42.25
C CYS A 204 -8.85 -4.61 42.45
N LEU A 205 -7.94 -3.77 42.93
CA LEU A 205 -8.22 -2.36 43.16
C LEU A 205 -8.56 -1.63 41.85
N PRO A 206 -7.75 -1.74 40.77
CA PRO A 206 -8.15 -1.05 39.53
C PRO A 206 -9.31 -1.74 38.83
N ALA A 207 -10.48 -1.70 39.47
CA ALA A 207 -11.65 -2.39 38.96
C ALA A 207 -12.07 -1.79 37.62
N HIS A 208 -12.60 -2.66 36.75
CA HIS A 208 -13.04 -2.21 35.43
C HIS A 208 -14.14 -1.17 35.53
N HIS A 209 -15.01 -1.30 36.54
CA HIS A 209 -16.06 -0.34 36.79
C HIS A 209 -16.09 0.01 38.27
N ALA A 210 -16.53 1.24 38.57
CA ALA A 210 -16.61 1.68 39.97
C ALA A 210 -17.64 0.89 40.76
N ALA A 211 -18.61 0.26 40.07
CA ALA A 211 -19.61 -0.55 40.76
C ALA A 211 -18.97 -1.75 41.46
N GLU A 212 -18.02 -2.42 40.80
CA GLU A 212 -17.34 -3.57 41.35
C GLU A 212 -16.06 -3.18 42.09
N ALA A 213 -16.03 -1.97 42.67
CA ALA A 213 -14.86 -1.52 43.39
C ALA A 213 -14.66 -2.39 44.64
N PRO A 214 -13.42 -2.57 45.09
CA PRO A 214 -13.17 -3.44 46.23
C PRO A 214 -13.41 -2.79 47.59
N GLY A 215 -13.70 -3.63 48.57
CA GLY A 215 -13.72 -3.16 49.96
C GLY A 215 -12.39 -3.44 50.66
N VAL A 216 -11.78 -2.38 51.17
CA VAL A 216 -10.44 -2.46 51.76
C VAL A 216 -10.56 -2.20 53.26
N GLY A 217 -10.07 -3.15 54.05
CA GLY A 217 -10.09 -3.03 55.49
C GLY A 217 -8.81 -3.59 56.09
N PRO A 218 -8.68 -3.50 57.41
CA PRO A 218 -7.49 -4.06 58.07
C PRO A 218 -7.32 -5.55 57.87
N ASN A 219 -8.42 -6.29 57.74
CA ASN A 219 -8.33 -7.74 57.60
C ASN A 219 -7.81 -8.14 56.23
N THR A 220 -8.11 -7.35 55.20
CA THR A 220 -7.72 -7.73 53.84
C THR A 220 -6.23 -7.43 53.65
N VAL A 221 -5.44 -8.49 53.69
CA VAL A 221 -4.01 -8.36 53.40
C VAL A 221 -3.81 -8.36 51.90
N PHE A 222 -3.04 -7.38 51.40
CA PHE A 222 -2.94 -7.11 49.97
C PHE A 222 -1.59 -7.54 49.42
N ALA A 223 -1.62 -8.09 48.22
CA ALA A 223 -0.42 -8.49 47.48
C ALA A 223 -0.28 -7.59 46.26
N LEU A 224 0.94 -7.10 46.02
CA LEU A 224 1.21 -6.16 44.95
C LEU A 224 1.81 -6.91 43.77
N VAL A 225 1.23 -6.73 42.59
CA VAL A 225 1.66 -7.50 41.42
C VAL A 225 2.75 -6.77 40.64
N GLN A 226 2.85 -5.45 40.79
CA GLN A 226 3.84 -4.70 40.02
C GLN A 226 4.66 -3.83 40.97
N PRO A 227 5.99 -3.79 40.82
CA PRO A 227 6.84 -3.18 41.85
C PRO A 227 6.59 -1.72 42.12
N PHE A 228 6.25 -0.93 41.09
CA PHE A 228 6.28 0.52 41.22
C PHE A 228 5.16 1.07 42.08
N LEU A 229 4.18 0.25 42.44
CA LEU A 229 3.04 0.70 43.25
C LEU A 229 3.44 0.87 44.71
N GLY A 230 4.22 1.92 44.96
CA GLY A 230 4.63 2.23 46.32
C GLY A 230 3.68 3.18 47.01
N ASP A 231 3.19 4.19 46.29
CA ASP A 231 2.19 5.09 46.85
C ASP A 231 0.90 4.35 47.16
N THR A 232 0.50 3.44 46.27
CA THR A 232 -0.67 2.60 46.54
C THR A 232 -0.43 1.69 47.74
N HIS A 233 0.78 1.16 47.88
CA HIS A 233 1.10 0.36 49.06
C HIS A 233 0.97 1.18 50.34
N GLY A 234 1.49 2.41 50.32
CA GLY A 234 1.34 3.28 51.47
C GLY A 234 -0.11 3.59 51.79
N ALA A 235 -0.90 3.91 50.75
CA ALA A 235 -2.31 4.21 50.95
C ALA A 235 -3.07 3.02 51.52
N LEU A 236 -2.77 1.82 51.04
CA LEU A 236 -3.36 0.61 51.62
C LEU A 236 -2.91 0.38 53.06
N THR A 237 -1.67 0.76 53.41
CA THR A 237 -1.25 0.67 54.80
C THR A 237 -1.99 1.66 55.69
N ARG A 238 -2.34 2.84 55.15
CA ARG A 238 -3.17 3.77 55.92
C ARG A 238 -4.51 3.14 56.27
N ARG A 239 -5.05 2.31 55.38
CA ARG A 239 -6.31 1.63 55.62
C ARG A 239 -6.20 0.55 56.69
N GLY A 240 -5.00 0.22 57.13
CA GLY A 240 -4.78 -0.86 58.06
C GLY A 240 -4.32 -2.16 57.42
N ALA A 241 -4.43 -2.27 56.10
CA ALA A 241 -3.97 -3.46 55.40
C ALA A 241 -2.45 -3.54 55.44
N ARG A 242 -1.94 -4.73 55.75
CA ARG A 242 -0.50 -4.98 55.79
C ARG A 242 -0.08 -5.64 54.48
N HIS A 243 1.16 -5.40 54.08
CA HIS A 243 1.66 -5.92 52.81
C HIS A 243 2.45 -7.21 53.04
N ILE A 244 2.19 -8.21 52.19
CA ILE A 244 3.02 -9.40 52.13
C ILE A 244 4.07 -9.18 51.04
N ALA A 245 5.27 -8.80 51.46
CA ALA A 245 6.35 -8.60 50.51
C ALA A 245 6.72 -9.93 49.87
N ALA A 246 6.87 -9.92 48.54
CA ALA A 246 7.11 -11.14 47.78
C ALA A 246 7.77 -10.75 46.48
N PRO A 247 8.50 -11.67 45.84
CA PRO A 247 9.06 -11.36 44.53
C PRO A 247 7.98 -11.39 43.46
N PHE A 248 8.01 -10.39 42.60
CA PHE A 248 6.89 -10.12 41.70
C PHE A 248 6.84 -11.15 40.57
N PRO A 249 5.64 -11.46 40.07
CA PRO A 249 5.48 -12.57 39.11
C PRO A 249 6.08 -12.28 37.73
N PHE A 250 7.40 -12.26 37.67
CA PHE A 250 8.15 -12.18 36.42
C PHE A 250 8.92 -13.49 36.27
N GLY A 251 8.49 -14.31 35.32
CA GLY A 251 9.10 -15.61 35.10
C GLY A 251 8.52 -16.68 36.00
N GLU A 252 9.08 -17.89 35.86
CA GLU A 252 8.59 -19.03 36.62
C GLU A 252 8.89 -18.88 38.11
N GLU A 253 10.13 -18.53 38.45
CA GLU A 253 10.54 -18.52 39.85
C GLU A 253 9.89 -17.37 40.61
N GLY A 254 9.83 -16.18 40.01
CA GLY A 254 9.20 -15.05 40.69
C GLY A 254 7.73 -15.28 40.93
N THR A 255 7.02 -15.77 39.92
CA THR A 255 5.61 -16.12 40.10
C THR A 255 5.44 -17.20 41.15
N THR A 256 6.34 -18.19 41.15
CA THR A 256 6.26 -19.28 42.12
C THR A 256 6.39 -18.76 43.54
N LEU A 257 7.37 -17.87 43.78
CA LEU A 257 7.57 -17.37 45.13
C LEU A 257 6.47 -16.38 45.53
N TRP A 258 5.93 -15.64 44.56
CA TRP A 258 4.77 -14.80 44.82
C TRP A 258 3.59 -15.63 45.31
N LEU A 259 3.24 -16.67 44.56
CA LEU A 259 2.15 -17.54 44.94
C LEU A 259 2.45 -18.29 46.23
N LYS A 260 3.72 -18.62 46.48
CA LYS A 260 4.08 -19.32 47.70
C LYS A 260 3.91 -18.41 48.92
N ALA A 261 4.30 -17.14 48.79
CA ALA A 261 4.07 -16.20 49.87
C ALA A 261 2.58 -16.02 50.14
N ILE A 262 1.79 -15.91 49.06
CA ILE A 262 0.35 -15.79 49.24
C ILE A 262 -0.23 -17.02 49.94
N ALA A 263 0.20 -18.21 49.52
CA ALA A 263 -0.30 -19.45 50.12
C ALA A 263 0.11 -19.57 51.58
N ASP A 264 1.35 -19.21 51.90
CA ASP A 264 1.82 -19.26 53.29
C ASP A 264 1.02 -18.29 54.16
N GLU A 265 0.70 -17.11 53.63
CA GLU A 265 -0.13 -16.18 54.40
C GLU A 265 -1.52 -16.76 54.63
N PHE A 266 -2.03 -17.56 53.70
CA PHE A 266 -3.34 -18.18 53.83
C PHE A 266 -3.27 -19.64 54.29
N GLY A 267 -2.08 -20.11 54.66
CA GLY A 267 -1.96 -21.43 55.27
C GLY A 267 -2.21 -22.59 54.35
N VAL A 268 -1.94 -22.43 53.05
CA VAL A 268 -2.07 -23.55 52.12
C VAL A 268 -0.92 -24.52 52.33
N SER A 269 -1.24 -25.81 52.36
CA SER A 269 -0.23 -26.83 52.59
C SER A 269 0.82 -26.81 51.50
N ALA A 270 2.08 -27.04 51.89
CA ALA A 270 3.18 -26.97 50.93
C ALA A 270 3.07 -28.03 49.85
N GLU A 271 2.72 -29.26 50.23
CA GLU A 271 2.63 -30.33 49.25
C GLU A 271 1.46 -30.10 48.29
N THR A 272 0.33 -29.64 48.82
CA THR A 272 -0.81 -29.30 47.96
C THR A 272 -0.44 -28.16 47.01
N PHE A 273 0.22 -27.12 47.51
CA PHE A 273 0.61 -26.00 46.67
C PHE A 273 1.55 -26.45 45.56
N GLU A 274 2.56 -27.24 45.90
CA GLU A 274 3.50 -27.73 44.90
C GLU A 274 2.79 -28.58 43.86
N ALA A 275 1.90 -29.46 44.31
CA ALA A 275 1.18 -30.33 43.39
C ALA A 275 0.31 -29.54 42.42
N VAL A 276 -0.40 -28.52 42.93
CA VAL A 276 -1.29 -27.77 42.05
C VAL A 276 -0.51 -26.88 41.11
N THR A 277 0.63 -26.35 41.55
CA THR A 277 1.37 -25.40 40.72
C THR A 277 2.43 -26.05 39.84
N ALA A 278 2.67 -27.36 39.97
CA ALA A 278 3.78 -27.98 39.24
C ALA A 278 3.63 -27.83 37.73
N ALA A 279 2.44 -28.07 37.19
CA ALA A 279 2.27 -28.07 35.73
C ALA A 279 2.56 -26.71 35.10
N PRO A 280 1.94 -25.61 35.54
CA PRO A 280 2.30 -24.31 34.94
C PRO A 280 3.74 -23.90 35.18
N ARG A 281 4.33 -24.28 36.31
CA ARG A 281 5.74 -24.03 36.51
C ARG A 281 6.59 -24.77 35.50
N ALA A 282 6.25 -26.03 35.22
CA ALA A 282 6.99 -26.80 34.22
C ALA A 282 6.85 -26.18 32.84
N ARG A 283 5.62 -25.77 32.47
CA ARG A 283 5.42 -25.13 31.17
C ARG A 283 6.20 -23.83 31.06
N ALA A 284 6.16 -23.02 32.12
CA ALA A 284 6.91 -21.76 32.12
C ALA A 284 8.41 -21.99 32.02
N ARG A 285 8.92 -23.00 32.73
CA ARG A 285 10.34 -23.32 32.64
C ARG A 285 10.72 -23.76 31.23
N LYS A 286 9.90 -24.61 30.61
CA LYS A 286 10.17 -25.03 29.25
C LYS A 286 10.16 -23.84 28.30
N ALA A 287 9.19 -22.94 28.46
CA ALA A 287 9.08 -21.79 27.57
C ALA A 287 10.25 -20.82 27.75
N VAL A 288 10.65 -20.56 29.00
CA VAL A 288 11.76 -19.65 29.24
C VAL A 288 13.07 -20.26 28.75
N ALA A 289 13.21 -21.59 28.88
CA ALA A 289 14.40 -22.24 28.35
C ALA A 289 14.45 -22.16 26.83
N ALA A 290 13.31 -22.41 26.17
CA ALA A 290 13.27 -22.33 24.72
C ALA A 290 13.55 -20.93 24.23
N ALA A 291 12.96 -19.92 24.89
CA ALA A 291 13.19 -18.54 24.50
C ALA A 291 14.62 -18.12 24.79
N SER A 292 15.14 -18.48 25.96
CA SER A 292 16.50 -18.10 26.35
C SER A 292 17.50 -19.08 25.74
N GLU A 293 17.65 -18.99 24.42
CA GLU A 293 18.68 -19.75 23.71
C GLU A 293 19.95 -18.92 23.55
N GLY A 294 19.81 -17.69 23.08
CA GLY A 294 20.92 -16.76 22.97
C GLY A 294 21.11 -15.87 24.18
N LEU A 295 20.41 -16.15 25.28
CA LEU A 295 20.47 -15.30 26.45
C LEU A 295 21.49 -15.77 27.48
N ARG A 296 21.84 -17.05 27.47
CA ARG A 296 22.76 -17.60 28.45
C ARG A 296 24.15 -16.99 28.31
N GLY A 297 24.76 -16.69 29.45
CA GLY A 297 26.10 -16.11 29.46
C GLY A 297 26.18 -14.76 28.78
N LYS A 298 25.18 -13.92 28.98
CA LYS A 298 25.08 -12.63 28.31
C LYS A 298 24.99 -11.52 29.35
N SER A 299 25.36 -10.32 28.96
CA SER A 299 25.40 -9.17 29.86
C SER A 299 24.27 -8.21 29.52
N VAL A 300 23.50 -7.80 30.54
CA VAL A 300 22.32 -6.97 30.36
C VAL A 300 22.48 -5.70 31.19
N PHE A 301 22.12 -4.56 30.60
CA PHE A 301 22.16 -3.26 31.24
C PHE A 301 20.74 -2.71 31.34
N PHE A 302 20.45 -2.04 32.46
CA PHE A 302 19.14 -1.43 32.69
C PHE A 302 19.30 0.05 32.94
N LEU A 303 18.64 0.86 32.11
CA LEU A 303 18.48 2.29 32.36
C LEU A 303 17.17 2.54 33.09
N PRO A 304 17.07 3.63 33.87
CA PRO A 304 15.84 3.85 34.65
C PRO A 304 14.66 4.22 33.78
N ASP A 305 13.75 3.27 33.56
CA ASP A 305 12.58 3.54 32.72
C ASP A 305 11.27 3.35 33.46
N SER A 306 11.10 2.21 34.13
CA SER A 306 9.77 1.80 34.57
C SER A 306 9.70 1.18 35.97
N GLN A 307 10.77 1.23 36.75
CA GLN A 307 10.84 0.65 38.09
C GLN A 307 10.63 -0.85 38.11
N LEU A 308 10.58 -1.50 36.94
CA LEU A 308 10.53 -2.96 36.84
C LEU A 308 11.92 -3.58 36.77
N GLU A 309 12.95 -2.75 36.73
CA GLU A 309 14.33 -3.21 36.49
C GLU A 309 14.85 -4.18 37.55
N PRO A 310 14.62 -4.00 38.86
CA PRO A 310 15.09 -5.01 39.82
C PRO A 310 14.54 -6.41 39.57
N SER A 311 13.22 -6.54 39.45
CA SER A 311 12.62 -7.84 39.19
C SER A 311 13.01 -8.35 37.81
N LEU A 312 13.15 -7.44 36.84
CA LEU A 312 13.64 -7.81 35.52
C LEU A 312 15.02 -8.46 35.61
N ALA A 313 15.93 -7.82 36.35
CA ALA A 313 17.28 -8.36 36.50
C ALA A 313 17.26 -9.69 37.24
N ARG A 314 16.42 -9.81 38.27
CA ARG A 314 16.28 -11.09 38.97
C ARG A 314 15.88 -12.18 37.99
N PHE A 315 14.81 -11.95 37.23
CA PHE A 315 14.32 -12.95 36.28
C PHE A 315 15.38 -13.30 35.25
N LEU A 316 15.97 -12.29 34.63
CA LEU A 316 16.97 -12.55 33.59
C LEU A 316 18.16 -13.33 34.14
N THR A 317 18.76 -12.83 35.23
CA THR A 317 19.96 -13.44 35.77
C THR A 317 19.70 -14.87 36.21
N ARG A 318 18.56 -15.13 36.85
CA ARG A 318 18.35 -16.47 37.38
C ARG A 318 17.81 -17.43 36.33
N GLU A 319 16.64 -17.14 35.76
CA GLU A 319 16.04 -18.07 34.81
C GLU A 319 16.76 -18.05 33.47
N CYS A 320 17.08 -16.86 32.95
CA CYS A 320 17.66 -16.75 31.62
C CYS A 320 19.18 -16.87 31.63
N GLY A 321 19.82 -16.85 32.80
CA GLY A 321 21.27 -16.93 32.88
C GLY A 321 22.00 -15.70 32.39
N MET A 322 21.35 -14.54 32.38
CA MET A 322 21.94 -13.32 31.83
C MET A 322 22.43 -12.45 32.97
N SER A 323 23.75 -12.38 33.14
CA SER A 323 24.34 -11.56 34.20
C SER A 323 24.00 -10.08 33.99
N ALA A 324 23.58 -9.43 35.08
CA ALA A 324 23.20 -8.03 35.05
C ALA A 324 24.38 -7.19 35.52
N VAL A 325 24.82 -6.25 34.67
CA VAL A 325 25.98 -5.45 35.01
C VAL A 325 25.57 -4.21 35.79
N GLU A 326 24.39 -3.67 35.50
CA GLU A 326 23.89 -2.52 36.25
C GLU A 326 22.37 -2.48 36.14
N VAL A 327 21.70 -2.31 37.28
CA VAL A 327 20.25 -2.18 37.36
C VAL A 327 19.95 -0.74 37.74
N GLY A 328 19.32 -0.01 36.83
CA GLY A 328 18.98 1.38 37.05
C GLY A 328 17.49 1.54 37.29
N THR A 329 17.13 2.19 38.40
CA THR A 329 15.75 2.39 38.78
C THR A 329 15.51 3.87 39.07
N PRO A 330 14.49 4.49 38.47
CA PRO A 330 14.21 5.90 38.78
C PRO A 330 13.88 6.12 40.25
N PHE A 331 13.20 5.17 40.88
CA PHE A 331 12.88 5.23 42.31
C PHE A 331 12.89 3.81 42.85
N LEU A 332 13.79 3.53 43.78
CA LEU A 332 13.94 2.20 44.36
C LEU A 332 13.24 2.17 45.71
N HIS A 333 12.08 1.52 45.76
CA HIS A 333 11.35 1.32 47.01
C HIS A 333 11.89 0.04 47.65
N ARG A 334 12.83 0.21 48.57
CA ARG A 334 13.57 -0.93 49.11
C ARG A 334 12.69 -1.83 49.96
N GLY A 335 11.71 -1.25 50.66
CA GLY A 335 10.89 -2.06 51.55
C GLY A 335 10.05 -3.10 50.84
N ILE A 336 9.38 -2.69 49.76
CA ILE A 336 8.56 -3.63 48.99
C ILE A 336 9.40 -4.55 48.11
N LEU A 337 10.46 -4.04 47.49
CA LEU A 337 11.31 -4.81 46.60
C LEU A 337 12.35 -5.64 47.34
N GLY A 338 12.28 -5.71 48.67
CA GLY A 338 13.25 -6.43 49.47
C GLY A 338 13.40 -7.90 49.16
N PRO A 339 12.30 -8.67 49.09
CA PRO A 339 12.44 -10.08 48.68
C PRO A 339 13.04 -10.25 47.30
N ASP A 340 12.68 -9.37 46.36
CA ASP A 340 13.23 -9.47 45.02
C ASP A 340 14.72 -9.16 45.00
N LEU A 341 15.14 -8.16 45.78
CA LEU A 341 16.56 -7.85 45.88
C LEU A 341 17.33 -8.97 46.58
N ASP A 342 16.69 -9.63 47.55
CA ASP A 342 17.30 -10.81 48.17
C ASP A 342 17.48 -11.92 47.15
N LEU A 343 16.49 -12.12 46.28
CA LEU A 343 16.62 -13.11 45.22
C LEU A 343 17.71 -12.71 44.23
N LEU A 344 17.88 -11.41 44.00
CA LEU A 344 18.87 -10.94 43.06
C LEU A 344 20.28 -11.22 43.56
N ALA A 345 21.18 -11.53 42.63
CA ALA A 345 22.56 -11.82 43.00
C ALA A 345 23.28 -10.56 43.44
N GLU A 346 24.42 -10.76 44.11
CA GLU A 346 25.20 -9.63 44.60
C GLU A 346 25.86 -8.87 43.46
N GLY A 347 26.10 -9.54 42.32
CA GLY A 347 26.78 -8.95 41.20
C GLY A 347 26.12 -7.74 40.58
N PRO A 348 24.82 -7.77 40.30
CA PRO A 348 24.16 -6.59 39.73
C PRO A 348 24.32 -5.36 40.61
N VAL A 349 24.51 -4.22 39.97
CA VAL A 349 24.76 -2.95 40.65
C VAL A 349 23.48 -2.13 40.57
N LEU A 350 22.72 -2.11 41.66
CA LEU A 350 21.52 -1.28 41.72
C LEU A 350 21.91 0.18 41.89
N SER A 351 21.30 1.05 41.08
CA SER A 351 21.60 2.47 41.09
C SER A 351 20.32 3.28 41.18
N GLU A 352 20.36 4.34 41.97
CA GLU A 352 19.25 5.26 42.14
C GLU A 352 19.63 6.61 41.55
N GLY A 353 18.65 7.32 41.02
CA GLY A 353 18.89 8.57 40.33
C GLY A 353 19.42 8.34 38.92
N GLN A 354 19.04 9.26 38.02
CA GLN A 354 19.37 9.10 36.60
C GLN A 354 20.00 10.37 36.08
N ASP A 355 21.25 10.27 35.65
CA ASP A 355 21.91 11.26 34.81
C ASP A 355 22.20 10.56 33.49
N VAL A 356 21.56 11.01 32.42
CA VAL A 356 21.53 10.26 31.17
C VAL A 356 22.93 10.13 30.58
N GLU A 357 23.77 11.17 30.72
CA GLU A 357 25.12 11.09 30.19
C GLU A 357 26.00 10.15 31.00
N ARG A 358 25.87 10.19 32.33
CA ARG A 358 26.64 9.27 33.16
C ARG A 358 26.27 7.82 32.86
N GLN A 359 24.97 7.53 32.77
CA GLN A 359 24.55 6.15 32.51
C GLN A 359 24.88 5.74 31.08
N LEU A 360 24.87 6.69 30.14
CA LEU A 360 25.30 6.39 28.78
C LEU A 360 26.77 6.03 28.73
N ASP A 361 27.61 6.78 29.45
CA ASP A 361 29.02 6.41 29.54
C ASP A 361 29.19 5.05 30.21
N ARG A 362 28.34 4.77 31.22
CA ARG A 362 28.44 3.49 31.91
C ARG A 362 28.11 2.32 30.98
N VAL A 363 27.06 2.45 30.17
CA VAL A 363 26.73 1.37 29.25
C VAL A 363 27.78 1.28 28.14
N ARG A 364 28.31 2.42 27.70
CA ARG A 364 29.38 2.39 26.70
C ARG A 364 30.61 1.64 27.22
N ALA A 365 30.97 1.87 28.48
CA ALA A 365 32.12 1.19 29.07
C ALA A 365 31.85 -0.28 29.34
N ALA A 366 30.67 -0.60 29.87
CA ALA A 366 30.36 -1.98 30.23
C ALA A 366 30.24 -2.88 29.01
N ARG A 367 29.94 -2.32 27.84
CA ARG A 367 29.72 -3.08 26.62
C ARG A 367 28.69 -4.21 26.82
N PRO A 368 27.48 -3.88 27.23
CA PRO A 368 26.50 -4.94 27.52
C PRO A 368 26.02 -5.60 26.24
N ASP A 369 25.63 -6.87 26.38
CA ASP A 369 25.09 -7.60 25.25
C ASP A 369 23.64 -7.18 24.97
N LEU A 370 22.94 -6.71 25.99
CA LEU A 370 21.61 -6.14 25.86
C LEU A 370 21.48 -4.96 26.80
N THR A 371 20.75 -3.93 26.38
CA THR A 371 20.51 -2.73 27.18
C THR A 371 19.02 -2.45 27.18
N VAL A 372 18.38 -2.63 28.33
CA VAL A 372 16.95 -2.36 28.48
C VAL A 372 16.81 -0.88 28.85
N CYS A 373 16.61 -0.03 27.85
CA CYS A 373 16.63 1.41 28.04
C CYS A 373 15.39 2.04 27.41
N GLY A 374 15.34 3.37 27.48
CA GLY A 374 14.19 4.08 26.95
C GLY A 374 14.18 4.11 25.44
N LEU A 375 13.00 4.41 24.88
CA LEU A 375 12.84 4.42 23.43
C LEU A 375 13.56 5.60 22.79
N GLY A 376 13.69 6.71 23.51
CA GLY A 376 14.47 7.82 22.98
C GLY A 376 15.96 7.54 23.03
N LEU A 377 16.35 6.47 23.71
CA LEU A 377 17.74 6.04 23.81
C LEU A 377 18.01 4.72 23.08
N ALA A 378 16.96 4.00 22.69
CA ALA A 378 17.16 2.64 22.16
C ALA A 378 17.86 2.66 20.81
N ASN A 379 17.37 3.47 19.88
CA ASN A 379 17.90 3.46 18.52
C ASN A 379 19.32 4.03 18.46
N PRO A 380 19.64 5.12 19.18
CA PRO A 380 21.04 5.55 19.22
C PRO A 380 22.01 4.48 19.68
N LEU A 381 21.65 3.70 20.70
CA LEU A 381 22.56 2.67 21.18
C LEU A 381 22.68 1.52 20.19
N GLU A 382 21.62 1.24 19.43
CA GLU A 382 21.72 0.29 18.34
C GLU A 382 22.64 0.80 17.24
N ALA A 383 22.58 2.11 16.97
CA ALA A 383 23.49 2.70 16.00
C ALA A 383 24.94 2.58 16.46
N GLU A 384 25.19 2.81 17.75
CA GLU A 384 26.54 2.62 18.29
C GLU A 384 26.97 1.16 18.32
N GLY A 385 26.05 0.23 18.14
CA GLY A 385 26.37 -1.18 18.15
C GLY A 385 25.88 -1.97 19.35
N PHE A 386 25.09 -1.35 20.22
CA PHE A 386 24.57 -2.01 21.42
C PHE A 386 23.17 -2.54 21.14
N THR A 387 22.94 -3.81 21.46
CA THR A 387 21.60 -4.36 21.38
C THR A 387 20.73 -3.77 22.47
N THR A 388 19.56 -3.26 22.09
CA THR A 388 18.69 -2.55 23.02
C THR A 388 17.29 -3.14 23.00
N LYS A 389 16.70 -3.27 24.18
CA LYS A 389 15.28 -3.50 24.37
C LYS A 389 14.69 -2.28 25.04
N TRP A 390 13.47 -1.92 24.63
CA TRP A 390 12.78 -0.78 25.23
C TRP A 390 11.78 -1.28 26.25
N ALA A 391 11.92 -0.83 27.50
CA ALA A 391 11.09 -1.33 28.58
C ALA A 391 9.67 -0.80 28.52
N ILE A 392 9.40 0.19 27.68
CA ILE A 392 8.04 0.73 27.56
C ILE A 392 7.10 -0.34 27.01
N GLU A 393 7.63 -1.27 26.22
CA GLU A 393 6.85 -2.41 25.77
C GLU A 393 6.38 -3.28 26.93
N LEU A 394 7.20 -3.42 27.97
CA LEU A 394 6.93 -4.36 29.05
C LEU A 394 5.63 -4.05 29.78
N VAL A 395 5.38 -2.77 30.08
CA VAL A 395 4.13 -2.41 30.75
C VAL A 395 2.94 -2.65 29.83
N PHE A 396 3.16 -2.60 28.52
CA PHE A 396 2.08 -2.85 27.57
C PHE A 396 1.83 -4.35 27.39
N THR A 397 2.82 -5.08 26.93
CA THR A 397 2.62 -6.49 26.64
C THR A 397 2.50 -7.28 27.94
N PRO A 398 1.74 -8.38 27.96
CA PRO A 398 1.66 -9.22 29.16
C PRO A 398 2.97 -9.94 29.42
N VAL A 399 3.59 -9.62 30.56
CA VAL A 399 4.88 -10.20 30.92
C VAL A 399 4.82 -10.78 32.32
N HIS A 400 3.63 -11.09 32.81
CA HIS A 400 3.51 -11.54 34.21
C HIS A 400 3.01 -12.97 34.29
N PHE A 401 3.45 -13.73 35.29
CA PHE A 401 2.96 -15.11 35.53
C PHE A 401 3.51 -16.13 34.52
N TYR A 402 3.25 -17.41 34.78
CA TYR A 402 3.79 -18.49 33.93
C TYR A 402 3.32 -18.38 32.50
N GLU A 403 2.02 -18.23 32.26
CA GLU A 403 1.55 -18.28 30.88
C GLU A 403 2.17 -17.21 30.00
N GLN A 404 2.77 -16.16 30.58
CA GLN A 404 3.48 -15.15 29.82
C GLN A 404 4.96 -15.14 30.12
N ALA A 405 5.46 -16.10 30.90
CA ALA A 405 6.89 -16.15 31.19
C ALA A 405 7.70 -16.41 29.93
N GLY A 406 7.22 -17.29 29.06
CA GLY A 406 7.91 -17.54 27.81
C GLY A 406 7.97 -16.32 26.91
N ASP A 407 6.86 -15.58 26.82
CA ASP A 407 6.84 -14.35 26.03
C ASP A 407 7.77 -13.31 26.65
N LEU A 408 7.79 -13.21 27.97
CA LEU A 408 8.69 -12.27 28.64
C LEU A 408 10.15 -12.62 28.36
N ALA A 409 10.48 -13.91 28.39
CA ALA A 409 11.84 -14.34 28.09
C ALA A 409 12.19 -14.05 26.63
N GLY A 410 11.27 -14.36 25.71
CA GLY A 410 11.55 -14.14 24.31
C GLY A 410 11.61 -12.67 23.95
N LEU A 411 10.96 -11.82 24.75
CA LEU A 411 11.02 -10.39 24.51
C LEU A 411 12.43 -9.84 24.67
N PHE A 412 13.17 -10.36 25.66
CA PHE A 412 14.60 -10.09 25.77
C PHE A 412 15.47 -11.05 24.96
N SER A 413 14.90 -12.12 24.43
CA SER A 413 15.69 -13.02 23.60
C SER A 413 15.97 -12.42 22.23
N ARG A 414 14.99 -11.73 21.66
CA ARG A 414 15.17 -11.20 20.31
C ARG A 414 14.95 -9.69 20.19
N PRO A 415 15.37 -8.85 21.14
CA PRO A 415 15.33 -7.42 20.81
C PRO A 415 16.64 -7.03 20.17
N VAL A 416 16.96 -7.75 19.09
CA VAL A 416 18.31 -7.96 18.57
C VAL A 416 18.95 -8.98 19.52
N ARG A 417 20.21 -9.36 19.30
CA ARG A 417 20.86 -10.53 19.92
C ARG A 417 20.28 -11.84 19.42
N ARG A 418 19.19 -11.75 18.66
CA ARG A 418 18.76 -12.80 17.75
C ARG A 418 18.67 -12.25 16.34
N ARG A 419 18.56 -10.93 16.24
CA ARG A 419 18.65 -10.18 15.01
C ARG A 419 20.08 -9.74 14.73
N ALA A 420 20.86 -9.46 15.79
CA ALA A 420 22.29 -9.20 15.60
C ALA A 420 23.00 -10.41 15.01
N ILE A 421 22.72 -11.60 15.53
CA ILE A 421 23.25 -12.82 14.94
C ILE A 421 22.64 -13.07 13.56
N LEU A 422 21.59 -12.33 13.20
CA LEU A 422 21.01 -12.39 11.87
C LEU A 422 21.46 -11.26 10.96
N ARG A 423 21.58 -10.03 11.48
CA ARG A 423 22.12 -8.94 10.66
C ARG A 423 23.63 -9.03 10.50
N ARG A 424 24.35 -9.45 11.55
CA ARG A 424 25.79 -9.48 11.52
C ARG A 424 26.33 -10.89 11.67
N MET B 97 -9.84 25.88 28.10
CA MET B 97 -9.75 24.54 28.66
C MET B 97 -10.28 23.47 27.70
N LYS B 98 -10.28 23.79 26.41
CA LYS B 98 -10.89 22.89 25.42
C LYS B 98 -10.28 21.50 25.51
N LEU B 99 -11.14 20.49 25.61
CA LEU B 99 -10.67 19.13 25.74
C LEU B 99 -10.03 18.66 24.44
N THR B 100 -8.71 18.46 24.47
CA THR B 100 -7.95 18.08 23.29
C THR B 100 -7.47 16.64 23.44
N LEU B 101 -7.77 15.83 22.43
CA LEU B 101 -7.22 14.48 22.34
C LEU B 101 -6.11 14.38 21.30
N TRP B 102 -6.37 14.86 20.09
CA TRP B 102 -5.36 14.97 19.04
C TRP B 102 -5.01 16.44 18.82
N THR B 103 -3.72 16.73 18.84
CA THR B 103 -3.22 18.00 18.36
C THR B 103 -2.51 17.80 17.03
N TYR B 104 -2.85 18.65 16.06
CA TYR B 104 -2.22 18.56 14.75
C TYR B 104 -0.78 19.06 14.79
N GLU B 105 -0.50 19.96 15.73
CA GLU B 105 0.82 20.54 15.93
C GLU B 105 1.22 20.33 17.39
N GLY B 106 2.50 20.06 17.63
CA GLY B 106 3.00 20.02 18.98
C GLY B 106 3.21 21.40 19.54
N PRO B 107 3.80 21.45 20.73
CA PRO B 107 4.22 22.73 21.29
C PRO B 107 5.34 23.33 20.45
N PRO B 108 5.51 24.65 20.48
CA PRO B 108 6.56 25.28 19.65
C PRO B 108 7.96 24.76 19.95
N HIS B 109 8.20 24.30 21.19
CA HIS B 109 9.50 23.76 21.52
CA HIS B 109 9.49 23.74 21.54
C HIS B 109 9.79 22.51 20.70
N VAL B 110 8.76 21.74 20.32
CA VAL B 110 8.94 20.59 19.44
C VAL B 110 9.42 20.99 18.06
N GLY B 111 8.86 22.06 17.48
CA GLY B 111 9.34 22.56 16.21
C GLY B 111 10.75 23.10 16.27
N ALA B 112 11.04 23.87 17.31
CA ALA B 112 12.43 24.30 17.53
C ALA B 112 13.34 23.10 17.68
N MET B 113 12.84 22.04 18.31
CA MET B 113 13.58 20.80 18.43
C MET B 113 13.81 20.15 17.07
N ARG B 114 12.82 20.20 16.19
CA ARG B 114 13.02 19.72 14.82
C ARG B 114 14.12 20.49 14.11
N VAL B 115 14.12 21.81 14.28
CA VAL B 115 15.19 22.63 13.71
C VAL B 115 16.55 22.23 14.28
N ALA B 116 16.61 21.99 15.58
CA ALA B 116 17.88 21.64 16.22
C ALA B 116 18.39 20.30 15.71
N THR B 117 17.52 19.29 15.66
CA THR B 117 17.97 17.97 15.20
C THR B 117 18.25 17.96 13.71
N GLY B 118 17.68 18.91 12.97
CA GLY B 118 18.04 19.04 11.56
C GLY B 118 19.50 19.38 11.38
N MET B 119 19.99 20.37 12.13
CA MET B 119 21.34 20.86 11.92
C MET B 119 22.35 20.00 12.68
N THR B 120 23.63 20.22 12.39
CA THR B 120 24.72 19.59 13.10
C THR B 120 25.54 20.67 13.79
N GLY B 121 25.89 20.43 15.05
CA GLY B 121 26.58 21.42 15.85
C GLY B 121 25.69 22.43 16.53
N MET B 122 24.37 22.31 16.40
CA MET B 122 23.41 23.16 17.10
C MET B 122 22.72 22.28 18.15
N HIS B 123 22.87 22.64 19.41
CA HIS B 123 22.25 21.90 20.50
CA HIS B 123 22.27 21.90 20.51
C HIS B 123 21.15 22.72 21.14
N TYR B 124 20.01 22.08 21.36
CA TYR B 124 18.88 22.71 22.03
C TYR B 124 18.92 22.42 23.52
N VAL B 125 19.34 23.39 24.31
CA VAL B 125 19.32 23.26 25.76
C VAL B 125 17.97 23.78 26.23
N LEU B 126 17.06 22.85 26.50
CA LEU B 126 15.68 23.19 26.81
C LEU B 126 15.44 23.24 28.31
N HIS B 127 14.88 24.35 28.77
CA HIS B 127 14.37 24.44 30.13
C HIS B 127 13.04 23.71 30.16
N ALA B 128 13.03 22.50 30.70
CA ALA B 128 11.84 21.66 30.63
C ALA B 128 11.73 20.84 31.91
N PRO B 129 10.52 20.48 32.32
CA PRO B 129 10.37 19.58 33.46
C PRO B 129 10.80 18.16 33.09
N GLN B 130 11.11 17.38 34.12
CA GLN B 130 11.45 15.98 33.91
C GLN B 130 10.25 15.25 33.33
N GLY B 131 10.48 14.54 32.23
CA GLY B 131 9.40 13.92 31.49
C GLY B 131 9.06 14.60 30.19
N ASP B 132 9.61 15.78 29.93
CA ASP B 132 9.40 16.49 28.67
C ASP B 132 10.34 16.01 27.58
N THR B 133 11.20 15.03 27.88
CA THR B 133 12.10 14.42 26.91
C THR B 133 11.40 13.43 26.00
N TYR B 134 10.06 13.40 26.01
CA TYR B 134 9.33 12.46 25.17
C TYR B 134 9.57 12.71 23.69
N ALA B 135 9.85 13.96 23.30
CA ALA B 135 9.97 14.28 21.89
C ALA B 135 11.26 13.73 21.28
N ASP B 136 12.25 13.35 22.11
CA ASP B 136 13.39 12.62 21.60
C ASP B 136 12.96 11.32 20.96
N LEU B 137 11.94 10.67 21.52
CA LEU B 137 11.39 9.45 20.95
C LEU B 137 10.86 9.70 19.55
N LEU B 138 10.28 10.87 19.31
CA LEU B 138 9.76 11.20 17.98
C LEU B 138 10.87 11.14 16.94
N PHE B 139 12.01 11.75 17.23
CA PHE B 139 13.11 11.77 16.27
C PHE B 139 13.78 10.40 16.15
N THR B 140 13.90 9.68 17.27
CA THR B 140 14.62 8.42 17.23
C THR B 140 13.80 7.30 16.60
N MET B 141 12.46 7.41 16.63
CA MET B 141 11.62 6.34 16.11
C MET B 141 10.83 6.73 14.87
N ILE B 142 10.17 7.88 14.88
CA ILE B 142 9.40 8.33 13.73
C ILE B 142 10.31 8.47 12.51
N GLU B 143 11.34 9.32 12.63
CA GLU B 143 12.30 9.53 11.56
C GLU B 143 13.39 8.46 11.51
N ARG B 144 13.52 7.66 12.56
CA ARG B 144 14.51 6.58 12.62
C ARG B 144 15.94 7.14 12.50
N ARG B 145 16.28 8.04 13.41
CA ARG B 145 17.58 8.69 13.38
C ARG B 145 18.60 7.91 14.19
N GLY B 146 19.82 7.81 13.64
CA GLY B 146 20.85 7.04 14.30
C GLY B 146 21.34 7.66 15.60
N LYS B 147 21.46 8.98 15.64
CA LYS B 147 22.00 9.67 16.79
C LYS B 147 20.89 10.32 17.62
N ARG B 148 21.18 10.53 18.90
CA ARG B 148 20.22 11.21 19.77
C ARG B 148 20.01 12.64 19.30
N PRO B 149 18.80 13.16 19.47
CA PRO B 149 18.54 14.56 19.12
C PRO B 149 19.44 15.49 19.90
N PRO B 150 19.95 16.55 19.26
CA PRO B 150 20.82 17.49 19.98
C PRO B 150 20.06 18.34 20.98
N VAL B 151 19.39 17.69 21.94
CA VAL B 151 18.55 18.37 22.92
C VAL B 151 18.99 17.97 24.31
N SER B 152 19.30 18.97 25.14
CA SER B 152 19.64 18.78 26.53
C SER B 152 18.56 19.44 27.39
N TYR B 153 17.98 18.66 28.30
CA TYR B 153 16.89 19.11 29.15
C TYR B 153 17.38 19.37 30.56
N THR B 154 16.77 20.35 31.23
CA THR B 154 17.07 20.56 32.64
C THR B 154 16.41 19.49 33.50
N THR B 155 15.17 19.11 33.17
CA THR B 155 14.41 18.09 33.90
C THR B 155 14.32 18.44 35.38
N PHE B 156 13.82 19.64 35.67
CA PHE B 156 13.68 20.06 37.06
C PHE B 156 12.51 19.33 37.71
N GLN B 157 12.51 19.34 39.04
CA GLN B 157 11.43 18.74 39.82
C GLN B 157 10.87 19.81 40.75
N ALA B 158 9.98 19.40 41.66
CA ALA B 158 9.40 20.34 42.59
C ALA B 158 10.38 20.76 43.68
N ARG B 159 11.36 19.92 44.00
CA ARG B 159 12.35 20.29 45.01
C ARG B 159 13.29 21.38 44.50
N ASP B 160 13.36 21.58 43.19
CA ASP B 160 14.28 22.54 42.60
C ASP B 160 13.47 23.72 42.06
N LEU B 161 13.34 24.77 42.88
CA LEU B 161 12.63 25.98 42.47
C LEU B 161 13.40 27.19 42.95
N GLY B 162 13.17 28.31 42.27
CA GLY B 162 13.83 29.55 42.65
C GLY B 162 15.27 29.57 42.16
N SER B 163 16.22 29.65 43.09
CA SER B 163 17.62 29.67 42.74
C SER B 163 18.06 28.34 42.14
N ASP B 164 17.50 27.24 42.64
CA ASP B 164 17.91 25.93 42.18
C ASP B 164 17.65 25.75 40.69
N THR B 165 16.44 26.07 40.23
CA THR B 165 16.07 25.78 38.85
C THR B 165 16.94 26.57 37.87
N ALA B 166 17.23 27.82 38.21
CA ALA B 166 18.21 28.58 37.43
C ALA B 166 19.56 27.89 37.44
N GLU B 167 19.96 27.35 38.60
CA GLU B 167 21.25 26.67 38.68
C GLU B 167 21.29 25.41 37.78
N LEU B 168 20.19 24.66 37.76
CA LEU B 168 20.11 23.52 36.83
C LEU B 168 20.19 23.97 35.37
N PHE B 169 19.55 25.08 35.04
CA PHE B 169 19.69 25.61 33.67
C PHE B 169 21.15 25.93 33.36
N GLN B 170 21.83 26.64 34.27
CA GLN B 170 23.25 26.95 34.06
C GLN B 170 24.06 25.68 33.87
N SER B 171 23.81 24.68 34.72
CA SER B 171 24.54 23.43 34.63
C SER B 171 24.26 22.72 33.32
N ALA B 172 23.01 22.76 32.85
CA ALA B 172 22.65 22.10 31.60
C ALA B 172 23.36 22.74 30.41
N CYS B 173 23.34 24.07 30.30
CA CYS B 173 24.04 24.71 29.19
C CYS B 173 25.54 24.49 29.28
N ARG B 174 26.12 24.61 30.48
CA ARG B 174 27.56 24.40 30.63
C ARG B 174 27.96 22.97 30.28
N ASP B 175 27.17 22.00 30.75
CA ASP B 175 27.45 20.59 30.44
C ASP B 175 27.32 20.32 28.95
N ALA B 176 26.32 20.92 28.30
CA ALA B 176 26.21 20.78 26.86
C ALA B 176 27.47 21.28 26.17
N TYR B 177 27.93 22.48 26.54
CA TYR B 177 29.17 22.99 25.97
C TYR B 177 30.35 22.05 26.22
N GLU B 178 30.46 21.54 27.45
CA GLU B 178 31.65 20.75 27.79
C GLU B 178 31.68 19.41 27.08
N ARG B 179 30.56 18.67 27.08
CA ARG B 179 30.61 17.29 26.60
C ARG B 179 30.05 17.14 25.18
N PHE B 180 28.97 17.83 24.84
CA PHE B 180 28.47 17.75 23.47
C PHE B 180 29.32 18.57 22.51
N GLN B 181 29.96 19.63 22.99
CA GLN B 181 30.84 20.49 22.22
C GLN B 181 30.22 20.91 20.90
N PRO B 182 29.11 21.65 20.93
CA PRO B 182 28.50 22.10 19.67
C PRO B 182 29.07 23.43 19.21
N GLN B 183 28.96 23.68 17.91
CA GLN B 183 29.45 24.93 17.35
C GLN B 183 28.52 26.09 17.66
N ALA B 184 27.26 25.80 18.02
CA ALA B 184 26.32 26.82 18.45
C ALA B 184 25.32 26.20 19.41
N ILE B 185 24.90 27.01 20.38
CA ILE B 185 23.96 26.59 21.41
C ILE B 185 22.71 27.46 21.28
N MET B 186 21.55 26.82 21.29
CA MET B 186 20.29 27.55 21.27
C MET B 186 19.45 27.09 22.46
N VAL B 187 18.95 28.07 23.21
CA VAL B 187 18.33 27.83 24.52
C VAL B 187 16.86 28.20 24.46
N GLY B 188 16.01 27.32 24.97
CA GLY B 188 14.58 27.57 25.01
C GLY B 188 13.99 27.02 26.28
N SER B 189 12.70 27.25 26.46
CA SER B 189 11.96 26.78 27.63
C SER B 189 10.66 26.12 27.18
N SER B 190 10.20 25.18 27.99
CA SER B 190 8.96 24.49 27.73
C SER B 190 7.79 25.30 28.27
N CYS B 191 6.60 24.68 28.27
CA CYS B 191 5.42 25.33 28.83
C CYS B 191 5.60 25.62 30.31
N THR B 192 5.99 24.58 31.07
CA THR B 192 6.16 24.72 32.51
C THR B 192 7.24 25.73 32.85
N ALA B 193 8.36 25.68 32.13
CA ALA B 193 9.42 26.66 32.36
C ALA B 193 9.01 28.05 31.88
N GLU B 194 8.12 28.12 30.88
CA GLU B 194 7.57 29.41 30.49
C GLU B 194 6.77 30.03 31.63
N LEU B 195 5.98 29.21 32.33
CA LEU B 195 5.21 29.73 33.46
C LEU B 195 6.13 30.23 34.58
N ILE B 196 7.12 29.43 34.97
CA ILE B 196 8.03 29.83 36.03
C ILE B 196 8.90 30.98 35.55
N GLN B 197 9.33 31.83 36.49
CA GLN B 197 9.98 33.09 36.15
C GLN B 197 11.50 32.90 36.11
N ASP B 198 11.97 32.27 35.04
CA ASP B 198 13.39 32.12 34.76
C ASP B 198 13.68 32.62 33.36
N ASP B 199 14.58 33.60 33.26
CA ASP B 199 14.94 34.20 31.98
C ASP B 199 15.97 33.32 31.29
N THR B 200 15.56 32.68 30.20
CA THR B 200 16.46 31.78 29.48
C THR B 200 17.65 32.54 28.88
N GLY B 201 17.38 33.73 28.33
CA GLY B 201 18.44 34.48 27.68
C GLY B 201 19.48 35.02 28.64
N GLY B 202 19.05 35.50 29.79
CA GLY B 202 19.98 36.16 30.71
C GLY B 202 21.03 35.21 31.27
N LEU B 203 20.62 34.00 31.64
CA LEU B 203 21.56 33.03 32.19
C LEU B 203 22.58 32.60 31.13
N ALA B 204 22.16 32.48 29.88
CA ALA B 204 23.09 32.14 28.81
C ALA B 204 24.17 33.21 28.65
N ASP B 205 23.77 34.48 28.72
CA ASP B 205 24.75 35.56 28.70
C ASP B 205 25.64 35.51 29.94
N ALA B 206 25.07 35.13 31.08
CA ALA B 206 25.86 35.01 32.30
C ALA B 206 26.96 33.97 32.15
N LEU B 207 26.67 32.86 31.46
CA LEU B 207 27.71 31.85 31.20
C LEU B 207 28.83 32.41 30.34
N SER B 208 28.51 33.30 29.40
CA SER B 208 29.48 33.84 28.45
C SER B 208 30.19 32.73 27.69
N LEU B 209 29.41 31.78 27.17
CA LEU B 209 29.98 30.69 26.39
C LEU B 209 30.55 31.23 25.08
N PRO B 210 31.70 30.72 24.63
CA PRO B 210 32.29 31.23 23.39
C PRO B 210 31.40 31.00 22.17
N VAL B 211 30.65 29.92 22.13
CA VAL B 211 29.83 29.63 20.95
C VAL B 211 28.66 30.61 20.90
N PRO B 212 28.17 30.98 19.73
CA PRO B 212 27.00 31.87 19.67
C PRO B 212 25.78 31.19 20.28
N VAL B 213 25.02 31.96 21.06
CA VAL B 213 23.85 31.46 21.75
C VAL B 213 22.64 32.28 21.30
N VAL B 214 21.62 31.60 20.79
CA VAL B 214 20.39 32.25 20.35
C VAL B 214 19.30 31.90 21.36
N HIS B 215 18.49 32.88 21.70
CA HIS B 215 17.36 32.69 22.63
C HIS B 215 16.07 32.79 21.82
N LEU B 216 15.25 31.75 21.91
CA LEU B 216 13.98 31.71 21.21
C LEU B 216 12.85 31.85 22.21
N GLU B 217 12.20 33.01 22.22
CA GLU B 217 11.02 33.23 23.05
C GLU B 217 9.80 32.78 22.24
N LEU B 218 9.33 31.57 22.52
CA LEU B 218 8.24 30.97 21.79
C LEU B 218 7.01 30.88 22.68
N PRO B 219 5.93 31.59 22.36
CA PRO B 219 4.72 31.50 23.20
C PRO B 219 4.10 30.12 23.12
N SER B 220 4.21 29.35 24.21
CA SER B 220 3.80 27.96 24.18
C SER B 220 2.28 27.83 24.06
N TYR B 221 1.55 28.70 24.73
CA TYR B 221 0.10 28.56 24.78
C TYR B 221 -0.57 29.28 23.62
N GLN B 222 0.05 30.38 23.16
CA GLN B 222 -0.51 31.11 22.03
C GLN B 222 -0.21 30.41 20.71
N ARG B 223 0.99 29.85 20.56
CA ARG B 223 1.48 29.36 19.27
C ARG B 223 1.69 27.86 19.32
N LYS B 224 2.17 27.30 18.21
CA LYS B 224 2.31 25.87 18.06
C LYS B 224 3.63 25.47 17.41
N GLU B 225 3.76 24.20 17.02
CA GLU B 225 5.07 23.66 16.68
C GLU B 225 5.60 24.20 15.35
N ASN B 226 4.71 24.49 14.40
CA ASN B 226 5.18 25.08 13.15
C ASN B 226 5.74 26.47 13.37
N PHE B 227 5.07 27.27 14.21
CA PHE B 227 5.65 28.56 14.59
C PHE B 227 6.95 28.36 15.35
N GLY B 228 7.03 27.34 16.19
CA GLY B 228 8.28 27.08 16.89
C GLY B 228 9.43 26.82 15.95
N ALA B 229 9.22 25.97 14.94
CA ALA B 229 10.25 25.69 13.96
C ALA B 229 10.58 26.92 13.13
N ASP B 230 9.56 27.67 12.69
CA ASP B 230 9.80 28.86 11.90
C ASP B 230 10.58 29.91 12.67
N GLU B 231 10.19 30.18 13.91
CA GLU B 231 10.87 31.20 14.72
C GLU B 231 12.25 30.74 15.15
N SER B 232 12.43 29.45 15.42
CA SER B 232 13.76 28.94 15.73
C SER B 232 14.70 29.10 14.54
N PHE B 233 14.24 28.73 13.35
CA PHE B 233 15.05 28.91 12.15
C PHE B 233 15.34 30.39 11.91
N LEU B 234 14.35 31.25 12.15
CA LEU B 234 14.55 32.68 11.97
C LEU B 234 15.58 33.23 12.93
N GLN B 235 15.54 32.80 14.20
CA GLN B 235 16.52 33.27 15.18
C GLN B 235 17.91 32.76 14.85
N ILE B 236 18.01 31.50 14.42
CA ILE B 236 19.31 30.95 14.02
C ILE B 236 19.89 31.74 12.85
N CYS B 237 19.04 32.05 11.85
CA CYS B 237 19.50 32.85 10.72
C CYS B 237 19.91 34.24 11.16
N ARG B 238 19.14 34.86 12.04
CA ARG B 238 19.45 36.21 12.50
C ARG B 238 20.80 36.24 13.22
N LYS B 239 21.07 35.24 14.06
CA LYS B 239 22.32 35.26 14.82
C LYS B 239 23.51 34.90 13.94
N LEU B 240 23.38 33.88 13.09
CA LEU B 240 24.55 33.40 12.36
C LEU B 240 24.64 33.89 10.92
N ALA B 241 23.54 33.99 10.19
CA ALA B 241 23.61 34.41 8.80
C ALA B 241 23.88 35.91 8.72
N ARG B 242 24.91 36.27 7.96
CA ARG B 242 25.33 37.65 7.77
C ARG B 242 25.50 37.91 6.29
N PRO B 243 25.38 39.16 5.85
CA PRO B 243 25.67 39.48 4.45
C PRO B 243 27.09 39.10 4.07
N MET B 244 27.24 38.50 2.89
CA MET B 244 28.52 38.04 2.41
C MET B 244 28.57 38.15 0.89
N GLU B 245 29.77 37.96 0.34
CA GLU B 245 29.95 37.95 -1.10
C GLU B 245 29.16 36.82 -1.74
N ARG B 246 28.52 37.12 -2.87
CA ARG B 246 27.76 36.11 -3.59
C ARG B 246 28.71 35.05 -4.17
N THR B 247 28.20 33.82 -4.29
CA THR B 247 29.00 32.74 -4.89
C THR B 247 29.27 33.04 -6.35
N GLU B 248 30.40 32.50 -6.85
CA GLU B 248 30.79 32.72 -8.23
C GLU B 248 29.74 32.16 -9.18
N LYS B 249 29.38 30.90 -9.01
CA LYS B 249 28.30 30.29 -9.78
C LYS B 249 26.98 30.47 -9.06
N VAL B 250 25.88 30.30 -9.81
CA VAL B 250 24.56 30.51 -9.24
C VAL B 250 24.24 29.39 -8.27
N SER B 251 23.83 29.75 -7.06
CA SER B 251 23.53 28.79 -6.02
C SER B 251 22.25 29.22 -5.30
N CYS B 252 21.55 28.25 -4.72
CA CYS B 252 20.30 28.50 -4.04
C CYS B 252 20.31 27.85 -2.67
N ASN B 253 19.48 28.38 -1.77
CA ASN B 253 19.26 27.82 -0.45
C ASN B 253 17.91 27.10 -0.44
N LEU B 254 17.91 25.86 0.00
CA LEU B 254 16.66 25.13 0.19
C LEU B 254 16.15 25.40 1.61
N LEU B 255 15.24 26.36 1.73
CA LEU B 255 14.79 26.86 3.03
C LEU B 255 13.50 26.16 3.42
N GLY B 256 13.46 25.63 4.63
CA GLY B 256 12.27 24.97 5.11
C GLY B 256 12.42 23.54 5.62
N PRO B 257 13.19 22.70 4.93
CA PRO B 257 13.27 21.28 5.35
C PRO B 257 13.84 21.11 6.75
N THR B 258 13.09 20.39 7.58
CA THR B 258 13.50 20.06 8.93
C THR B 258 13.28 18.58 9.18
N ALA B 259 13.87 18.10 10.26
CA ALA B 259 13.58 16.74 10.72
C ALA B 259 12.13 16.64 11.13
N LEU B 260 11.60 15.41 11.08
CA LEU B 260 10.19 15.09 11.31
C LEU B 260 9.28 15.68 10.23
N GLY B 261 9.85 16.35 9.23
CA GLY B 261 9.06 16.85 8.14
C GLY B 261 8.63 15.75 7.19
N PHE B 262 7.49 15.95 6.55
CA PHE B 262 6.92 14.96 5.65
C PHE B 262 7.69 14.95 4.34
N ARG B 263 8.36 13.82 4.06
CA ARG B 263 9.07 13.59 2.81
C ARG B 263 10.18 14.61 2.57
N HIS B 264 10.71 15.22 3.63
CA HIS B 264 11.66 16.32 3.46
C HIS B 264 12.97 15.83 2.86
N ARG B 265 13.43 14.64 3.24
CA ARG B 265 14.70 14.13 2.73
C ARG B 265 14.64 13.87 1.22
N ASP B 266 13.64 13.11 0.79
CA ASP B 266 13.54 12.78 -0.63
C ASP B 266 13.19 14.00 -1.46
N ASP B 267 12.42 14.93 -0.88
CA ASP B 267 12.12 16.17 -1.59
C ASP B 267 13.37 17.02 -1.74
N ILE B 268 14.22 17.06 -0.71
CA ILE B 268 15.51 17.71 -0.82
C ILE B 268 16.29 17.13 -1.99
N LEU B 269 16.36 15.80 -2.04
CA LEU B 269 17.12 15.15 -3.11
C LEU B 269 16.54 15.47 -4.48
N GLU B 270 15.22 15.42 -4.61
CA GLU B 270 14.60 15.64 -5.92
C GLU B 270 14.77 17.08 -6.39
N VAL B 271 14.57 18.05 -5.49
CA VAL B 271 14.73 19.44 -5.87
C VAL B 271 16.20 19.74 -6.16
N THR B 272 17.11 19.11 -5.43
CA THR B 272 18.54 19.25 -5.74
C THR B 272 18.84 18.73 -7.15
N ARG B 273 18.29 17.57 -7.50
CA ARG B 273 18.49 17.03 -8.84
C ARG B 273 17.91 17.99 -9.89
N LEU B 274 16.73 18.53 -9.62
CA LEU B 274 16.09 19.45 -10.55
C LEU B 274 16.91 20.72 -10.74
N LEU B 275 17.55 21.21 -9.69
CA LEU B 275 18.35 22.43 -9.82
C LEU B 275 19.69 22.16 -10.49
N GLU B 276 20.32 21.02 -10.20
CA GLU B 276 21.58 20.70 -10.88
C GLU B 276 21.34 20.44 -12.36
N GLY B 277 20.20 19.85 -12.71
CA GLY B 277 19.83 19.75 -14.12
C GLY B 277 19.64 21.11 -14.74
N MET B 278 19.30 22.11 -13.93
CA MET B 278 19.09 23.47 -14.37
C MET B 278 20.37 24.31 -14.34
N GLY B 279 21.46 23.77 -13.82
CA GLY B 279 22.70 24.52 -13.72
C GLY B 279 22.87 25.34 -12.46
N ILE B 280 21.93 25.24 -11.52
CA ILE B 280 22.04 25.92 -10.23
C ILE B 280 22.45 24.91 -9.18
N ALA B 281 23.59 25.14 -8.55
CA ALA B 281 24.01 24.35 -7.40
C ALA B 281 23.19 24.77 -6.18
N VAL B 282 23.23 23.93 -5.16
CA VAL B 282 22.57 24.22 -3.90
C VAL B 282 23.62 24.71 -2.92
N ASN B 283 23.56 25.99 -2.56
CA ASN B 283 24.52 26.55 -1.63
C ASN B 283 24.41 25.88 -0.27
N ALA B 284 23.19 25.78 0.26
CA ALA B 284 22.96 25.13 1.53
C ALA B 284 21.53 24.62 1.57
N VAL B 285 21.31 23.58 2.36
CA VAL B 285 19.98 23.08 2.68
C VAL B 285 19.79 23.31 4.16
N ALA B 286 18.90 24.23 4.52
CA ALA B 286 18.75 24.59 5.92
C ALA B 286 17.31 24.43 6.38
N PRO B 287 17.10 23.99 7.62
CA PRO B 287 18.13 23.52 8.56
C PRO B 287 18.34 22.00 8.58
N MET B 288 17.71 21.22 7.70
CA MET B 288 17.83 19.77 7.79
C MET B 288 19.24 19.29 7.46
N GLY B 289 19.91 19.96 6.53
CA GLY B 289 21.28 19.64 6.20
C GLY B 289 22.30 20.69 6.58
N ALA B 290 21.93 21.67 7.39
CA ALA B 290 22.79 22.82 7.62
C ALA B 290 23.59 22.66 8.92
N SER B 291 24.40 23.67 9.19
CA SER B 291 25.22 23.78 10.38
C SER B 291 25.47 25.25 10.62
N PRO B 292 25.92 25.64 11.82
CA PRO B 292 26.25 27.05 12.05
C PRO B 292 27.13 27.65 10.97
N ALA B 293 28.09 26.89 10.45
CA ALA B 293 28.85 27.33 9.29
C ALA B 293 27.96 27.47 8.07
N ASP B 294 27.09 26.49 7.83
CA ASP B 294 26.18 26.58 6.68
C ASP B 294 25.17 27.71 6.85
N ILE B 295 24.68 27.91 8.08
CA ILE B 295 23.79 29.04 8.33
C ILE B 295 24.53 30.35 8.09
N ALA B 296 25.82 30.39 8.41
CA ALA B 296 26.62 31.56 8.06
C ALA B 296 26.70 31.75 6.55
N ARG B 297 26.91 30.67 5.81
CA ARG B 297 27.00 30.75 4.35
C ARG B 297 25.65 30.96 3.67
N LEU B 298 24.55 30.91 4.42
CA LEU B 298 23.24 31.14 3.82
C LEU B 298 23.20 32.44 3.03
N GLY B 299 23.94 33.46 3.47
CA GLY B 299 23.91 34.73 2.78
C GLY B 299 24.66 34.71 1.45
N ALA B 300 25.44 33.65 1.20
CA ALA B 300 26.21 33.59 -0.03
C ALA B 300 25.36 33.19 -1.23
N ALA B 301 24.20 32.56 -1.00
CA ALA B 301 23.37 32.10 -2.09
C ALA B 301 22.77 33.28 -2.85
N HIS B 302 22.64 33.12 -4.17
CA HIS B 302 22.05 34.16 -4.99
C HIS B 302 20.59 34.39 -4.62
N PHE B 303 19.84 33.31 -4.40
CA PHE B 303 18.45 33.40 -4.01
C PHE B 303 18.13 32.18 -3.13
N ASN B 304 17.04 32.29 -2.38
CA ASN B 304 16.55 31.19 -1.57
C ASN B 304 15.44 30.48 -2.31
N VAL B 305 15.27 29.19 -2.03
CA VAL B 305 14.16 28.41 -2.53
C VAL B 305 13.33 27.97 -1.34
N LEU B 306 12.17 28.59 -1.15
CA LEU B 306 11.30 28.29 -0.02
C LEU B 306 10.60 26.96 -0.29
N LEU B 307 11.26 25.88 0.10
CA LEU B 307 10.69 24.56 -0.11
C LEU B 307 9.43 24.37 0.72
N TYR B 308 9.48 24.80 1.98
CA TYR B 308 8.35 24.67 2.90
C TYR B 308 8.13 26.00 3.60
N PRO B 309 7.11 26.76 3.20
CA PRO B 309 6.84 28.03 3.88
C PRO B 309 6.53 27.89 5.35
N GLU B 310 5.91 26.77 5.76
CA GLU B 310 5.48 26.58 7.14
C GLU B 310 6.63 26.78 8.12
N THR B 311 7.82 26.35 7.75
CA THR B 311 8.99 26.45 8.61
C THR B 311 10.02 27.43 8.08
N GLY B 312 9.95 27.79 6.82
CA GLY B 312 10.98 28.64 6.25
C GLY B 312 10.59 30.04 5.82
N GLU B 313 9.31 30.41 5.93
CA GLU B 313 8.90 31.71 5.39
C GLU B 313 9.46 32.86 6.21
N SER B 314 9.54 32.73 7.53
CA SER B 314 10.11 33.80 8.33
C SER B 314 11.56 34.04 7.97
N ALA B 315 12.34 32.97 7.82
CA ALA B 315 13.73 33.11 7.41
C ALA B 315 13.85 33.63 5.99
N ALA B 316 12.92 33.29 5.11
CA ALA B 316 12.96 33.79 3.74
C ALA B 316 12.67 35.29 3.70
N ARG B 317 11.66 35.74 4.43
CA ARG B 317 11.35 37.16 4.49
C ARG B 317 12.44 37.96 5.20
N TRP B 318 13.14 37.36 6.15
CA TRP B 318 14.29 38.04 6.75
C TRP B 318 15.48 38.09 5.81
N ALA B 319 15.73 37.02 5.06
CA ALA B 319 16.82 36.96 4.10
C ALA B 319 16.52 37.76 2.83
N GLU B 320 15.25 38.06 2.56
CA GLU B 320 14.87 38.99 1.51
C GLU B 320 15.03 40.45 1.94
N LYS B 321 15.31 40.67 3.23
CA LYS B 321 15.49 42.01 3.77
C LYS B 321 16.90 42.29 4.22
N THR B 322 17.60 41.31 4.77
CA THR B 322 18.98 41.47 5.24
C THR B 322 20.01 40.95 4.26
N LEU B 323 19.76 39.81 3.63
CA LEU B 323 20.69 39.22 2.67
C LEU B 323 20.29 39.50 1.23
N LYS B 324 19.17 40.19 1.01
CA LYS B 324 18.68 40.56 -0.31
C LYS B 324 18.58 39.34 -1.22
N GLN B 325 17.92 38.30 -0.71
CA GLN B 325 17.75 37.02 -1.41
C GLN B 325 16.28 36.74 -1.65
N PRO B 326 15.79 36.97 -2.87
CA PRO B 326 14.41 36.62 -3.18
C PRO B 326 14.16 35.12 -3.06
N TYR B 327 12.96 34.73 -2.64
CA TYR B 327 12.61 33.32 -2.51
C TYR B 327 11.46 32.98 -3.46
N THR B 328 11.48 31.74 -3.93
CA THR B 328 10.49 31.24 -4.88
C THR B 328 9.16 31.10 -4.15
N LYS B 329 8.10 31.68 -4.73
CA LYS B 329 6.79 31.65 -4.09
C LYS B 329 6.03 30.37 -4.38
N THR B 330 6.49 29.56 -5.33
CA THR B 330 5.78 28.34 -5.71
C THR B 330 6.49 27.11 -5.17
N VAL B 331 5.72 26.19 -4.61
CA VAL B 331 6.23 24.92 -4.10
C VAL B 331 6.07 23.86 -5.18
N PRO B 332 7.13 23.19 -5.61
CA PRO B 332 7.06 22.28 -6.77
C PRO B 332 6.49 20.91 -6.42
N ILE B 333 5.19 20.86 -6.15
CA ILE B 333 4.46 19.61 -5.95
C ILE B 333 3.55 19.42 -7.16
N GLY B 334 3.73 18.33 -7.87
CA GLY B 334 2.93 18.10 -9.05
C GLY B 334 3.61 18.67 -10.29
N VAL B 335 3.13 18.23 -11.45
CA VAL B 335 3.77 18.60 -12.71
C VAL B 335 3.66 20.10 -12.95
N GLY B 336 2.45 20.65 -12.84
CA GLY B 336 2.26 22.06 -13.12
C GLY B 336 3.03 22.96 -12.18
N ALA B 337 2.99 22.66 -10.88
CA ALA B 337 3.77 23.45 -9.93
C ALA B 337 5.26 23.24 -10.12
N THR B 338 5.68 22.07 -10.61
CA THR B 338 7.10 21.86 -10.92
C THR B 338 7.53 22.75 -12.08
N ARG B 339 6.71 22.86 -13.12
CA ARG B 339 7.04 23.76 -14.22
C ARG B 339 7.03 25.21 -13.77
N ASP B 340 6.08 25.59 -12.93
CA ASP B 340 6.06 26.94 -12.40
C ASP B 340 7.32 27.23 -11.59
N PHE B 341 7.75 26.26 -10.78
CA PHE B 341 8.97 26.40 -9.99
C PHE B 341 10.19 26.52 -10.89
N VAL B 342 10.24 25.70 -11.94
CA VAL B 342 11.36 25.76 -12.88
C VAL B 342 11.43 27.13 -13.55
N ALA B 343 10.26 27.64 -13.96
CA ALA B 343 10.22 28.97 -14.58
C ALA B 343 10.68 30.06 -13.62
N GLU B 344 10.17 30.06 -12.38
CA GLU B 344 10.59 31.09 -11.44
C GLU B 344 12.07 30.97 -11.07
N VAL B 345 12.58 29.77 -10.93
CA VAL B 345 13.99 29.57 -10.62
C VAL B 345 14.88 30.01 -11.77
N ALA B 346 14.47 29.73 -13.02
CA ALA B 346 15.21 30.23 -14.16
C ALA B 346 15.18 31.75 -14.22
N ALA B 347 14.03 32.36 -13.91
CA ALA B 347 13.94 33.81 -13.93
C ALA B 347 14.83 34.43 -12.85
N LEU B 348 14.83 33.85 -11.64
CA LEU B 348 15.66 34.39 -10.57
C LEU B 348 17.14 34.18 -10.84
N ALA B 349 17.52 32.98 -11.29
CA ALA B 349 18.91 32.66 -11.52
C ALA B 349 19.43 33.29 -12.81
N GLY B 350 18.57 33.42 -13.82
CA GLY B 350 19.00 33.85 -15.13
C GLY B 350 19.41 32.74 -16.06
N VAL B 351 19.29 31.48 -15.64
CA VAL B 351 19.68 30.33 -16.44
C VAL B 351 18.50 29.86 -17.27
N ALA B 352 18.78 29.01 -18.26
CA ALA B 352 17.72 28.43 -19.07
C ALA B 352 16.87 27.47 -18.23
N PRO B 353 15.60 27.28 -18.60
CA PRO B 353 14.73 26.42 -17.76
C PRO B 353 15.22 24.98 -17.66
N VAL B 354 15.37 24.27 -18.79
CA VAL B 354 15.97 22.94 -18.83
C VAL B 354 15.32 22.01 -17.82
N ALA B 355 14.03 21.74 -17.97
CA ALA B 355 13.36 20.76 -17.12
C ALA B 355 13.53 19.36 -17.70
N ASP B 356 13.85 18.41 -16.83
CA ASP B 356 14.11 17.03 -17.23
C ASP B 356 12.81 16.23 -17.12
N ASP B 357 12.16 16.04 -18.27
CA ASP B 357 10.86 15.38 -18.36
C ASP B 357 11.01 13.88 -18.63
N SER B 358 12.21 13.43 -19.07
CA SER B 358 12.38 12.08 -19.60
C SER B 358 11.84 11.00 -18.66
N ARG B 359 11.95 11.19 -17.36
CA ARG B 359 11.42 10.23 -16.40
C ARG B 359 10.02 10.55 -15.91
N LEU B 360 9.41 11.64 -16.38
CA LEU B 360 8.02 11.93 -16.03
C LEU B 360 7.10 10.84 -16.54
N ARG B 361 6.19 10.42 -15.68
CA ARG B 361 5.16 9.45 -16.06
C ARG B 361 3.76 9.83 -15.59
N GLN B 362 3.61 10.81 -14.72
CA GLN B 362 2.29 11.20 -14.26
C GLN B 362 1.36 11.61 -15.39
N PRO B 363 1.76 12.44 -16.36
CA PRO B 363 0.81 12.81 -17.43
C PRO B 363 0.24 11.63 -18.20
N TRP B 364 1.08 10.68 -18.64
CA TRP B 364 0.58 9.60 -19.49
C TRP B 364 -0.26 8.61 -18.69
N TRP B 365 0.23 8.18 -17.52
CA TRP B 365 -0.52 7.23 -16.71
C TRP B 365 -1.80 7.84 -16.15
N SER B 366 -1.95 9.16 -16.22
CA SER B 366 -3.24 9.78 -15.91
C SER B 366 -4.10 9.91 -17.16
N ALA B 367 -3.46 10.08 -18.33
CA ALA B 367 -4.20 10.18 -19.57
C ALA B 367 -4.57 8.82 -20.15
N SER B 368 -3.98 7.74 -19.65
CA SER B 368 -4.29 6.41 -20.14
C SER B 368 -5.71 6.02 -19.75
N VAL B 369 -6.29 5.08 -20.51
CA VAL B 369 -7.69 4.70 -20.32
C VAL B 369 -7.91 3.99 -18.99
N ASP B 370 -6.85 3.53 -18.32
CA ASP B 370 -6.99 2.96 -16.99
C ASP B 370 -7.32 4.01 -15.94
N SER B 371 -7.05 5.28 -16.22
CA SER B 371 -7.33 6.38 -15.30
C SER B 371 -8.61 7.11 -15.65
N THR B 372 -9.41 6.56 -16.57
CA THR B 372 -10.64 7.22 -16.97
C THR B 372 -11.63 7.30 -15.82
N TYR B 373 -11.75 6.23 -15.03
CA TYR B 373 -12.64 6.22 -13.88
C TYR B 373 -12.26 7.24 -12.81
N LEU B 374 -11.05 7.78 -12.86
CA LEU B 374 -10.63 8.79 -11.91
C LEU B 374 -11.39 10.09 -12.09
N THR B 375 -11.99 10.30 -13.27
CA THR B 375 -12.64 11.56 -13.58
C THR B 375 -13.87 11.76 -12.70
N GLY B 376 -13.97 12.94 -12.09
CA GLY B 376 -15.12 13.29 -11.30
C GLY B 376 -15.14 12.71 -9.90
N LYS B 377 -14.09 11.99 -9.50
CA LYS B 377 -14.04 11.47 -8.14
C LYS B 377 -13.77 12.61 -7.17
N ARG B 378 -14.59 12.68 -6.12
CA ARG B 378 -14.51 13.80 -5.19
C ARG B 378 -13.45 13.54 -4.14
N VAL B 379 -12.61 14.54 -3.90
CA VAL B 379 -11.49 14.42 -2.97
C VAL B 379 -11.62 15.46 -1.86
N PHE B 380 -11.39 15.01 -0.64
CA PHE B 380 -11.29 15.88 0.52
C PHE B 380 -9.82 16.05 0.87
N LEU B 381 -9.43 17.28 1.21
CA LEU B 381 -8.04 17.61 1.45
C LEU B 381 -7.91 18.35 2.78
N PHE B 382 -6.97 17.92 3.61
CA PHE B 382 -6.64 18.63 4.84
C PHE B 382 -5.17 18.38 5.16
N GLY B 383 -4.60 19.26 5.98
CA GLY B 383 -3.20 19.16 6.32
C GLY B 383 -2.55 20.52 6.41
N ASP B 384 -1.23 20.60 6.33
CA ASP B 384 -0.61 21.91 6.31
C ASP B 384 -0.95 22.61 4.99
N ALA B 385 -1.06 23.93 5.04
CA ALA B 385 -1.66 24.67 3.94
C ALA B 385 -0.87 24.48 2.65
N THR B 386 0.46 24.47 2.73
CA THR B 386 1.27 24.33 1.52
C THR B 386 0.95 23.02 0.80
N HIS B 387 0.96 21.91 1.52
CA HIS B 387 0.71 20.61 0.90
C HIS B 387 -0.71 20.51 0.38
N VAL B 388 -1.68 21.09 1.10
CA VAL B 388 -3.07 21.01 0.67
C VAL B 388 -3.29 21.84 -0.59
N ILE B 389 -2.73 23.05 -0.63
CA ILE B 389 -2.87 23.90 -1.80
C ILE B 389 -2.23 23.26 -3.01
N ALA B 390 -1.05 22.67 -2.83
CA ALA B 390 -0.39 22.00 -3.95
C ALA B 390 -1.16 20.75 -4.39
N ALA B 391 -1.61 19.95 -3.42
CA ALA B 391 -2.31 18.70 -3.72
C ALA B 391 -3.66 18.93 -4.36
N ALA B 392 -4.33 20.04 -4.04
CA ALA B 392 -5.59 20.35 -4.72
C ALA B 392 -5.37 20.63 -6.20
N ARG B 393 -4.32 21.39 -6.52
CA ARG B 393 -3.99 21.64 -7.92
C ARG B 393 -3.61 20.34 -8.63
N VAL B 394 -2.86 19.47 -7.94
CA VAL B 394 -2.51 18.18 -8.53
C VAL B 394 -3.75 17.34 -8.78
N ALA B 395 -4.67 17.31 -7.81
CA ALA B 395 -5.84 16.46 -7.90
C ALA B 395 -6.80 16.95 -8.98
N ARG B 396 -6.92 18.26 -9.14
CA ARG B 396 -7.85 18.80 -10.13
C ARG B 396 -7.23 18.87 -11.51
N ASP B 397 -6.14 19.62 -11.66
CA ASP B 397 -5.59 19.90 -12.98
C ASP B 397 -4.80 18.73 -13.56
N GLU B 398 -4.45 17.74 -12.74
CA GLU B 398 -3.56 16.66 -13.19
C GLU B 398 -4.13 15.27 -13.02
N MET B 399 -5.23 15.10 -12.27
CA MET B 399 -5.78 13.78 -12.01
C MET B 399 -7.28 13.69 -12.25
N GLY B 400 -7.94 14.78 -12.66
CA GLY B 400 -9.34 14.72 -12.98
C GLY B 400 -10.26 14.62 -11.79
N PHE B 401 -9.76 14.82 -10.58
CA PHE B 401 -10.60 14.81 -9.39
C PHE B 401 -11.30 16.16 -9.24
N GLU B 402 -12.44 16.14 -8.57
CA GLU B 402 -13.12 17.36 -8.14
C GLU B 402 -12.89 17.52 -6.64
N VAL B 403 -12.49 18.72 -6.23
CA VAL B 403 -12.17 18.98 -4.84
C VAL B 403 -13.44 19.45 -4.14
N VAL B 404 -13.88 18.69 -3.15
CA VAL B 404 -15.09 19.06 -2.41
C VAL B 404 -14.74 19.58 -1.02
N GLY B 405 -13.53 19.30 -0.54
CA GLY B 405 -13.10 19.79 0.76
C GLY B 405 -11.65 20.22 0.71
N MET B 406 -11.39 21.41 1.21
CA MET B 406 -10.08 22.03 1.13
C MET B 406 -9.84 22.77 2.43
N GLY B 407 -8.83 22.35 3.20
CA GLY B 407 -8.62 22.95 4.50
C GLY B 407 -7.21 22.75 5.00
N CYS B 408 -6.86 23.52 6.03
CA CYS B 408 -5.56 23.41 6.67
C CYS B 408 -5.74 23.50 8.18
N TYR B 409 -4.88 22.80 8.91
CA TYR B 409 -4.78 22.99 10.35
C TYR B 409 -3.85 24.14 10.73
N ASN B 410 -3.05 24.63 9.77
CA ASN B 410 -2.07 25.67 10.02
C ASN B 410 -2.74 27.02 9.83
N ARG B 411 -3.23 27.59 10.93
CA ARG B 411 -3.94 28.87 10.86
C ARG B 411 -3.03 30.03 10.49
N GLU B 412 -1.71 29.86 10.54
CA GLU B 412 -0.80 30.91 10.08
C GLU B 412 -1.01 31.19 8.60
N PHE B 413 -1.25 30.15 7.82
CA PHE B 413 -1.58 30.28 6.41
C PHE B 413 -3.09 30.19 6.24
N ALA B 414 -3.80 31.17 6.79
CA ALA B 414 -5.24 31.24 6.63
C ALA B 414 -5.62 32.00 5.36
N ARG B 415 -4.97 33.12 5.08
CA ARG B 415 -5.20 33.87 3.86
C ARG B 415 -4.85 33.06 2.62
N PRO B 416 -3.66 32.45 2.53
CA PRO B 416 -3.38 31.61 1.35
C PRO B 416 -4.32 30.42 1.22
N MET B 417 -4.71 29.81 2.33
CA MET B 417 -5.61 28.67 2.29
C MET B 417 -6.97 29.06 1.74
N ARG B 418 -7.55 30.14 2.29
CA ARG B 418 -8.84 30.61 1.82
C ARG B 418 -8.77 31.09 0.38
N ALA B 419 -7.70 31.79 0.02
CA ALA B 419 -7.55 32.26 -1.35
C ALA B 419 -7.48 31.10 -2.33
N ALA B 420 -6.75 30.04 -1.98
CA ALA B 420 -6.70 28.86 -2.84
C ALA B 420 -8.07 28.19 -2.94
N ALA B 421 -8.76 28.03 -1.79
CA ALA B 421 -10.04 27.35 -1.81
C ALA B 421 -11.10 28.14 -2.56
N LYS B 422 -10.96 29.46 -2.62
CA LYS B 422 -11.91 30.28 -3.39
C LYS B 422 -11.81 30.00 -4.87
N GLY B 423 -10.64 29.58 -5.36
CA GLY B 423 -10.50 29.23 -6.76
C GLY B 423 -11.16 27.93 -7.14
N TYR B 424 -11.48 27.09 -6.17
CA TYR B 424 -12.14 25.81 -6.41
C TYR B 424 -13.64 25.88 -6.08
N GLY B 425 -14.15 27.06 -5.79
CA GLY B 425 -15.55 27.19 -5.38
C GLY B 425 -15.83 26.57 -4.03
N LEU B 426 -14.92 26.71 -3.07
CA LEU B 426 -15.05 26.13 -1.75
C LEU B 426 -14.70 27.16 -0.69
N GLU B 427 -15.11 26.87 0.54
CA GLU B 427 -14.70 27.63 1.71
C GLU B 427 -13.65 26.82 2.46
N ALA B 428 -12.49 27.42 2.67
CA ALA B 428 -11.40 26.69 3.30
C ALA B 428 -11.73 26.37 4.75
N LEU B 429 -11.46 25.13 5.14
CA LEU B 429 -11.65 24.68 6.53
C LEU B 429 -10.35 24.93 7.28
N VAL B 430 -10.24 26.12 7.87
CA VAL B 430 -9.07 26.46 8.68
C VAL B 430 -9.45 26.15 10.13
N THR B 431 -9.07 24.96 10.58
CA THR B 431 -9.40 24.50 11.92
C THR B 431 -8.29 23.63 12.47
N ASP B 432 -8.03 23.75 13.77
CA ASP B 432 -7.07 22.91 14.47
C ASP B 432 -7.73 21.72 15.16
N ASP B 433 -9.05 21.57 15.03
CA ASP B 433 -9.80 20.54 15.72
C ASP B 433 -10.18 19.44 14.75
N TYR B 434 -9.87 18.19 15.11
CA TYR B 434 -10.11 17.09 14.20
C TYR B 434 -11.58 16.68 14.14
N LEU B 435 -12.37 17.01 15.15
CA LEU B 435 -13.80 16.78 15.04
C LEU B 435 -14.43 17.64 13.96
N GLU B 436 -13.91 18.87 13.76
CA GLU B 436 -14.43 19.71 12.70
C GLU B 436 -14.15 19.11 11.32
N VAL B 437 -12.95 18.58 11.11
CA VAL B 437 -12.66 17.94 9.84
C VAL B 437 -13.44 16.64 9.69
N GLU B 438 -13.70 15.95 10.81
CA GLU B 438 -14.55 14.77 10.77
C GLU B 438 -15.96 15.13 10.32
N GLU B 439 -16.51 16.21 10.86
CA GLU B 439 -17.83 16.69 10.44
C GLU B 439 -17.82 17.06 8.96
N ALA B 440 -16.76 17.73 8.51
CA ALA B 440 -16.67 18.12 7.11
C ALA B 440 -16.65 16.89 6.20
N ILE B 441 -15.88 15.87 6.57
CA ILE B 441 -15.84 14.66 5.76
C ILE B 441 -17.18 13.95 5.74
N GLN B 442 -17.84 13.86 6.91
CA GLN B 442 -19.14 13.20 6.95
C GLN B 442 -20.17 13.96 6.13
N ALA B 443 -20.14 15.29 6.17
CA ALA B 443 -21.08 16.08 5.39
C ALA B 443 -20.82 15.95 3.89
N LEU B 444 -19.56 16.05 3.48
CA LEU B 444 -19.21 15.96 2.07
C LEU B 444 -19.26 14.54 1.53
N ALA B 445 -18.90 13.54 2.34
CA ALA B 445 -18.84 12.14 1.94
C ALA B 445 -17.99 11.96 0.67
N PRO B 446 -16.70 12.26 0.73
CA PRO B 446 -15.87 12.19 -0.47
C PRO B 446 -15.58 10.76 -0.88
N GLU B 447 -15.10 10.62 -2.12
CA GLU B 447 -14.68 9.32 -2.63
C GLU B 447 -13.23 8.99 -2.31
N LEU B 448 -12.41 10.02 -2.11
CA LEU B 448 -11.02 9.87 -1.70
C LEU B 448 -10.67 11.00 -0.74
N ILE B 449 -9.92 10.68 0.30
CA ILE B 449 -9.45 11.69 1.25
C ILE B 449 -7.94 11.71 1.23
N LEU B 450 -7.38 12.90 1.08
CA LEU B 450 -5.93 13.12 1.05
C LEU B 450 -5.58 14.05 2.18
N GLY B 451 -4.93 13.53 3.22
CA GLY B 451 -4.65 14.36 4.37
C GLY B 451 -3.55 13.87 5.29
N THR B 452 -3.69 14.17 6.58
CA THR B 452 -2.73 13.74 7.58
C THR B 452 -3.08 12.33 8.05
N GLN B 453 -2.45 11.88 9.14
CA GLN B 453 -2.68 10.53 9.63
C GLN B 453 -4.05 10.38 10.30
N MET B 454 -4.49 11.39 11.05
CA MET B 454 -5.83 11.36 11.62
C MET B 454 -6.88 11.37 10.52
N GLU B 455 -6.61 12.10 9.43
CA GLU B 455 -7.50 12.07 8.28
C GLU B 455 -7.59 10.66 7.71
N ARG B 456 -6.45 9.99 7.65
CA ARG B 456 -6.43 8.61 7.15
CA ARG B 456 -6.41 8.61 7.16
C ARG B 456 -7.23 7.69 8.06
N HIS B 457 -7.11 7.85 9.37
CA HIS B 457 -7.86 6.99 10.29
C HIS B 457 -9.35 7.30 10.26
N ILE B 458 -9.72 8.58 10.09
CA ILE B 458 -11.12 8.94 9.91
C ILE B 458 -11.68 8.28 8.67
N ALA B 459 -10.91 8.29 7.58
CA ALA B 459 -11.34 7.63 6.35
C ALA B 459 -11.48 6.12 6.55
N LYS B 460 -10.51 5.51 7.26
CA LYS B 460 -10.55 4.07 7.49
C LYS B 460 -11.74 3.66 8.32
N ARG B 461 -12.11 4.44 9.34
CA ARG B 461 -13.35 4.17 10.05
C ARG B 461 -14.56 4.33 9.12
N LEU B 462 -14.54 5.37 8.29
CA LEU B 462 -15.64 5.65 7.37
C LEU B 462 -15.58 4.81 6.10
N GLY B 463 -14.52 4.03 5.91
CA GLY B 463 -14.40 3.21 4.71
C GLY B 463 -14.22 4.00 3.42
N ILE B 464 -13.50 5.12 3.48
CA ILE B 464 -13.20 5.90 2.29
C ILE B 464 -11.72 5.71 1.94
N PRO B 465 -11.38 5.53 0.66
CA PRO B 465 -9.96 5.47 0.28
C PRO B 465 -9.20 6.69 0.74
N CYS B 466 -8.00 6.46 1.28
CA CYS B 466 -7.23 7.53 1.91
C CYS B 466 -5.76 7.40 1.57
N ALA B 467 -5.12 8.53 1.32
CA ALA B 467 -3.67 8.62 1.20
C ALA B 467 -3.18 9.79 2.03
N VAL B 468 -1.97 9.67 2.55
CA VAL B 468 -1.39 10.68 3.42
C VAL B 468 -0.59 11.67 2.59
N ILE B 469 -0.86 12.96 2.78
CA ILE B 469 -0.20 14.01 2.01
C ILE B 469 0.46 15.07 2.89
N SER B 470 0.29 15.01 4.20
CA SER B 470 0.68 16.13 5.05
C SER B 470 1.56 15.67 6.22
N ALA B 471 2.03 16.66 6.98
CA ALA B 471 3.12 16.56 7.94
C ALA B 471 2.87 15.58 9.09
N PRO B 472 1.71 15.58 9.77
CA PRO B 472 1.52 14.64 10.89
C PRO B 472 1.43 13.20 10.41
N VAL B 473 2.46 12.41 10.68
CA VAL B 473 2.61 11.07 10.11
C VAL B 473 3.12 10.12 11.19
N HIS B 474 3.28 8.85 10.80
CA HIS B 474 3.76 7.78 11.65
C HIS B 474 5.19 7.40 11.27
N VAL B 475 5.71 6.35 11.91
CA VAL B 475 6.97 5.77 11.48
C VAL B 475 6.82 5.13 10.11
N GLN B 476 5.64 4.56 9.82
CA GLN B 476 5.42 3.90 8.54
C GLN B 476 5.38 4.90 7.40
N ASP B 477 5.07 6.16 7.70
CA ASP B 477 5.00 7.18 6.66
C ASP B 477 6.34 7.88 6.49
N PHE B 478 7.41 7.29 7.02
CA PHE B 478 8.76 7.67 6.64
C PHE B 478 9.38 6.51 5.88
N PRO B 479 9.25 6.46 4.55
CA PRO B 479 9.81 5.34 3.79
C PRO B 479 11.32 5.28 3.81
N ALA B 480 11.87 4.07 3.68
CA ALA B 480 13.28 3.90 3.32
C ALA B 480 13.50 4.16 1.84
N ARG B 481 12.53 3.80 1.02
CA ARG B 481 12.62 4.02 -0.42
C ARG B 481 12.55 5.51 -0.75
N TYR B 482 13.09 5.86 -1.90
CA TYR B 482 13.04 7.22 -2.41
C TYR B 482 11.59 7.58 -2.72
N SER B 483 10.99 8.43 -1.88
CA SER B 483 9.58 8.82 -2.01
C SER B 483 9.45 10.32 -1.92
N PRO B 484 9.92 11.05 -2.93
CA PRO B 484 9.65 12.49 -2.96
C PRO B 484 8.19 12.75 -3.29
N GLN B 485 7.67 13.84 -2.74
CA GLN B 485 6.38 14.37 -3.17
C GLN B 485 6.53 15.59 -4.06
N MET B 486 7.76 16.05 -4.26
CA MET B 486 8.07 17.28 -4.95
C MET B 486 8.87 16.94 -6.21
N GLY B 487 8.79 17.80 -7.21
CA GLY B 487 9.47 17.54 -8.46
C GLY B 487 8.76 16.53 -9.33
N PHE B 488 9.44 16.14 -10.42
CA PHE B 488 8.82 15.28 -11.41
C PHE B 488 8.72 13.83 -10.93
N GLU B 489 9.73 13.32 -10.24
CA GLU B 489 9.61 12.01 -9.61
C GLU B 489 8.61 12.07 -8.46
N GLY B 490 8.53 13.21 -7.79
CA GLY B 490 7.50 13.41 -6.79
C GLY B 490 6.11 13.31 -7.39
N ALA B 491 5.95 13.76 -8.64
CA ALA B 491 4.67 13.62 -9.32
C ALA B 491 4.31 12.15 -9.53
N ASN B 492 5.28 11.33 -9.93
CA ASN B 492 5.02 9.90 -10.08
C ASN B 492 4.67 9.26 -8.76
N VAL B 493 5.40 9.60 -7.69
CA VAL B 493 5.09 9.06 -6.37
C VAL B 493 3.70 9.51 -5.93
N LEU B 494 3.34 10.76 -6.21
CA LEU B 494 2.01 11.25 -5.89
C LEU B 494 0.95 10.46 -6.62
N PHE B 495 1.14 10.22 -7.91
CA PHE B 495 0.15 9.48 -8.68
C PHE B 495 -0.03 8.08 -8.12
N ASP B 496 1.08 7.38 -7.87
CA ASP B 496 0.97 6.02 -7.34
C ASP B 496 0.31 6.00 -5.98
N THR B 497 0.72 6.92 -5.08
CA THR B 497 0.21 6.91 -3.72
C THR B 497 -1.28 7.27 -3.67
N TRP B 498 -1.70 8.25 -4.48
CA TRP B 498 -3.10 8.66 -4.46
C TRP B 498 -3.97 7.65 -5.20
N ILE B 499 -3.41 6.92 -6.17
CA ILE B 499 -4.20 5.97 -6.94
C ILE B 499 -4.29 4.61 -6.26
N HIS B 500 -3.32 4.25 -5.43
CA HIS B 500 -3.34 2.95 -4.77
C HIS B 500 -4.60 2.71 -3.95
N PRO B 501 -5.09 3.63 -3.12
CA PRO B 501 -6.35 3.35 -2.40
C PRO B 501 -7.53 3.12 -3.33
N LEU B 502 -7.63 3.91 -4.40
CA LEU B 502 -8.72 3.74 -5.35
C LEU B 502 -8.61 2.41 -6.09
N THR B 503 -7.40 2.04 -6.50
CA THR B 503 -7.20 0.76 -7.16
C THR B 503 -7.54 -0.41 -6.24
N MET B 504 -7.03 -0.33 -5.01
CA MET B 504 -7.41 -1.38 -4.03
CA MET B 504 -7.41 -1.37 -4.00
C MET B 504 -8.92 -1.51 -3.60
N GLY B 505 -9.58 -0.34 -3.61
CA GLY B 505 -11.02 -0.38 -3.41
C GLY B 505 -11.76 -0.95 -4.60
N LEU B 506 -11.35 -0.55 -5.81
CA LEU B 506 -11.97 -1.08 -7.02
C LEU B 506 -11.76 -2.58 -7.13
N GLU B 507 -10.55 -3.04 -6.86
CA GLU B 507 -10.26 -4.48 -6.94
C GLU B 507 -11.04 -5.25 -5.89
N GLU B 508 -11.13 -4.71 -4.68
CA GLU B 508 -11.90 -5.38 -3.62
C GLU B 508 -13.37 -5.46 -3.99
N HIS B 509 -13.93 -4.38 -4.53
CA HIS B 509 -15.33 -4.41 -4.95
C HIS B 509 -15.54 -5.43 -6.07
N LEU B 510 -14.63 -5.46 -7.05
CA LEU B 510 -14.75 -6.42 -8.14
C LEU B 510 -14.70 -7.86 -7.62
N LEU B 511 -13.78 -8.12 -6.69
CA LEU B 511 -13.70 -9.47 -6.11
C LEU B 511 -14.95 -9.80 -5.32
N THR B 512 -15.50 -8.82 -4.60
CA THR B 512 -16.72 -9.06 -3.83
C THR B 512 -17.88 -9.41 -4.75
N MET B 513 -18.04 -8.69 -5.86
CA MET B 513 -19.08 -9.05 -6.82
C MET B 513 -18.82 -10.41 -7.43
N PHE B 514 -17.56 -10.70 -7.77
CA PHE B 514 -17.24 -11.97 -8.42
C PHE B 514 -17.44 -13.15 -7.47
N ARG B 515 -17.01 -13.00 -6.22
CA ARG B 515 -17.16 -14.08 -5.24
C ARG B 515 -18.26 -13.74 -4.24
N GLU C 21 -10.08 -4.59 -46.30
CA GLU C 21 -11.19 -5.40 -45.80
C GLU C 21 -10.67 -6.68 -45.16
N ARG C 22 -9.64 -7.26 -45.77
CA ARG C 22 -9.00 -8.46 -45.27
C ARG C 22 -7.58 -8.12 -44.83
N GLY C 23 -7.25 -8.47 -43.59
CA GLY C 23 -5.94 -8.18 -43.04
C GLY C 23 -5.85 -8.53 -41.57
N GLN C 24 -5.14 -7.69 -40.80
CA GLN C 24 -5.04 -7.91 -39.36
C GLN C 24 -6.35 -7.50 -38.69
N ARG C 25 -6.97 -8.45 -38.00
CA ARG C 25 -8.24 -8.25 -37.32
C ARG C 25 -7.99 -8.22 -35.82
N GLU C 26 -7.99 -7.02 -35.24
CA GLU C 26 -7.71 -6.86 -33.81
C GLU C 26 -8.99 -7.05 -33.00
N VAL C 27 -9.38 -8.32 -32.89
CA VAL C 27 -10.56 -8.71 -32.13
C VAL C 27 -10.20 -9.85 -31.20
N PHE C 28 -11.18 -10.36 -30.47
CA PHE C 28 -11.00 -11.47 -29.54
C PHE C 28 -11.71 -12.71 -30.07
N CYS C 29 -11.20 -13.88 -29.79
CA CYS C 29 -11.99 -15.07 -30.14
C CYS C 29 -13.27 -15.01 -29.31
N GLY C 30 -14.27 -15.81 -29.65
CA GLY C 30 -15.52 -15.84 -28.88
C GLY C 30 -15.36 -16.57 -27.56
N LEU C 31 -14.14 -16.92 -27.20
CA LEU C 31 -13.88 -17.53 -25.88
C LEU C 31 -14.00 -16.42 -24.84
N THR C 32 -13.98 -15.15 -25.25
CA THR C 32 -14.17 -14.03 -24.34
C THR C 32 -15.60 -13.95 -23.80
N GLY C 33 -16.60 -14.27 -24.63
CA GLY C 33 -17.97 -14.23 -24.15
C GLY C 33 -18.25 -15.26 -23.07
N ILE C 34 -17.39 -16.27 -22.96
CA ILE C 34 -17.51 -17.27 -21.90
C ILE C 34 -17.48 -16.59 -20.54
N ILE C 35 -16.74 -15.49 -20.44
CA ILE C 35 -16.62 -14.76 -19.17
C ILE C 35 -17.98 -14.22 -18.74
N TRP C 36 -18.76 -13.70 -19.68
CA TRP C 36 -20.10 -13.23 -19.34
C TRP C 36 -21.04 -14.39 -19.09
N LEU C 37 -20.99 -15.41 -19.95
CA LEU C 37 -21.91 -16.52 -19.82
C LEU C 37 -21.76 -17.28 -18.51
N HIS C 38 -20.54 -17.43 -17.99
CA HIS C 38 -20.40 -18.10 -16.70
C HIS C 38 -20.95 -17.24 -15.57
N ARG C 39 -20.90 -15.91 -15.72
CA ARG C 39 -21.54 -15.03 -14.75
C ARG C 39 -23.06 -15.12 -14.81
N LYS C 40 -23.64 -15.25 -16.00
CA LYS C 40 -25.08 -15.25 -16.15
C LYS C 40 -25.72 -16.62 -15.92
N MET C 41 -24.99 -17.70 -16.12
CA MET C 41 -25.48 -19.05 -15.83
C MET C 41 -24.61 -19.64 -14.73
N GLN C 42 -25.18 -19.78 -13.54
CA GLN C 42 -24.44 -20.20 -12.36
C GLN C 42 -24.27 -21.71 -12.27
N ASP C 43 -25.02 -22.49 -13.03
CA ASP C 43 -24.87 -23.93 -13.06
C ASP C 43 -24.08 -24.42 -14.25
N ALA C 44 -23.48 -23.52 -15.02
CA ALA C 44 -22.81 -23.86 -16.27
C ALA C 44 -21.31 -23.69 -16.13
N PHE C 45 -20.57 -24.72 -16.54
CA PHE C 45 -19.13 -24.65 -16.64
C PHE C 45 -18.73 -24.64 -18.11
N PHE C 46 -17.71 -23.86 -18.43
CA PHE C 46 -17.24 -23.70 -19.80
C PHE C 46 -15.84 -24.26 -19.91
N LEU C 47 -15.74 -25.53 -20.35
CA LEU C 47 -14.47 -26.20 -20.53
C LEU C 47 -13.95 -25.88 -21.92
N VAL C 48 -12.76 -25.31 -21.99
CA VAL C 48 -12.15 -24.88 -23.25
C VAL C 48 -11.10 -25.91 -23.63
N VAL C 49 -11.29 -26.57 -24.77
CA VAL C 49 -10.29 -27.48 -25.31
C VAL C 49 -9.39 -26.66 -26.23
N GLY C 50 -8.39 -26.00 -25.64
CA GLY C 50 -7.50 -25.15 -26.41
C GLY C 50 -6.09 -25.26 -25.86
N SER C 51 -5.22 -24.43 -26.39
CA SER C 51 -3.81 -24.45 -26.01
C SER C 51 -3.56 -23.49 -24.86
N ARG C 52 -2.28 -23.28 -24.56
CA ARG C 52 -1.88 -22.28 -23.57
C ARG C 52 -2.21 -20.86 -24.02
N THR C 53 -2.25 -20.61 -25.34
CA THR C 53 -2.68 -19.32 -25.84
C THR C 53 -4.11 -19.00 -25.43
N CYS C 54 -5.02 -19.95 -25.56
CA CYS C 54 -6.41 -19.73 -25.19
C CYS C 54 -6.62 -19.60 -23.69
N ALA C 55 -5.91 -20.39 -22.88
CA ALA C 55 -5.93 -20.21 -21.43
C ALA C 55 -5.38 -18.86 -20.99
N HIS C 56 -4.27 -18.42 -21.60
CA HIS C 56 -3.73 -17.10 -21.33
C HIS C 56 -4.68 -15.98 -21.73
N LEU C 57 -5.35 -16.12 -22.88
CA LEU C 57 -6.38 -15.16 -23.26
C LEU C 57 -7.51 -15.14 -22.24
N LEU C 58 -7.97 -16.31 -21.82
CA LEU C 58 -9.06 -16.37 -20.86
C LEU C 58 -8.69 -15.66 -19.56
N GLN C 59 -7.49 -15.93 -19.04
CA GLN C 59 -7.09 -15.28 -17.80
C GLN C 59 -6.87 -13.78 -17.99
N SER C 60 -6.29 -13.37 -19.11
CA SER C 60 -6.04 -11.95 -19.35
C SER C 60 -7.35 -11.17 -19.49
N ALA C 61 -8.32 -11.75 -20.19
CA ALA C 61 -9.60 -11.06 -20.37
C ALA C 61 -10.43 -11.10 -19.09
N ALA C 62 -10.34 -12.18 -18.32
CA ALA C 62 -11.04 -12.23 -17.04
C ALA C 62 -10.48 -11.21 -16.07
N GLY C 63 -9.16 -11.06 -16.02
CA GLY C 63 -8.58 -10.08 -15.13
C GLY C 63 -8.71 -10.54 -13.68
N VAL C 64 -9.61 -9.90 -12.94
CA VAL C 64 -9.82 -10.24 -11.53
C VAL C 64 -10.66 -11.50 -11.38
N MET C 65 -11.42 -11.87 -12.42
CA MET C 65 -12.36 -12.98 -12.29
C MET C 65 -11.65 -14.30 -11.99
N ILE C 66 -10.46 -14.51 -12.57
CA ILE C 66 -9.75 -15.76 -12.38
C ILE C 66 -9.36 -15.98 -10.92
N PHE C 67 -9.18 -14.89 -10.17
CA PHE C 67 -8.83 -15.01 -8.76
C PHE C 67 -10.03 -15.35 -7.88
N ALA C 68 -11.24 -15.35 -8.43
CA ALA C 68 -12.45 -15.70 -7.70
C ALA C 68 -12.90 -17.13 -7.95
N GLU C 69 -12.05 -17.95 -8.58
CA GLU C 69 -12.37 -19.31 -8.98
C GLU C 69 -13.61 -19.34 -9.86
N PRO C 70 -13.51 -18.84 -11.08
CA PRO C 70 -14.69 -18.83 -11.97
C PRO C 70 -15.03 -20.22 -12.48
N ARG C 71 -16.14 -20.30 -13.21
CA ARG C 71 -16.62 -21.57 -13.75
C ARG C 71 -16.21 -21.81 -15.19
N PHE C 72 -15.04 -21.33 -15.59
CA PHE C 72 -14.49 -21.65 -16.91
C PHE C 72 -13.04 -22.11 -16.75
N GLY C 73 -12.66 -23.11 -17.53
CA GLY C 73 -11.30 -23.60 -17.50
C GLY C 73 -10.89 -24.07 -18.89
N THR C 74 -9.58 -24.20 -19.07
CA THR C 74 -8.99 -24.63 -20.33
C THR C 74 -8.30 -25.96 -20.14
N ALA C 75 -8.69 -26.95 -20.93
CA ALA C 75 -7.99 -28.23 -20.97
C ALA C 75 -6.86 -28.08 -21.98
N VAL C 76 -5.68 -27.70 -21.50
CA VAL C 76 -4.57 -27.38 -22.39
C VAL C 76 -4.09 -28.64 -23.08
N LEU C 77 -4.00 -28.58 -24.41
CA LEU C 77 -3.59 -29.71 -25.23
C LEU C 77 -2.08 -29.91 -25.12
N GLU C 78 -1.65 -31.17 -25.17
CA GLU C 78 -0.25 -31.51 -25.26
C GLU C 78 0.03 -32.14 -26.61
N GLU C 79 1.32 -32.37 -26.90
CA GLU C 79 1.71 -32.93 -28.19
C GLU C 79 1.10 -34.30 -28.40
N LYS C 80 1.09 -35.13 -27.35
CA LYS C 80 0.45 -36.44 -27.44
C LYS C 80 -1.05 -36.29 -27.69
N ASP C 81 -1.64 -35.18 -27.23
CA ASP C 81 -3.07 -34.96 -27.46
C ASP C 81 -3.34 -34.61 -28.93
N LEU C 82 -2.45 -33.83 -29.54
CA LEU C 82 -2.60 -33.55 -30.98
C LEU C 82 -2.37 -34.81 -31.80
N ALA C 83 -1.37 -35.62 -31.40
CA ALA C 83 -1.04 -36.80 -32.18
C ALA C 83 -2.16 -37.83 -32.14
N GLY C 84 -2.69 -38.10 -30.96
CA GLY C 84 -3.71 -39.14 -30.82
C GLY C 84 -5.11 -38.61 -30.62
N LEU C 85 -5.97 -38.76 -31.64
CA LEU C 85 -7.35 -38.30 -31.52
C LEU C 85 -8.10 -39.11 -30.46
N ALA C 86 -7.96 -40.44 -30.51
CA ALA C 86 -8.60 -41.27 -29.49
C ALA C 86 -8.02 -41.02 -28.11
N ASP C 87 -6.70 -40.83 -28.04
CA ASP C 87 -6.06 -40.51 -26.75
C ASP C 87 -6.56 -39.17 -26.23
N ALA C 88 -6.68 -38.18 -27.11
CA ALA C 88 -7.19 -36.88 -26.68
C ALA C 88 -8.63 -36.98 -26.20
N ASN C 89 -9.46 -37.76 -26.90
CA ASN C 89 -10.85 -37.93 -26.47
C ASN C 89 -10.94 -38.63 -25.12
N ALA C 90 -10.12 -39.67 -24.91
CA ALA C 90 -10.12 -40.36 -23.62
C ALA C 90 -9.65 -39.45 -22.50
N GLU C 91 -8.61 -38.65 -22.75
CA GLU C 91 -8.13 -37.73 -21.73
C GLU C 91 -9.15 -36.64 -21.44
N LEU C 92 -9.87 -36.17 -22.46
CA LEU C 92 -10.95 -35.22 -22.25
C LEU C 92 -12.07 -35.84 -21.41
N ASP C 93 -12.38 -37.11 -21.67
CA ASP C 93 -13.39 -37.81 -20.88
C ASP C 93 -12.97 -37.89 -19.41
N ARG C 94 -11.71 -38.25 -19.18
CA ARG C 94 -11.20 -38.29 -17.82
C ARG C 94 -11.25 -36.92 -17.15
N GLU C 95 -10.89 -35.87 -17.90
CA GLU C 95 -10.93 -34.52 -17.36
C GLU C 95 -12.35 -34.10 -17.00
N VAL C 96 -13.32 -34.46 -17.84
CA VAL C 96 -14.72 -34.13 -17.56
C VAL C 96 -15.20 -34.87 -16.32
N ASP C 97 -14.83 -36.15 -16.20
CA ASP C 97 -15.20 -36.90 -14.99
C ASP C 97 -14.62 -36.25 -13.74
N ARG C 98 -13.34 -35.85 -13.81
CA ARG C 98 -12.71 -35.21 -12.66
C ARG C 98 -13.35 -33.86 -12.36
N LEU C 99 -13.71 -33.11 -13.40
CA LEU C 99 -14.40 -31.84 -13.20
C LEU C 99 -15.72 -32.03 -12.45
N LEU C 100 -16.54 -32.98 -12.91
CA LEU C 100 -17.84 -33.17 -12.30
C LEU C 100 -17.73 -33.73 -10.89
N ALA C 101 -16.72 -34.56 -10.64
CA ALA C 101 -16.45 -34.97 -9.27
C ALA C 101 -16.04 -33.78 -8.40
N ARG C 102 -15.21 -32.89 -8.95
CA ARG C 102 -14.73 -31.73 -8.20
C ARG C 102 -15.84 -30.72 -7.96
N ARG C 103 -16.68 -30.48 -8.96
CA ARG C 103 -17.73 -29.46 -8.89
C ARG C 103 -19.07 -30.09 -9.20
N PRO C 104 -19.68 -30.77 -8.22
CA PRO C 104 -21.02 -31.36 -8.44
C PRO C 104 -22.11 -30.33 -8.68
N ASP C 105 -21.89 -29.06 -8.31
CA ASP C 105 -22.93 -28.05 -8.48
C ASP C 105 -23.20 -27.77 -9.96
N ILE C 106 -22.26 -28.12 -10.84
CA ILE C 106 -22.45 -27.89 -12.27
C ILE C 106 -23.57 -28.80 -12.78
N ARG C 107 -24.52 -28.21 -13.49
CA ARG C 107 -25.61 -28.97 -14.10
C ARG C 107 -25.57 -28.99 -15.62
N GLN C 108 -24.80 -28.09 -16.24
CA GLN C 108 -24.63 -28.07 -17.69
C GLN C 108 -23.18 -27.75 -18.02
N LEU C 109 -22.50 -28.68 -18.68
CA LEU C 109 -21.12 -28.51 -19.06
C LEU C 109 -21.06 -28.05 -20.52
N PHE C 110 -20.25 -27.03 -20.79
CA PHE C 110 -20.13 -26.46 -22.12
C PHE C 110 -18.74 -26.76 -22.68
N LEU C 111 -18.65 -27.80 -23.49
CA LEU C 111 -17.42 -28.11 -24.19
C LEU C 111 -17.25 -27.15 -25.35
N VAL C 112 -16.49 -26.08 -25.14
CA VAL C 112 -16.33 -25.04 -26.14
C VAL C 112 -15.16 -25.42 -27.04
N GLY C 113 -15.29 -25.11 -28.33
CA GLY C 113 -14.21 -25.36 -29.25
C GLY C 113 -13.16 -24.26 -29.21
N SER C 114 -12.07 -24.51 -29.91
CA SER C 114 -10.98 -23.54 -30.01
C SER C 114 -10.29 -23.72 -31.34
N CYS C 115 -9.33 -22.81 -31.61
CA CYS C 115 -8.60 -22.89 -32.87
C CYS C 115 -7.79 -24.18 -32.98
N PRO C 116 -6.96 -24.57 -32.00
CA PRO C 116 -6.30 -25.88 -32.11
C PRO C 116 -7.28 -27.04 -32.15
N SER C 117 -8.32 -27.01 -31.30
CA SER C 117 -9.28 -28.10 -31.29
C SER C 117 -9.95 -28.27 -32.65
N GLU C 118 -10.09 -27.17 -33.40
CA GLU C 118 -10.58 -27.29 -34.76
C GLU C 118 -9.52 -27.86 -35.70
N VAL C 119 -8.27 -27.41 -35.56
CA VAL C 119 -7.22 -27.86 -36.49
C VAL C 119 -6.95 -29.36 -36.31
N ILE C 120 -6.96 -29.82 -35.06
CA ILE C 120 -6.74 -31.24 -34.78
C ILE C 120 -7.95 -32.04 -35.23
N LYS C 121 -9.02 -31.34 -35.61
CA LYS C 121 -10.31 -31.96 -35.94
C LYS C 121 -10.83 -32.76 -34.75
N LEU C 122 -10.64 -32.21 -33.57
CA LEU C 122 -11.18 -32.79 -32.34
C LEU C 122 -12.67 -32.53 -32.31
N ASP C 123 -13.46 -33.49 -32.79
CA ASP C 123 -14.90 -33.32 -32.90
C ASP C 123 -15.51 -33.28 -31.50
N LEU C 124 -15.85 -32.09 -31.04
CA LEU C 124 -16.47 -31.91 -29.73
C LEU C 124 -17.93 -32.31 -29.71
N HIS C 125 -18.56 -32.45 -30.88
CA HIS C 125 -19.94 -32.95 -30.91
C HIS C 125 -20.02 -34.38 -30.41
N ARG C 126 -19.12 -35.25 -30.89
CA ARG C 126 -19.12 -36.64 -30.44
C ARG C 126 -18.82 -36.74 -28.95
N ALA C 127 -17.84 -35.95 -28.48
CA ALA C 127 -17.52 -35.94 -27.05
C ALA C 127 -18.72 -35.46 -26.24
N ALA C 128 -19.41 -34.44 -26.72
CA ALA C 128 -20.59 -33.94 -26.02
C ALA C 128 -21.67 -34.99 -25.93
N GLU C 129 -21.96 -35.69 -27.03
CA GLU C 129 -22.95 -36.76 -26.98
C GLU C 129 -22.53 -37.87 -26.03
N ARG C 130 -21.27 -38.28 -26.06
CA ARG C 130 -20.80 -39.37 -25.22
C ARG C 130 -20.92 -39.00 -23.74
N LEU C 131 -20.45 -37.79 -23.38
CA LEU C 131 -20.48 -37.37 -21.99
C LEU C 131 -21.90 -37.09 -21.51
N SER C 132 -22.78 -36.63 -22.40
CA SER C 132 -24.19 -36.53 -22.05
C SER C 132 -24.79 -37.90 -21.81
N ALA C 133 -24.35 -38.89 -22.59
CA ALA C 133 -24.84 -40.25 -22.39
C ALA C 133 -24.43 -40.79 -21.03
N HIS C 134 -23.16 -40.62 -20.67
CA HIS C 134 -22.65 -41.30 -19.46
C HIS C 134 -22.96 -40.48 -18.20
N HIS C 135 -23.00 -39.16 -18.32
CA HIS C 135 -23.29 -38.26 -17.20
C HIS C 135 -24.69 -37.65 -17.31
N GLY C 136 -25.64 -38.38 -17.87
CA GLY C 136 -26.98 -37.86 -18.02
C GLY C 136 -27.95 -38.41 -17.00
N PRO C 137 -28.96 -37.61 -16.61
CA PRO C 137 -29.20 -36.22 -17.02
C PRO C 137 -28.63 -35.22 -16.02
N ALA C 138 -27.76 -35.66 -15.10
CA ALA C 138 -27.25 -34.80 -14.06
C ALA C 138 -26.49 -33.61 -14.64
N VAL C 139 -25.70 -33.84 -15.67
CA VAL C 139 -24.96 -32.79 -16.35
C VAL C 139 -25.19 -32.95 -17.86
N ARG C 140 -25.63 -31.86 -18.49
CA ARG C 140 -25.89 -31.85 -19.93
C ARG C 140 -24.69 -31.20 -20.62
N VAL C 141 -24.08 -31.92 -21.54
CA VAL C 141 -22.86 -31.48 -22.20
C VAL C 141 -23.23 -30.99 -23.60
N TYR C 142 -23.21 -29.67 -23.78
CA TYR C 142 -23.43 -29.05 -25.08
C TYR C 142 -22.10 -28.66 -25.70
N ASN C 143 -22.10 -28.53 -27.02
CA ASN C 143 -20.91 -28.21 -27.79
C ASN C 143 -21.16 -26.95 -28.60
N PHE C 144 -20.27 -25.97 -28.46
CA PHE C 144 -20.25 -24.79 -29.30
C PHE C 144 -18.80 -24.37 -29.50
N SER C 145 -18.57 -23.51 -30.48
CA SER C 145 -17.22 -23.11 -30.85
C SER C 145 -16.99 -21.65 -30.48
N GLY C 146 -15.95 -21.41 -29.69
CA GLY C 146 -15.44 -20.08 -29.46
C GLY C 146 -14.19 -19.77 -30.25
N SER C 147 -13.85 -20.60 -31.23
CA SER C 147 -12.61 -20.42 -31.99
C SER C 147 -12.63 -19.11 -32.76
N GLY C 148 -11.52 -18.38 -32.69
CA GLY C 148 -11.41 -17.16 -33.47
C GLY C 148 -11.26 -17.43 -34.95
N ILE C 149 -10.90 -18.67 -35.30
CA ILE C 149 -10.93 -19.08 -36.70
C ILE C 149 -12.34 -19.00 -37.25
N GLU C 150 -13.35 -19.27 -36.41
CA GLU C 150 -14.74 -19.16 -36.81
C GLU C 150 -15.46 -17.97 -36.19
N THR C 151 -15.33 -17.73 -34.89
CA THR C 151 -16.14 -16.74 -34.19
C THR C 151 -15.29 -15.56 -33.75
N THR C 152 -15.93 -14.60 -33.08
CA THR C 152 -15.26 -13.38 -32.66
C THR C 152 -16.04 -12.74 -31.53
N PHE C 153 -15.42 -12.61 -30.36
CA PHE C 153 -15.96 -11.87 -29.22
C PHE C 153 -17.36 -12.34 -28.83
N THR C 154 -18.35 -11.50 -29.09
CA THR C 154 -19.75 -11.79 -28.77
C THR C 154 -20.32 -12.97 -29.57
N GLN C 155 -19.66 -13.35 -30.66
CA GLN C 155 -20.08 -14.55 -31.36
C GLN C 155 -19.91 -15.80 -30.51
N GLY C 156 -19.08 -15.72 -29.47
CA GLY C 156 -19.04 -16.80 -28.49
C GLY C 156 -20.34 -16.93 -27.71
N GLU C 157 -20.88 -15.80 -27.25
CA GLU C 157 -22.21 -15.81 -26.62
C GLU C 157 -23.27 -16.30 -27.59
N ASP C 158 -23.19 -15.85 -28.85
CA ASP C 158 -24.15 -16.30 -29.85
C ASP C 158 -24.06 -17.80 -30.08
N ALA C 159 -22.83 -18.34 -30.17
CA ALA C 159 -22.66 -19.77 -30.35
C ALA C 159 -23.16 -20.56 -29.15
N CYS C 160 -22.92 -20.05 -27.94
CA CYS C 160 -23.42 -20.73 -26.74
C CYS C 160 -24.94 -20.79 -26.75
N LEU C 161 -25.60 -19.68 -27.07
CA LEU C 161 -27.06 -19.66 -27.10
C LEU C 161 -27.59 -20.55 -28.23
N ALA C 162 -26.93 -20.53 -29.38
CA ALA C 162 -27.38 -21.35 -30.51
C ALA C 162 -27.17 -22.83 -30.24
N SER C 163 -26.20 -23.16 -29.39
CA SER C 163 -26.03 -24.55 -28.96
C SER C 163 -27.07 -24.94 -27.93
N ILE C 164 -27.47 -23.98 -27.09
CA ILE C 164 -28.54 -24.24 -26.12
C ILE C 164 -29.86 -24.51 -26.83
N VAL C 165 -30.14 -23.76 -27.90
CA VAL C 165 -31.51 -23.74 -28.46
C VAL C 165 -32.02 -25.13 -28.85
N PRO C 166 -31.30 -25.97 -29.58
CA PRO C 166 -31.91 -27.22 -30.07
C PRO C 166 -32.41 -28.15 -28.96
N THR C 167 -31.79 -28.13 -27.80
CA THR C 167 -32.16 -29.03 -26.71
C THR C 167 -33.34 -28.52 -25.89
N LEU C 168 -33.87 -27.35 -26.21
CA LEU C 168 -34.96 -26.80 -25.43
C LEU C 168 -36.23 -27.63 -25.62
N PRO C 169 -37.04 -27.80 -24.58
CA PRO C 169 -38.28 -28.56 -24.73
C PRO C 169 -39.29 -27.83 -25.59
N ALA C 170 -40.18 -28.62 -26.19
CA ALA C 170 -41.25 -28.07 -27.01
C ALA C 170 -42.43 -27.65 -26.14
N THR C 171 -43.07 -26.55 -26.52
CA THR C 171 -44.22 -26.03 -25.79
C THR C 171 -45.30 -25.62 -26.77
N GLU C 172 -46.55 -25.70 -26.31
CA GLU C 172 -47.70 -25.23 -27.07
C GLU C 172 -48.19 -23.87 -26.61
N ALA C 173 -47.51 -23.24 -25.66
CA ALA C 173 -47.99 -21.99 -25.10
C ALA C 173 -47.45 -20.79 -25.88
N ARG C 174 -48.12 -19.65 -25.71
CA ARG C 174 -47.69 -18.39 -26.31
C ARG C 174 -46.81 -17.68 -25.29
N GLU C 175 -45.51 -17.93 -25.40
CA GLU C 175 -44.52 -17.44 -24.44
C GLU C 175 -43.57 -16.47 -25.11
N LEU C 176 -43.24 -15.38 -24.42
CA LEU C 176 -42.23 -14.47 -24.91
C LEU C 176 -40.86 -14.89 -24.39
N LEU C 177 -39.89 -14.96 -25.29
CA LEU C 177 -38.52 -15.37 -24.95
C LEU C 177 -37.61 -14.15 -25.02
N LEU C 178 -37.05 -13.77 -23.88
CA LEU C 178 -36.13 -12.64 -23.82
C LEU C 178 -34.72 -13.16 -24.09
N VAL C 179 -34.41 -13.28 -25.39
CA VAL C 179 -33.13 -13.83 -25.81
C VAL C 179 -32.03 -12.82 -25.57
N GLY C 180 -30.95 -13.25 -24.96
CA GLY C 180 -29.82 -12.40 -24.65
C GLY C 180 -29.46 -12.52 -23.18
N ALA C 181 -28.17 -12.43 -22.89
CA ALA C 181 -27.65 -12.51 -21.53
C ALA C 181 -27.45 -11.09 -21.02
N LEU C 182 -28.07 -10.79 -19.89
CA LEU C 182 -28.10 -9.43 -19.38
C LEU C 182 -27.67 -9.40 -17.91
N PRO C 183 -27.16 -8.26 -17.43
CA PRO C 183 -26.92 -8.12 -16.00
C PRO C 183 -28.22 -8.27 -15.21
N ASP C 184 -28.10 -8.81 -14.00
CA ASP C 184 -29.28 -9.20 -13.23
C ASP C 184 -30.19 -8.00 -12.95
N VAL C 185 -29.60 -6.83 -12.66
CA VAL C 185 -30.41 -5.65 -12.44
C VAL C 185 -31.11 -5.22 -13.73
N VAL C 186 -30.42 -5.36 -14.86
CA VAL C 186 -31.01 -4.98 -16.14
C VAL C 186 -32.13 -5.95 -16.52
N GLU C 187 -31.90 -7.25 -16.30
CA GLU C 187 -32.94 -8.23 -16.56
C GLU C 187 -34.15 -8.02 -15.65
N ASP C 188 -33.91 -7.66 -14.38
CA ASP C 188 -35.00 -7.38 -13.46
C ASP C 188 -35.80 -6.16 -13.93
N GLN C 189 -35.11 -5.11 -14.37
CA GLN C 189 -35.82 -3.96 -14.92
C GLN C 189 -36.63 -4.36 -16.15
N ALA C 190 -36.07 -5.22 -17.00
CA ALA C 190 -36.78 -5.69 -18.18
C ALA C 190 -38.08 -6.39 -17.81
N VAL C 191 -37.99 -7.38 -16.92
CA VAL C 191 -39.19 -8.15 -16.58
C VAL C 191 -40.21 -7.28 -15.85
N SER C 192 -39.72 -6.36 -14.99
CA SER C 192 -40.63 -5.46 -14.29
C SER C 192 -41.38 -4.57 -15.27
N LEU C 193 -40.67 -3.94 -16.20
CA LEU C 193 -41.32 -3.09 -17.18
C LEU C 193 -42.29 -3.86 -18.05
N LEU C 194 -41.90 -5.06 -18.47
CA LEU C 194 -42.79 -5.87 -19.31
C LEU C 194 -44.05 -6.26 -18.55
N THR C 195 -43.91 -6.73 -17.31
CA THR C 195 -45.07 -7.11 -16.52
C THR C 195 -45.98 -5.92 -16.27
N GLN C 196 -45.40 -4.74 -16.05
CA GLN C 196 -46.21 -3.54 -15.91
C GLN C 196 -46.94 -3.22 -17.20
N LEU C 197 -46.31 -3.49 -18.35
CA LEU C 197 -46.96 -3.22 -19.62
C LEU C 197 -48.23 -4.04 -19.82
N GLY C 198 -48.18 -5.32 -19.47
CA GLY C 198 -49.32 -6.21 -19.62
C GLY C 198 -49.08 -7.44 -20.48
N ILE C 199 -47.83 -7.76 -20.80
CA ILE C 199 -47.53 -8.94 -21.59
C ILE C 199 -47.79 -10.23 -20.80
N GLY C 200 -47.69 -11.35 -21.50
CA GLY C 200 -47.87 -12.65 -20.88
C GLY C 200 -46.60 -13.17 -20.23
N PRO C 201 -46.23 -14.42 -20.52
CA PRO C 201 -45.06 -15.02 -19.89
C PRO C 201 -43.77 -14.44 -20.47
N VAL C 202 -42.78 -14.22 -19.61
CA VAL C 202 -41.46 -13.78 -20.01
C VAL C 202 -40.46 -14.81 -19.50
N ARG C 203 -39.65 -15.34 -20.41
CA ARG C 203 -38.56 -16.24 -20.06
C ARG C 203 -37.29 -15.77 -20.76
N CYS C 204 -36.16 -16.08 -20.17
CA CYS C 204 -34.85 -15.74 -20.73
C CYS C 204 -34.14 -17.00 -21.16
N LEU C 205 -33.70 -17.04 -22.42
CA LEU C 205 -32.99 -18.21 -22.93
C LEU C 205 -31.70 -18.50 -22.18
N PRO C 206 -30.82 -17.52 -21.88
CA PRO C 206 -29.70 -17.83 -20.96
C PRO C 206 -30.20 -17.93 -19.52
N ALA C 207 -30.88 -19.04 -19.23
CA ALA C 207 -31.48 -19.23 -17.91
C ALA C 207 -30.41 -19.34 -16.84
N HIS C 208 -30.75 -18.89 -15.64
CA HIS C 208 -29.82 -18.96 -14.52
C HIS C 208 -29.48 -20.41 -14.18
N HIS C 209 -30.46 -21.29 -14.25
CA HIS C 209 -30.26 -22.71 -13.97
C HIS C 209 -30.92 -23.54 -15.06
N ALA C 210 -30.43 -24.77 -15.20
CA ALA C 210 -30.92 -25.65 -16.26
C ALA C 210 -32.40 -25.97 -16.09
N ALA C 211 -32.88 -26.01 -14.84
CA ALA C 211 -34.29 -26.30 -14.60
C ALA C 211 -35.19 -25.21 -15.15
N GLU C 212 -34.69 -23.97 -15.24
CA GLU C 212 -35.47 -22.85 -15.75
C GLU C 212 -35.32 -22.65 -17.25
N ALA C 213 -34.92 -23.68 -17.98
CA ALA C 213 -34.79 -23.56 -19.42
C ALA C 213 -36.16 -23.37 -20.06
N PRO C 214 -36.35 -22.33 -20.87
CA PRO C 214 -37.68 -22.08 -21.45
C PRO C 214 -38.00 -23.07 -22.55
N GLY C 215 -39.26 -23.04 -22.97
CA GLY C 215 -39.75 -23.89 -24.04
C GLY C 215 -40.04 -23.06 -25.29
N VAL C 216 -39.72 -23.63 -26.45
CA VAL C 216 -39.90 -22.96 -27.73
C VAL C 216 -40.86 -23.78 -28.57
N GLY C 217 -41.88 -23.13 -29.13
CA GLY C 217 -42.83 -23.79 -29.99
C GLY C 217 -43.23 -22.90 -31.15
N PRO C 218 -44.15 -23.38 -31.99
CA PRO C 218 -44.63 -22.54 -33.10
C PRO C 218 -45.24 -21.22 -32.65
N ASN C 219 -45.92 -21.22 -31.50
CA ASN C 219 -46.51 -20.00 -30.97
C ASN C 219 -45.50 -19.14 -30.21
N THR C 220 -44.32 -19.66 -29.90
CA THR C 220 -43.33 -18.88 -29.17
C THR C 220 -42.84 -17.72 -30.01
N VAL C 221 -42.73 -16.55 -29.38
CA VAL C 221 -42.24 -15.34 -30.02
C VAL C 221 -41.12 -14.76 -29.17
N PHE C 222 -40.01 -14.41 -29.79
CA PHE C 222 -38.80 -14.04 -29.08
C PHE C 222 -38.34 -12.65 -29.49
N ALA C 223 -37.67 -11.96 -28.57
CA ALA C 223 -37.15 -10.62 -28.80
C ALA C 223 -35.66 -10.59 -28.46
N LEU C 224 -34.86 -10.02 -29.35
CA LEU C 224 -33.42 -9.99 -29.20
C LEU C 224 -33.04 -8.77 -28.37
N VAL C 225 -32.12 -8.95 -27.43
CA VAL C 225 -31.70 -7.84 -26.58
C VAL C 225 -30.35 -7.29 -27.04
N GLN C 226 -29.46 -8.16 -27.49
CA GLN C 226 -28.13 -7.75 -27.93
C GLN C 226 -27.99 -7.92 -29.44
N PRO C 227 -27.36 -6.95 -30.13
CA PRO C 227 -27.30 -6.96 -31.59
C PRO C 227 -26.25 -7.89 -32.19
N PHE C 228 -26.07 -9.04 -31.57
CA PHE C 228 -25.15 -10.02 -32.13
C PHE C 228 -25.67 -11.45 -32.04
N LEU C 229 -26.94 -11.66 -31.73
CA LEU C 229 -27.48 -13.02 -31.61
C LEU C 229 -28.08 -13.49 -32.93
N GLY C 230 -27.29 -13.43 -34.01
CA GLY C 230 -27.77 -13.87 -35.30
C GLY C 230 -27.97 -15.37 -35.39
N ASP C 231 -26.98 -16.15 -34.94
CA ASP C 231 -27.11 -17.60 -34.98
C ASP C 231 -28.17 -18.08 -33.99
N THR C 232 -28.30 -17.41 -32.86
CA THR C 232 -29.40 -17.71 -31.95
C THR C 232 -30.74 -17.40 -32.61
N HIS C 233 -30.83 -16.29 -33.35
CA HIS C 233 -32.04 -15.97 -34.09
C HIS C 233 -32.37 -17.08 -35.07
N GLY C 234 -31.38 -17.54 -35.83
CA GLY C 234 -31.62 -18.62 -36.78
C GLY C 234 -32.04 -19.91 -36.11
N ALA C 235 -31.37 -20.27 -35.01
CA ALA C 235 -31.70 -21.50 -34.31
C ALA C 235 -33.10 -21.46 -33.74
N LEU C 236 -33.52 -20.31 -33.22
CA LEU C 236 -34.87 -20.18 -32.70
C LEU C 236 -35.90 -20.18 -33.83
N THR C 237 -35.54 -19.60 -34.98
CA THR C 237 -36.44 -19.61 -36.13
C THR C 237 -36.64 -21.03 -36.66
N ARG C 238 -35.59 -21.85 -36.58
CA ARG C 238 -35.71 -23.25 -37.00
C ARG C 238 -36.74 -23.99 -36.16
N ARG C 239 -36.85 -23.64 -34.88
CA ARG C 239 -37.79 -24.28 -33.97
C ARG C 239 -39.21 -23.74 -34.13
N GLY C 240 -39.42 -22.71 -34.94
CA GLY C 240 -40.73 -22.13 -35.14
C GLY C 240 -40.97 -20.81 -34.42
N ALA C 241 -39.99 -20.31 -33.68
CA ALA C 241 -40.15 -19.04 -33.00
C ALA C 241 -40.11 -17.89 -33.99
N ARG C 242 -40.73 -16.77 -33.60
CA ARG C 242 -40.83 -15.58 -34.44
C ARG C 242 -40.12 -14.42 -33.76
N HIS C 243 -39.40 -13.63 -34.56
CA HIS C 243 -38.58 -12.55 -34.03
C HIS C 243 -39.38 -11.25 -33.91
N ILE C 244 -39.26 -10.60 -32.77
CA ILE C 244 -39.82 -9.25 -32.59
C ILE C 244 -38.69 -8.29 -32.97
N ALA C 245 -38.65 -7.94 -34.25
CA ALA C 245 -37.62 -7.04 -34.74
C ALA C 245 -37.85 -5.64 -34.17
N ALA C 246 -36.97 -5.23 -33.26
CA ALA C 246 -37.10 -3.96 -32.57
C ALA C 246 -35.73 -3.31 -32.46
N PRO C 247 -35.67 -1.98 -32.37
CA PRO C 247 -34.40 -1.34 -31.99
C PRO C 247 -33.96 -1.82 -30.62
N PHE C 248 -32.66 -2.06 -30.48
CA PHE C 248 -32.13 -2.70 -29.29
C PHE C 248 -32.19 -1.76 -28.10
N PRO C 249 -32.46 -2.27 -26.90
CA PRO C 249 -32.77 -1.41 -25.73
C PRO C 249 -31.57 -0.62 -25.23
N PHE C 250 -31.16 0.36 -26.02
CA PHE C 250 -30.04 1.24 -25.67
C PHE C 250 -30.55 2.67 -25.62
N GLY C 251 -30.57 3.25 -24.43
CA GLY C 251 -31.06 4.59 -24.25
C GLY C 251 -32.57 4.66 -24.16
N GLU C 252 -33.06 5.90 -23.95
CA GLU C 252 -34.48 6.13 -23.76
C GLU C 252 -35.29 5.72 -24.98
N GLU C 253 -34.91 6.23 -26.16
CA GLU C 253 -35.67 5.92 -27.38
C GLU C 253 -35.53 4.45 -27.75
N GLY C 254 -34.34 3.89 -27.59
CA GLY C 254 -34.14 2.49 -27.91
C GLY C 254 -35.01 1.58 -27.05
N THR C 255 -35.02 1.81 -25.73
CA THR C 255 -35.89 1.03 -24.86
C THR C 255 -37.35 1.26 -25.21
N THR C 256 -37.73 2.51 -25.49
CA THR C 256 -39.11 2.82 -25.83
C THR C 256 -39.56 2.04 -27.05
N LEU C 257 -38.75 2.03 -28.10
CA LEU C 257 -39.14 1.36 -29.34
C LEU C 257 -39.08 -0.16 -29.17
N TRP C 258 -38.14 -0.66 -28.36
CA TRP C 258 -38.12 -2.10 -28.08
C TRP C 258 -39.43 -2.52 -27.43
N LEU C 259 -39.82 -1.83 -26.36
CA LEU C 259 -41.04 -2.18 -25.65
C LEU C 259 -42.27 -1.96 -26.52
N LYS C 260 -42.25 -0.92 -27.36
CA LYS C 260 -43.38 -0.68 -28.26
C LYS C 260 -43.54 -1.82 -29.26
N ALA C 261 -42.43 -2.31 -29.81
CA ALA C 261 -42.50 -3.41 -30.77
C ALA C 261 -42.96 -4.70 -30.08
N ILE C 262 -42.53 -4.93 -28.84
CA ILE C 262 -43.04 -6.09 -28.11
C ILE C 262 -44.54 -5.92 -27.82
N ALA C 263 -44.96 -4.70 -27.52
CA ALA C 263 -46.36 -4.43 -27.22
C ALA C 263 -47.24 -4.67 -28.44
N ASP C 264 -46.81 -4.21 -29.62
CA ASP C 264 -47.59 -4.42 -30.83
C ASP C 264 -47.81 -5.91 -31.11
N GLU C 265 -46.87 -6.75 -30.69
CA GLU C 265 -47.02 -8.19 -30.80
C GLU C 265 -47.88 -8.77 -29.68
N PHE C 266 -48.10 -8.02 -28.60
CA PHE C 266 -48.84 -8.51 -27.46
C PHE C 266 -50.15 -7.77 -27.21
N GLY C 267 -50.51 -6.81 -28.04
CA GLY C 267 -51.78 -6.13 -27.92
C GLY C 267 -51.82 -4.99 -26.92
N VAL C 268 -50.69 -4.62 -26.32
CA VAL C 268 -50.68 -3.51 -25.38
C VAL C 268 -50.90 -2.21 -26.15
N SER C 269 -51.91 -1.45 -25.74
CA SER C 269 -52.31 -0.24 -26.45
C SER C 269 -51.44 0.95 -26.05
N ALA C 270 -51.69 2.07 -26.71
CA ALA C 270 -50.90 3.28 -26.45
C ALA C 270 -51.20 3.83 -25.06
N GLU C 271 -52.46 3.71 -24.60
CA GLU C 271 -52.84 4.27 -23.31
C GLU C 271 -52.08 3.60 -22.17
N THR C 272 -52.10 2.27 -22.12
CA THR C 272 -51.40 1.56 -21.06
C THR C 272 -49.89 1.73 -21.19
N PHE C 273 -49.38 1.74 -22.42
CA PHE C 273 -47.95 1.92 -22.64
C PHE C 273 -47.48 3.27 -22.11
N GLU C 274 -48.24 4.32 -22.38
CA GLU C 274 -47.90 5.65 -21.88
C GLU C 274 -48.22 5.82 -20.40
N ALA C 275 -49.10 4.99 -19.84
CA ALA C 275 -49.32 5.01 -18.40
C ALA C 275 -48.27 4.21 -17.65
N VAL C 276 -47.49 3.38 -18.35
CA VAL C 276 -46.45 2.58 -17.71
C VAL C 276 -45.06 3.14 -17.98
N THR C 277 -44.75 3.45 -19.24
CA THR C 277 -43.40 3.82 -19.62
C THR C 277 -43.14 5.33 -19.63
N ALA C 278 -44.08 6.15 -19.16
CA ALA C 278 -43.89 7.58 -19.21
C ALA C 278 -42.87 8.03 -18.18
N ALA C 279 -43.00 7.55 -16.95
CA ALA C 279 -42.06 7.94 -15.89
C ALA C 279 -40.64 7.50 -16.20
N PRO C 280 -40.36 6.22 -16.51
CA PRO C 280 -38.96 5.84 -16.85
C PRO C 280 -38.40 6.54 -18.07
N ARG C 281 -39.22 6.75 -19.10
CA ARG C 281 -38.79 7.51 -20.27
C ARG C 281 -38.41 8.93 -19.89
N ALA C 282 -39.25 9.58 -19.08
CA ALA C 282 -39.01 10.96 -18.70
C ALA C 282 -37.74 11.09 -17.87
N ARG C 283 -37.51 10.17 -16.94
CA ARG C 283 -36.31 10.28 -16.12
C ARG C 283 -35.07 9.87 -16.90
N ALA C 284 -35.19 8.88 -17.78
CA ALA C 284 -34.04 8.45 -18.58
C ALA C 284 -33.59 9.54 -19.55
N ARG C 285 -34.55 10.26 -20.15
CA ARG C 285 -34.16 11.35 -21.03
C ARG C 285 -33.39 12.42 -20.28
N LYS C 286 -33.84 12.77 -19.07
CA LYS C 286 -33.13 13.76 -18.27
C LYS C 286 -31.75 13.26 -17.87
N ALA C 287 -31.65 11.97 -17.50
CA ALA C 287 -30.35 11.41 -17.13
C ALA C 287 -29.39 11.44 -18.31
N VAL C 288 -29.85 11.08 -19.50
CA VAL C 288 -29.01 11.10 -20.68
C VAL C 288 -28.57 12.53 -21.00
N ALA C 289 -29.50 13.49 -20.89
CA ALA C 289 -29.15 14.88 -21.15
C ALA C 289 -28.11 15.39 -20.16
N ALA C 290 -28.23 14.99 -18.89
CA ALA C 290 -27.27 15.43 -17.89
C ALA C 290 -25.91 14.76 -18.08
N ALA C 291 -25.90 13.49 -18.50
CA ALA C 291 -24.67 12.73 -18.62
C ALA C 291 -24.05 12.79 -20.01
N SER C 292 -24.64 13.56 -20.93
CA SER C 292 -24.11 13.69 -22.28
C SER C 292 -23.83 15.14 -22.66
N GLU C 293 -23.39 15.96 -21.71
CA GLU C 293 -23.21 17.38 -21.95
C GLU C 293 -22.09 17.62 -22.97
N GLY C 294 -20.95 16.94 -22.78
CA GLY C 294 -19.82 17.16 -23.67
C GLY C 294 -19.92 16.37 -24.96
N LEU C 295 -20.82 15.39 -25.01
CA LEU C 295 -20.93 14.55 -26.20
C LEU C 295 -21.61 15.29 -27.35
N ARG C 296 -22.49 16.23 -27.02
CA ARG C 296 -23.29 16.90 -28.06
C ARG C 296 -22.40 17.69 -29.01
N GLY C 297 -22.59 17.45 -30.31
CA GLY C 297 -21.81 18.14 -31.32
C GLY C 297 -20.43 17.57 -31.56
N LYS C 298 -20.17 16.33 -31.15
CA LYS C 298 -18.86 15.71 -31.30
C LYS C 298 -18.97 14.42 -32.10
N SER C 299 -17.96 14.17 -32.92
CA SER C 299 -17.94 12.98 -33.75
C SER C 299 -17.43 11.77 -32.97
N VAL C 300 -17.92 10.60 -33.34
CA VAL C 300 -17.54 9.36 -32.69
C VAL C 300 -17.21 8.32 -33.75
N PHE C 301 -16.08 7.62 -33.57
CA PHE C 301 -15.61 6.61 -34.51
C PHE C 301 -15.75 5.24 -33.86
N PHE C 302 -16.30 4.28 -34.60
CA PHE C 302 -16.51 2.94 -34.10
C PHE C 302 -15.64 1.95 -34.87
N LEU C 303 -14.87 1.15 -34.14
CA LEU C 303 -14.09 0.07 -34.70
C LEU C 303 -14.71 -1.27 -34.32
N PRO C 304 -14.59 -2.28 -35.18
CA PRO C 304 -15.36 -3.51 -34.99
C PRO C 304 -14.88 -4.34 -33.82
N ASP C 305 -15.63 -4.34 -32.71
CA ASP C 305 -15.30 -5.23 -31.60
C ASP C 305 -16.43 -6.19 -31.28
N SER C 306 -17.63 -5.68 -31.01
CA SER C 306 -18.67 -6.45 -30.34
C SER C 306 -20.01 -6.44 -31.07
N GLN C 307 -20.09 -5.87 -32.27
CA GLN C 307 -21.31 -5.75 -33.06
C GLN C 307 -22.36 -4.86 -32.38
N LEU C 308 -22.04 -4.24 -31.25
CA LEU C 308 -22.90 -3.27 -30.60
C LEU C 308 -22.82 -1.90 -31.26
N GLU C 309 -21.89 -1.72 -32.19
CA GLU C 309 -21.60 -0.39 -32.70
C GLU C 309 -22.76 0.28 -33.44
N PRO C 310 -23.53 -0.38 -34.31
CA PRO C 310 -24.65 0.34 -34.96
C PRO C 310 -25.79 0.69 -34.00
N SER C 311 -26.21 -0.29 -33.21
CA SER C 311 -27.36 -0.10 -32.32
C SER C 311 -27.06 0.87 -31.18
N LEU C 312 -25.78 1.16 -30.94
CA LEU C 312 -25.38 2.14 -29.93
C LEU C 312 -24.92 3.45 -30.54
N ALA C 313 -24.41 3.42 -31.77
CA ALA C 313 -24.21 4.64 -32.52
C ALA C 313 -25.53 5.33 -32.78
N ARG C 314 -26.61 4.56 -32.92
CA ARG C 314 -27.92 5.18 -33.02
C ARG C 314 -28.26 5.98 -31.76
N PHE C 315 -27.99 5.39 -30.59
CA PHE C 315 -28.21 6.12 -29.34
C PHE C 315 -27.34 7.38 -29.28
N LEU C 316 -26.07 7.24 -29.61
CA LEU C 316 -25.16 8.40 -29.54
C LEU C 316 -25.58 9.49 -30.51
N THR C 317 -26.04 9.12 -31.70
CA THR C 317 -26.41 10.12 -32.71
C THR C 317 -27.72 10.80 -32.36
N ARG C 318 -28.73 10.03 -31.94
CA ARG C 318 -30.06 10.61 -31.73
C ARG C 318 -30.16 11.29 -30.36
N GLU C 319 -29.82 10.55 -29.30
CA GLU C 319 -29.96 11.09 -27.94
C GLU C 319 -28.84 12.08 -27.61
N CYS C 320 -27.60 11.60 -27.66
CA CYS C 320 -26.46 12.40 -27.19
C CYS C 320 -26.06 13.49 -28.17
N GLY C 321 -26.63 13.54 -29.36
CA GLY C 321 -26.27 14.57 -30.31
C GLY C 321 -24.93 14.39 -30.99
N MET C 322 -24.31 13.21 -30.86
CA MET C 322 -23.05 12.95 -31.51
C MET C 322 -23.25 12.78 -33.01
N SER C 323 -22.19 13.08 -33.77
CA SER C 323 -22.21 12.97 -35.22
C SER C 323 -21.28 11.84 -35.62
N ALA C 324 -21.81 10.61 -35.68
CA ALA C 324 -21.01 9.44 -36.00
C ALA C 324 -20.40 9.59 -37.39
N VAL C 325 -19.09 9.33 -37.47
CA VAL C 325 -18.36 9.43 -38.73
C VAL C 325 -18.25 8.08 -39.42
N GLU C 326 -17.96 7.02 -38.66
CA GLU C 326 -17.90 5.68 -39.22
C GLU C 326 -18.28 4.68 -38.14
N VAL C 327 -19.14 3.73 -38.51
CA VAL C 327 -19.58 2.66 -37.61
C VAL C 327 -18.99 1.35 -38.14
N GLY C 328 -18.08 0.75 -37.38
CA GLY C 328 -17.44 -0.50 -37.76
C GLY C 328 -17.92 -1.64 -36.88
N THR C 329 -18.36 -2.71 -37.52
CA THR C 329 -18.82 -3.91 -36.83
C THR C 329 -18.12 -5.13 -37.42
N PRO C 330 -17.89 -6.16 -36.61
CA PRO C 330 -17.26 -7.38 -37.15
C PRO C 330 -18.01 -7.95 -38.34
N PHE C 331 -19.34 -7.92 -38.30
CA PHE C 331 -20.18 -8.28 -39.42
C PHE C 331 -21.61 -7.86 -39.09
N LEU C 332 -22.29 -7.31 -40.10
CA LEU C 332 -23.68 -6.89 -39.94
C LEU C 332 -24.60 -8.08 -40.09
N HIS C 333 -25.53 -8.22 -39.15
CA HIS C 333 -26.71 -9.03 -39.35
C HIS C 333 -27.85 -8.05 -39.62
N ARG C 334 -27.97 -7.65 -40.89
CA ARG C 334 -28.93 -6.60 -41.24
C ARG C 334 -30.36 -7.01 -40.92
N GLY C 335 -30.62 -8.32 -40.88
CA GLY C 335 -31.96 -8.78 -40.57
C GLY C 335 -32.40 -8.40 -39.17
N ILE C 336 -31.52 -8.57 -38.19
CA ILE C 336 -31.89 -8.31 -36.80
C ILE C 336 -31.58 -6.88 -36.41
N LEU C 337 -30.69 -6.22 -37.15
CA LEU C 337 -30.38 -4.82 -36.92
C LEU C 337 -31.11 -3.88 -37.87
N GLY C 338 -32.12 -4.38 -38.60
CA GLY C 338 -32.85 -3.58 -39.56
C GLY C 338 -33.51 -2.33 -39.01
N PRO C 339 -34.33 -2.43 -37.96
CA PRO C 339 -34.90 -1.20 -37.39
C PRO C 339 -33.85 -0.23 -36.88
N ASP C 340 -32.82 -0.75 -36.21
CA ASP C 340 -31.79 0.13 -35.66
C ASP C 340 -30.97 0.78 -36.75
N LEU C 341 -30.74 0.07 -37.85
CA LEU C 341 -30.10 0.67 -39.02
C LEU C 341 -31.01 1.72 -39.64
N ASP C 342 -32.32 1.48 -39.63
CA ASP C 342 -33.26 2.46 -40.17
C ASP C 342 -33.24 3.75 -39.37
N LEU C 343 -33.16 3.65 -38.04
CA LEU C 343 -33.06 4.84 -37.21
C LEU C 343 -31.73 5.56 -37.33
N LEU C 344 -30.73 4.95 -37.96
CA LEU C 344 -29.46 5.62 -38.18
C LEU C 344 -29.59 6.71 -39.24
N ALA C 345 -28.86 7.80 -39.04
CA ALA C 345 -28.80 8.84 -40.06
C ALA C 345 -27.96 8.36 -41.24
N GLU C 346 -28.20 8.98 -42.40
CA GLU C 346 -27.51 8.56 -43.62
C GLU C 346 -26.05 8.99 -43.61
N GLY C 347 -25.69 9.96 -42.75
CA GLY C 347 -24.36 10.50 -42.72
C GLY C 347 -23.24 9.52 -42.45
N PRO C 348 -23.28 8.79 -41.32
CA PRO C 348 -22.20 7.84 -41.03
C PRO C 348 -22.10 6.75 -42.10
N VAL C 349 -20.87 6.38 -42.44
CA VAL C 349 -20.60 5.23 -43.30
C VAL C 349 -20.33 4.03 -42.39
N LEU C 350 -20.78 2.86 -42.80
CA LEU C 350 -20.68 1.68 -41.98
C LEU C 350 -19.78 0.66 -42.68
N SER C 351 -18.89 0.04 -41.91
CA SER C 351 -17.92 -0.92 -42.45
C SER C 351 -18.07 -2.26 -41.73
N GLU C 352 -18.09 -3.34 -42.51
CA GLU C 352 -18.10 -4.69 -41.96
C GLU C 352 -16.76 -5.39 -42.12
N GLY C 353 -15.88 -4.87 -42.99
CA GLY C 353 -14.58 -5.45 -43.20
C GLY C 353 -13.54 -4.77 -42.32
N GLN C 354 -12.73 -5.58 -41.64
CA GLN C 354 -11.80 -5.09 -40.63
C GLN C 354 -10.37 -5.37 -41.05
N ASP C 355 -9.64 -4.32 -41.41
CA ASP C 355 -8.19 -4.33 -41.49
C ASP C 355 -7.71 -3.24 -40.55
N VAL C 356 -7.07 -3.64 -39.45
CA VAL C 356 -6.84 -2.70 -38.35
C VAL C 356 -5.95 -1.54 -38.79
N GLU C 357 -5.05 -1.78 -39.74
CA GLU C 357 -4.15 -0.71 -40.18
C GLU C 357 -4.90 0.32 -41.02
N ARG C 358 -5.72 -0.15 -41.96
CA ARG C 358 -6.53 0.77 -42.75
C ARG C 358 -7.54 1.50 -41.88
N GLN C 359 -8.12 0.81 -40.90
CA GLN C 359 -9.08 1.46 -40.01
C GLN C 359 -8.40 2.52 -39.14
N LEU C 360 -7.17 2.23 -38.68
CA LEU C 360 -6.43 3.24 -37.92
C LEU C 360 -6.07 4.43 -38.80
N ASP C 361 -5.75 4.18 -40.07
CA ASP C 361 -5.51 5.29 -41.00
C ASP C 361 -6.77 6.13 -41.18
N ARG C 362 -7.93 5.47 -41.28
CA ARG C 362 -9.20 6.19 -41.38
C ARG C 362 -9.46 7.02 -40.13
N VAL C 363 -9.16 6.47 -38.95
CA VAL C 363 -9.30 7.21 -37.71
C VAL C 363 -8.40 8.44 -37.71
N ARG C 364 -7.15 8.26 -38.15
CA ARG C 364 -6.22 9.39 -38.21
C ARG C 364 -6.73 10.48 -39.14
N ALA C 365 -7.24 10.08 -40.31
CA ALA C 365 -7.74 11.06 -41.27
C ALA C 365 -8.97 11.78 -40.74
N ALA C 366 -9.87 11.04 -40.08
CA ALA C 366 -11.12 11.65 -39.61
C ALA C 366 -10.88 12.58 -38.43
N ARG C 367 -9.91 12.24 -37.57
CA ARG C 367 -9.64 12.96 -36.32
C ARG C 367 -10.89 13.04 -35.47
N PRO C 368 -11.44 11.90 -35.04
CA PRO C 368 -12.71 11.92 -34.30
C PRO C 368 -12.53 12.51 -32.91
N ASP C 369 -13.61 13.07 -32.38
CA ASP C 369 -13.59 13.56 -31.00
C ASP C 369 -13.61 12.40 -30.02
N LEU C 370 -14.27 11.29 -30.38
CA LEU C 370 -14.27 10.08 -29.58
C LEU C 370 -14.08 8.89 -30.52
N THR C 371 -13.39 7.86 -30.04
CA THR C 371 -13.05 6.71 -30.85
C THR C 371 -13.31 5.44 -30.04
N VAL C 372 -14.45 4.80 -30.31
CA VAL C 372 -14.77 3.55 -29.63
C VAL C 372 -13.99 2.42 -30.28
N CYS C 373 -12.98 1.91 -29.59
CA CYS C 373 -12.06 0.92 -30.14
C CYS C 373 -11.87 -0.21 -29.14
N GLY C 374 -11.01 -1.16 -29.50
CA GLY C 374 -10.67 -2.22 -28.59
C GLY C 374 -9.63 -1.80 -27.57
N LEU C 375 -9.41 -2.69 -26.59
CA LEU C 375 -8.47 -2.38 -25.52
C LEU C 375 -7.05 -2.27 -26.03
N GLY C 376 -6.69 -3.12 -27.00
CA GLY C 376 -5.35 -3.06 -27.55
C GLY C 376 -5.05 -1.77 -28.30
N LEU C 377 -6.04 -1.23 -29.00
CA LEU C 377 -5.88 -0.02 -29.78
C LEU C 377 -6.05 1.26 -28.97
N ALA C 378 -6.53 1.16 -27.73
CA ALA C 378 -6.94 2.35 -26.98
C ALA C 378 -5.77 3.25 -26.66
N ASN C 379 -4.78 2.74 -25.91
CA ASN C 379 -3.68 3.58 -25.46
C ASN C 379 -2.87 4.19 -26.60
N PRO C 380 -2.49 3.46 -27.66
CA PRO C 380 -1.80 4.12 -28.77
C PRO C 380 -2.58 5.27 -29.39
N LEU C 381 -3.90 5.12 -29.53
CA LEU C 381 -4.72 6.20 -30.04
C LEU C 381 -4.76 7.39 -29.08
N GLU C 382 -4.81 7.11 -27.77
CA GLU C 382 -4.71 8.19 -26.79
C GLU C 382 -3.39 8.93 -26.87
N ALA C 383 -2.29 8.21 -27.06
CA ALA C 383 -1.00 8.85 -27.25
C ALA C 383 -0.89 9.63 -28.55
N GLU C 384 -1.59 9.19 -29.61
CA GLU C 384 -1.62 9.96 -30.84
C GLU C 384 -2.45 11.22 -30.72
N GLY C 385 -3.34 11.30 -29.72
CA GLY C 385 -4.16 12.46 -29.52
C GLY C 385 -5.64 12.27 -29.75
N PHE C 386 -6.14 11.04 -29.80
CA PHE C 386 -7.56 10.75 -29.99
C PHE C 386 -8.15 10.21 -28.70
N THR C 387 -9.24 10.83 -28.24
CA THR C 387 -9.97 10.29 -27.11
C THR C 387 -10.62 8.97 -27.52
N THR C 388 -10.50 7.97 -26.64
CA THR C 388 -10.99 6.64 -26.94
C THR C 388 -11.79 6.08 -25.77
N LYS C 389 -12.68 5.14 -26.09
CA LYS C 389 -13.48 4.45 -25.10
C LYS C 389 -13.58 2.99 -25.53
N TRP C 390 -13.03 2.09 -24.72
CA TRP C 390 -13.04 0.67 -25.05
C TRP C 390 -14.46 0.12 -24.99
N ALA C 391 -14.82 -0.64 -26.02
CA ALA C 391 -16.16 -1.22 -26.13
C ALA C 391 -16.33 -2.50 -25.33
N ILE C 392 -15.25 -3.01 -24.74
CA ILE C 392 -15.35 -4.18 -23.87
C ILE C 392 -16.14 -3.83 -22.61
N GLU C 393 -15.91 -2.64 -22.07
CA GLU C 393 -16.69 -2.15 -20.93
C GLU C 393 -18.17 -2.15 -21.25
N LEU C 394 -18.54 -1.81 -22.49
CA LEU C 394 -19.96 -1.77 -22.86
C LEU C 394 -20.61 -3.12 -22.69
N VAL C 395 -19.91 -4.20 -23.06
CA VAL C 395 -20.46 -5.53 -22.87
C VAL C 395 -20.49 -5.90 -21.40
N PHE C 396 -19.40 -5.61 -20.67
CA PHE C 396 -19.37 -5.96 -19.25
C PHE C 396 -20.30 -5.08 -18.42
N THR C 397 -20.32 -3.78 -18.66
CA THR C 397 -21.13 -2.94 -17.80
C THR C 397 -22.60 -2.98 -18.20
N PRO C 398 -23.51 -2.74 -17.26
CA PRO C 398 -24.94 -2.63 -17.59
C PRO C 398 -25.23 -1.27 -18.22
N VAL C 399 -25.63 -1.28 -19.48
CA VAL C 399 -25.86 -0.03 -20.21
C VAL C 399 -27.20 -0.12 -20.95
N HIS C 400 -28.04 -1.07 -20.56
CA HIS C 400 -29.26 -1.35 -21.27
C HIS C 400 -30.44 -0.63 -20.61
N PHE C 401 -31.57 -0.61 -21.33
CA PHE C 401 -32.89 -0.20 -20.82
C PHE C 401 -32.86 1.24 -20.33
N TYR C 402 -33.53 1.58 -19.23
CA TYR C 402 -33.84 2.96 -18.87
C TYR C 402 -32.92 3.49 -17.78
N GLU C 403 -32.76 2.74 -16.68
CA GLU C 403 -32.01 3.21 -15.53
C GLU C 403 -30.56 3.45 -15.87
N GLN C 404 -30.01 2.65 -16.80
CA GLN C 404 -28.60 2.73 -17.17
C GLN C 404 -28.36 3.53 -18.44
N ALA C 405 -29.40 4.18 -18.98
CA ALA C 405 -29.20 5.06 -20.13
C ALA C 405 -28.29 6.22 -19.79
N GLY C 406 -28.47 6.81 -18.61
CA GLY C 406 -27.53 7.82 -18.13
C GLY C 406 -26.14 7.28 -17.94
N ASP C 407 -26.03 6.06 -17.42
CA ASP C 407 -24.71 5.41 -17.32
C ASP C 407 -24.12 5.16 -18.69
N LEU C 408 -24.96 4.78 -19.66
CA LEU C 408 -24.48 4.57 -21.03
C LEU C 408 -23.92 5.87 -21.60
N ALA C 409 -24.62 6.98 -21.41
CA ALA C 409 -24.13 8.27 -21.90
C ALA C 409 -22.85 8.67 -21.16
N GLY C 410 -22.81 8.47 -19.84
CA GLY C 410 -21.64 8.84 -19.08
C GLY C 410 -20.41 8.01 -19.39
N LEU C 411 -20.59 6.78 -19.87
CA LEU C 411 -19.46 5.97 -20.29
C LEU C 411 -18.69 6.64 -21.43
N PHE C 412 -19.41 7.22 -22.39
CA PHE C 412 -18.75 7.91 -23.50
C PHE C 412 -18.38 9.33 -23.11
N SER C 413 -19.09 9.91 -22.14
CA SER C 413 -18.83 11.29 -21.77
C SER C 413 -17.54 11.44 -20.97
N ARG C 414 -17.26 10.50 -20.07
CA ARG C 414 -16.13 10.69 -19.17
C ARG C 414 -14.76 10.70 -19.85
N PRO C 415 -14.52 9.98 -20.95
CA PRO C 415 -13.24 10.21 -21.66
C PRO C 415 -13.09 11.63 -22.17
N VAL C 416 -14.16 12.19 -22.73
CA VAL C 416 -14.11 13.57 -23.22
C VAL C 416 -13.97 14.55 -22.07
N ARG C 417 -14.67 14.29 -20.97
CA ARG C 417 -14.55 15.14 -19.79
C ARG C 417 -13.12 15.11 -19.25
N ARG C 418 -12.52 13.93 -19.21
CA ARG C 418 -11.14 13.81 -18.73
C ARG C 418 -10.17 14.53 -19.68
N ARG C 419 -10.38 14.39 -20.99
CA ARG C 419 -9.51 15.09 -21.94
C ARG C 419 -9.62 16.60 -21.79
N ALA C 420 -10.84 17.11 -21.59
CA ALA C 420 -11.01 18.54 -21.38
C ALA C 420 -10.39 18.99 -20.06
N ILE C 421 -10.53 18.17 -19.01
CA ILE C 421 -10.02 18.54 -17.69
C ILE C 421 -8.49 18.52 -17.71
N LEU C 422 -7.90 17.46 -18.26
CA LEU C 422 -6.45 17.29 -18.21
C LEU C 422 -5.70 18.27 -19.10
N ARG C 423 -6.39 19.03 -19.95
CA ARG C 423 -5.74 20.01 -20.80
C ARG C 423 -6.24 21.42 -20.47
N MET D 97 -3.59 -34.20 -20.80
CA MET D 97 -4.47 -33.05 -20.63
C MET D 97 -4.58 -32.64 -19.17
N LYS D 98 -4.65 -31.34 -18.93
CA LYS D 98 -4.84 -30.79 -17.61
C LYS D 98 -5.69 -29.53 -17.70
N LEU D 99 -6.68 -29.42 -16.81
CA LEU D 99 -7.53 -28.24 -16.77
C LEU D 99 -6.79 -27.13 -16.05
N THR D 100 -6.41 -26.09 -16.78
CA THR D 100 -5.68 -24.96 -16.23
C THR D 100 -6.56 -23.72 -16.25
N LEU D 101 -6.65 -23.04 -15.11
CA LEU D 101 -7.35 -21.77 -14.98
C LEU D 101 -6.41 -20.58 -14.93
N TRP D 102 -5.25 -20.74 -14.29
CA TRP D 102 -4.25 -19.69 -14.19
C TRP D 102 -2.93 -20.24 -14.70
N THR D 103 -2.28 -19.48 -15.57
CA THR D 103 -0.96 -19.83 -16.08
C THR D 103 0.05 -18.78 -15.64
N TYR D 104 1.11 -19.22 -14.97
CA TYR D 104 2.18 -18.30 -14.59
C TYR D 104 2.88 -17.74 -15.81
N GLU D 105 2.99 -18.55 -16.86
CA GLU D 105 3.64 -18.17 -18.11
C GLU D 105 2.66 -18.35 -19.26
N GLY D 106 2.74 -17.46 -20.24
CA GLY D 106 1.93 -17.59 -21.43
C GLY D 106 2.59 -18.49 -22.46
N PRO D 107 2.04 -18.52 -23.67
CA PRO D 107 2.68 -19.27 -24.75
C PRO D 107 3.97 -18.59 -25.19
N PRO D 108 4.90 -19.34 -25.82
CA PRO D 108 6.20 -18.76 -26.16
C PRO D 108 6.13 -17.51 -27.03
N HIS D 109 5.11 -17.45 -27.89
CA HIS D 109 5.00 -16.28 -28.76
CA HIS D 109 4.97 -16.28 -28.76
C HIS D 109 4.74 -15.01 -27.97
N VAL D 110 4.19 -15.13 -26.76
CA VAL D 110 4.04 -13.96 -25.89
C VAL D 110 5.40 -13.45 -25.44
N GLY D 111 6.33 -14.35 -25.11
CA GLY D 111 7.68 -13.96 -24.78
C GLY D 111 8.42 -13.35 -25.97
N ALA D 112 8.22 -13.94 -27.15
CA ALA D 112 8.80 -13.36 -28.36
C ALA D 112 8.22 -11.98 -28.63
N MET D 113 6.93 -11.79 -28.35
CA MET D 113 6.29 -10.49 -28.46
C MET D 113 6.86 -9.51 -27.45
N ARG D 114 7.20 -9.99 -26.26
CA ARG D 114 7.88 -9.13 -25.28
C ARG D 114 9.24 -8.68 -25.79
N VAL D 115 9.99 -9.60 -26.40
CA VAL D 115 11.29 -9.24 -26.96
C VAL D 115 11.13 -8.21 -28.08
N ALA D 116 10.16 -8.43 -28.96
CA ALA D 116 9.92 -7.47 -30.05
C ALA D 116 9.49 -6.12 -29.51
N THR D 117 8.63 -6.11 -28.48
CA THR D 117 8.11 -4.85 -27.96
C THR D 117 9.19 -4.06 -27.24
N GLY D 118 10.04 -4.73 -26.47
CA GLY D 118 11.14 -4.03 -25.82
C GLY D 118 12.11 -3.42 -26.81
N MET D 119 12.37 -4.13 -27.90
CA MET D 119 13.27 -3.65 -28.93
C MET D 119 12.58 -2.64 -29.84
N THR D 120 13.37 -1.75 -30.42
CA THR D 120 12.88 -0.76 -31.38
C THR D 120 13.45 -1.08 -32.75
N GLY D 121 12.66 -0.84 -33.79
CA GLY D 121 13.04 -1.23 -35.13
C GLY D 121 12.91 -2.70 -35.41
N MET D 122 12.34 -3.47 -34.48
CA MET D 122 12.20 -4.91 -34.59
C MET D 122 10.71 -5.22 -34.68
N HIS D 123 10.32 -6.01 -35.67
CA HIS D 123 8.93 -6.38 -35.89
CA HIS D 123 8.93 -6.38 -35.84
C HIS D 123 8.75 -7.89 -35.86
N TYR D 124 7.64 -8.32 -35.30
CA TYR D 124 7.27 -9.72 -35.17
C TYR D 124 6.05 -9.96 -36.04
N VAL D 125 6.23 -10.59 -37.19
CA VAL D 125 5.11 -11.00 -38.03
C VAL D 125 4.76 -12.42 -37.60
N LEU D 126 3.70 -12.53 -36.80
CA LEU D 126 3.32 -13.80 -36.21
C LEU D 126 2.15 -14.41 -36.96
N HIS D 127 2.32 -15.67 -37.37
CA HIS D 127 1.25 -16.46 -37.97
C HIS D 127 0.31 -16.87 -36.85
N ALA D 128 -0.83 -16.19 -36.75
CA ALA D 128 -1.76 -16.44 -35.66
C ALA D 128 -3.18 -16.45 -36.19
N PRO D 129 -4.07 -17.22 -35.56
CA PRO D 129 -5.48 -17.17 -35.93
C PRO D 129 -6.11 -15.83 -35.56
N GLN D 130 -7.19 -15.51 -36.26
CA GLN D 130 -7.96 -14.32 -35.93
C GLN D 130 -8.44 -14.38 -34.49
N GLY D 131 -8.08 -13.37 -33.71
CA GLY D 131 -8.39 -13.33 -32.30
C GLY D 131 -7.22 -13.57 -31.37
N ASP D 132 -6.03 -13.84 -31.92
CA ASP D 132 -4.82 -13.97 -31.12
C ASP D 132 -4.08 -12.65 -30.97
N THR D 133 -4.68 -11.55 -31.44
CA THR D 133 -4.18 -10.20 -31.20
C THR D 133 -4.32 -9.78 -29.75
N TYR D 134 -4.72 -10.70 -28.87
CA TYR D 134 -5.11 -10.35 -27.51
C TYR D 134 -3.94 -9.84 -26.69
N ALA D 135 -2.74 -10.34 -26.94
CA ALA D 135 -1.62 -10.00 -26.06
C ALA D 135 -1.11 -8.60 -26.29
N ASP D 136 -1.60 -7.90 -27.33
CA ASP D 136 -1.32 -6.48 -27.45
C ASP D 136 -1.90 -5.69 -26.29
N LEU D 137 -3.03 -6.15 -25.74
CA LEU D 137 -3.62 -5.47 -24.60
C LEU D 137 -2.71 -5.57 -23.39
N LEU D 138 -1.95 -6.65 -23.26
CA LEU D 138 -1.01 -6.76 -22.15
C LEU D 138 0.00 -5.61 -22.16
N PHE D 139 0.59 -5.34 -23.33
CA PHE D 139 1.59 -4.28 -23.42
C PHE D 139 0.96 -2.89 -23.37
N THR D 140 -0.24 -2.73 -23.94
CA THR D 140 -0.85 -1.40 -23.96
C THR D 140 -1.45 -1.05 -22.60
N MET D 141 -1.91 -2.03 -21.84
CA MET D 141 -2.63 -1.82 -20.59
C MET D 141 -1.72 -2.00 -19.38
N ILE D 142 -1.10 -3.17 -19.26
CA ILE D 142 -0.32 -3.51 -18.08
C ILE D 142 0.88 -2.59 -17.96
N GLU D 143 1.59 -2.37 -19.06
CA GLU D 143 2.77 -1.52 -19.10
C GLU D 143 2.45 -0.09 -19.53
N ARG D 144 1.23 0.19 -19.95
CA ARG D 144 0.82 1.50 -20.46
C ARG D 144 1.78 2.01 -21.53
N ARG D 145 1.82 1.29 -22.65
CA ARG D 145 2.63 1.71 -23.78
C ARG D 145 1.82 2.60 -24.71
N GLY D 146 2.40 3.75 -25.06
CA GLY D 146 1.74 4.70 -25.94
C GLY D 146 1.87 4.34 -27.39
N LYS D 147 2.59 3.25 -27.68
CA LYS D 147 2.75 2.76 -29.03
C LYS D 147 2.33 1.30 -29.10
N ARG D 148 1.58 0.97 -30.15
CA ARG D 148 1.05 -0.36 -30.31
C ARG D 148 2.20 -1.37 -30.49
N PRO D 149 2.07 -2.56 -29.92
CA PRO D 149 3.16 -3.55 -30.02
C PRO D 149 3.53 -3.81 -31.47
N PRO D 150 4.84 -3.76 -31.79
CA PRO D 150 5.28 -3.90 -33.19
C PRO D 150 5.14 -5.33 -33.70
N VAL D 151 3.90 -5.81 -33.76
CA VAL D 151 3.58 -7.18 -34.11
C VAL D 151 2.50 -7.19 -35.18
N SER D 152 2.76 -7.88 -36.28
CA SER D 152 1.81 -8.04 -37.36
C SER D 152 1.21 -9.44 -37.29
N TYR D 153 -0.10 -9.53 -37.44
CA TYR D 153 -0.81 -10.80 -37.36
C TYR D 153 -1.48 -11.09 -38.69
N THR D 154 -1.42 -12.35 -39.12
CA THR D 154 -2.15 -12.77 -40.31
C THR D 154 -3.64 -12.93 -40.04
N THR D 155 -4.01 -13.37 -38.83
CA THR D 155 -5.40 -13.50 -38.39
C THR D 155 -6.22 -14.30 -39.40
N PHE D 156 -5.72 -15.49 -39.72
CA PHE D 156 -6.40 -16.35 -40.68
C PHE D 156 -7.67 -16.92 -40.07
N GLN D 157 -8.62 -17.27 -40.95
CA GLN D 157 -9.90 -17.82 -40.52
C GLN D 157 -10.10 -19.22 -41.08
N ALA D 158 -11.30 -19.77 -40.93
CA ALA D 158 -11.59 -21.09 -41.49
C ALA D 158 -11.50 -21.08 -43.01
N ARG D 159 -11.97 -19.99 -43.63
CA ARG D 159 -11.83 -19.87 -45.08
C ARG D 159 -10.37 -19.86 -45.49
N ASP D 160 -9.53 -19.15 -44.75
CA ASP D 160 -8.09 -19.10 -45.03
C ASP D 160 -7.40 -20.29 -44.35
N LEU D 161 -7.56 -21.45 -44.98
CA LEU D 161 -6.95 -22.68 -44.51
C LEU D 161 -6.38 -23.45 -45.68
N GLY D 162 -5.23 -24.08 -45.46
CA GLY D 162 -4.55 -24.82 -46.50
C GLY D 162 -3.65 -23.95 -47.36
N SER D 163 -4.05 -23.72 -48.61
CA SER D 163 -3.21 -22.95 -49.51
C SER D 163 -3.24 -21.46 -49.19
N ASP D 164 -4.34 -20.98 -48.59
CA ASP D 164 -4.48 -19.54 -48.37
C ASP D 164 -3.63 -19.07 -47.20
N THR D 165 -3.30 -19.96 -46.27
CA THR D 165 -2.56 -19.55 -45.07
C THR D 165 -1.17 -19.04 -45.42
N ALA D 166 -0.46 -19.74 -46.31
CA ALA D 166 0.90 -19.31 -46.67
C ALA D 166 0.88 -17.97 -47.38
N GLU D 167 -0.07 -17.78 -48.30
CA GLU D 167 -0.20 -16.50 -48.99
C GLU D 167 -0.55 -15.39 -48.02
N LEU D 168 -1.43 -15.69 -47.05
CA LEU D 168 -1.78 -14.70 -46.03
C LEU D 168 -0.55 -14.30 -45.22
N PHE D 169 0.26 -15.28 -44.81
CA PHE D 169 1.48 -14.96 -44.07
C PHE D 169 2.44 -14.12 -44.91
N GLN D 170 2.64 -14.48 -46.17
CA GLN D 170 3.56 -13.74 -47.01
C GLN D 170 3.09 -12.30 -47.20
N SER D 171 1.79 -12.12 -47.46
CA SER D 171 1.24 -10.78 -47.58
C SER D 171 1.38 -10.01 -46.29
N ALA D 172 1.18 -10.68 -45.15
CA ALA D 172 1.32 -10.00 -43.86
C ALA D 172 2.75 -9.50 -43.65
N CYS D 173 3.75 -10.33 -43.94
CA CYS D 173 5.13 -9.90 -43.78
C CYS D 173 5.47 -8.75 -44.72
N ARG D 174 5.10 -8.86 -46.00
CA ARG D 174 5.48 -7.79 -46.92
C ARG D 174 4.76 -6.50 -46.59
N ASP D 175 3.47 -6.58 -46.22
CA ASP D 175 2.73 -5.38 -45.86
C ASP D 175 3.25 -4.76 -44.57
N ALA D 176 3.64 -5.59 -43.60
CA ALA D 176 4.24 -5.06 -42.38
C ALA D 176 5.53 -4.33 -42.68
N TYR D 177 6.36 -4.89 -43.57
CA TYR D 177 7.57 -4.19 -43.96
C TYR D 177 7.27 -2.87 -44.66
N GLU D 178 6.31 -2.87 -45.59
CA GLU D 178 5.97 -1.64 -46.30
C GLU D 178 5.44 -0.57 -45.35
N ARG D 179 4.62 -0.98 -44.38
CA ARG D 179 3.97 -0.02 -43.50
C ARG D 179 4.92 0.48 -42.42
N PHE D 180 5.39 -0.44 -41.56
CA PHE D 180 6.17 -0.06 -40.39
C PHE D 180 7.63 0.25 -40.70
N GLN D 181 8.14 -0.22 -41.84
CA GLN D 181 9.54 -0.06 -42.24
C GLN D 181 10.50 -0.48 -41.13
N PRO D 182 10.45 -1.72 -40.67
CA PRO D 182 11.34 -2.16 -39.59
C PRO D 182 12.74 -2.48 -40.11
N GLN D 183 13.71 -2.44 -39.20
CA GLN D 183 15.08 -2.74 -39.55
C GLN D 183 15.41 -4.23 -39.44
N ALA D 184 14.49 -5.04 -38.91
CA ALA D 184 14.65 -6.49 -38.87
C ALA D 184 13.31 -7.12 -38.53
N ILE D 185 13.04 -8.29 -39.10
CA ILE D 185 11.75 -8.95 -38.98
C ILE D 185 11.93 -10.26 -38.22
N MET D 186 11.08 -10.49 -37.21
CA MET D 186 10.89 -11.82 -36.66
C MET D 186 9.65 -12.44 -37.28
N VAL D 187 9.77 -13.70 -37.67
CA VAL D 187 8.63 -14.47 -38.16
C VAL D 187 8.44 -15.66 -37.24
N GLY D 188 7.18 -15.91 -36.88
CA GLY D 188 6.89 -16.95 -35.92
C GLY D 188 5.49 -17.48 -36.12
N SER D 189 5.17 -18.50 -35.34
CA SER D 189 3.90 -19.19 -35.45
C SER D 189 3.24 -19.28 -34.08
N SER D 190 1.92 -19.34 -34.08
CA SER D 190 1.15 -19.56 -32.87
C SER D 190 0.99 -21.07 -32.66
N CYS D 191 0.16 -21.44 -31.69
CA CYS D 191 -0.18 -22.85 -31.51
C CYS D 191 -0.93 -23.38 -32.74
N THR D 192 -1.91 -22.60 -33.21
CA THR D 192 -2.65 -22.98 -34.39
C THR D 192 -1.76 -23.04 -35.63
N ALA D 193 -0.87 -22.07 -35.79
CA ALA D 193 0.02 -22.06 -36.95
C ALA D 193 1.06 -23.15 -36.86
N GLU D 194 1.46 -23.52 -35.64
CA GLU D 194 2.31 -24.70 -35.48
C GLU D 194 1.58 -25.96 -35.87
N LEU D 195 0.28 -26.04 -35.57
CA LEU D 195 -0.50 -27.21 -35.94
C LEU D 195 -0.59 -27.37 -37.46
N ILE D 196 -0.80 -26.27 -38.17
CA ILE D 196 -0.85 -26.34 -39.63
C ILE D 196 0.57 -26.32 -40.20
N GLN D 197 0.70 -26.76 -41.45
CA GLN D 197 1.99 -27.11 -42.01
C GLN D 197 2.62 -26.01 -42.85
N ASP D 198 2.34 -24.74 -42.54
CA ASP D 198 3.04 -23.65 -43.21
C ASP D 198 4.42 -23.44 -42.60
N ASP D 199 5.43 -23.30 -43.45
CA ASP D 199 6.81 -23.08 -43.02
C ASP D 199 7.05 -21.58 -43.02
N THR D 200 6.98 -20.98 -41.82
CA THR D 200 7.03 -19.52 -41.71
C THR D 200 8.36 -18.98 -42.22
N GLY D 201 9.47 -19.59 -41.81
CA GLY D 201 10.77 -19.11 -42.25
C GLY D 201 10.98 -19.26 -43.75
N GLY D 202 10.48 -20.35 -44.33
CA GLY D 202 10.58 -20.52 -45.76
C GLY D 202 9.85 -19.44 -46.52
N LEU D 203 8.62 -19.12 -46.09
CA LEU D 203 7.87 -18.06 -46.74
C LEU D 203 8.57 -16.71 -46.59
N ALA D 204 9.06 -16.41 -45.38
CA ALA D 204 9.74 -15.14 -45.15
C ALA D 204 10.99 -15.02 -46.03
N ASP D 205 11.75 -16.10 -46.16
CA ASP D 205 12.91 -16.08 -47.06
C ASP D 205 12.48 -15.93 -48.50
N ALA D 206 11.38 -16.58 -48.90
CA ALA D 206 10.89 -16.46 -50.26
C ALA D 206 10.49 -15.03 -50.60
N LEU D 207 10.03 -14.26 -49.61
CA LEU D 207 9.75 -12.86 -49.86
C LEU D 207 10.99 -12.03 -50.13
N SER D 208 12.15 -12.46 -49.63
CA SER D 208 13.42 -11.76 -49.84
C SER D 208 13.34 -10.30 -49.38
N LEU D 209 12.98 -10.13 -48.11
CA LEU D 209 12.85 -8.79 -47.56
C LEU D 209 14.23 -8.15 -47.41
N PRO D 210 14.35 -6.84 -47.62
CA PRO D 210 15.68 -6.20 -47.52
C PRO D 210 16.33 -6.34 -46.16
N VAL D 211 15.56 -6.28 -45.09
CA VAL D 211 16.11 -6.29 -43.72
C VAL D 211 16.28 -7.72 -43.24
N PRO D 212 17.17 -7.97 -42.29
CA PRO D 212 17.34 -9.34 -41.78
C PRO D 212 16.04 -9.90 -41.22
N VAL D 213 15.78 -11.17 -41.53
CA VAL D 213 14.57 -11.85 -41.09
C VAL D 213 14.99 -12.96 -40.12
N VAL D 214 14.42 -12.95 -38.93
CA VAL D 214 14.78 -13.90 -37.87
C VAL D 214 13.71 -14.99 -37.83
N HIS D 215 14.13 -16.24 -38.03
CA HIS D 215 13.23 -17.38 -37.96
C HIS D 215 13.12 -17.83 -36.51
N LEU D 216 11.89 -17.90 -36.02
CA LEU D 216 11.62 -18.29 -34.64
C LEU D 216 11.03 -19.70 -34.63
N GLU D 217 11.72 -20.61 -33.97
CA GLU D 217 11.25 -21.99 -33.83
C GLU D 217 10.96 -22.23 -32.34
N LEU D 218 9.75 -21.88 -31.93
CA LEU D 218 9.32 -22.01 -30.53
C LEU D 218 8.28 -23.11 -30.40
N PRO D 219 8.64 -24.28 -29.89
CA PRO D 219 7.62 -25.32 -29.66
C PRO D 219 6.61 -24.84 -28.63
N SER D 220 5.39 -24.61 -29.11
CA SER D 220 4.40 -23.90 -28.30
C SER D 220 3.77 -24.80 -27.25
N TYR D 221 3.67 -26.09 -27.53
CA TYR D 221 2.89 -26.97 -26.65
C TYR D 221 3.73 -27.54 -25.52
N GLN D 222 5.05 -27.57 -25.69
CA GLN D 222 5.90 -28.15 -24.66
C GLN D 222 6.67 -27.08 -23.89
N ARG D 223 6.76 -25.87 -24.44
CA ARG D 223 7.50 -24.79 -23.82
C ARG D 223 6.57 -23.64 -23.44
N LYS D 224 7.16 -22.54 -22.97
CA LYS D 224 6.35 -21.44 -22.44
C LYS D 224 6.94 -20.07 -22.77
N GLU D 225 6.41 -19.05 -22.08
CA GLU D 225 6.69 -17.65 -22.45
C GLU D 225 8.16 -17.30 -22.27
N ASN D 226 8.77 -17.72 -21.15
CA ASN D 226 10.17 -17.37 -20.92
C ASN D 226 11.08 -18.06 -21.92
N PHE D 227 10.78 -19.30 -22.29
CA PHE D 227 11.55 -19.92 -23.37
C PHE D 227 11.38 -19.15 -24.66
N GLY D 228 10.17 -18.69 -24.96
CA GLY D 228 9.96 -17.91 -26.17
C GLY D 228 10.80 -16.66 -26.19
N ALA D 229 10.82 -15.92 -25.09
CA ALA D 229 11.64 -14.72 -25.01
C ALA D 229 13.13 -15.04 -25.11
N ASP D 230 13.57 -16.07 -24.40
CA ASP D 230 14.99 -16.42 -24.40
C ASP D 230 15.45 -16.86 -25.79
N GLU D 231 14.67 -17.73 -26.43
CA GLU D 231 15.03 -18.23 -27.75
C GLU D 231 14.96 -17.11 -28.79
N SER D 232 13.96 -16.23 -28.69
CA SER D 232 13.87 -15.12 -29.62
C SER D 232 15.08 -14.20 -29.50
N PHE D 233 15.45 -13.87 -28.26
CA PHE D 233 16.64 -13.05 -28.05
C PHE D 233 17.89 -13.75 -28.57
N LEU D 234 17.99 -15.06 -28.33
CA LEU D 234 19.06 -15.85 -28.90
C LEU D 234 19.15 -15.64 -30.42
N GLN D 235 18.10 -16.03 -31.15
CA GLN D 235 18.15 -15.99 -32.61
C GLN D 235 18.42 -14.58 -33.12
N ILE D 236 17.89 -13.56 -32.45
CA ILE D 236 18.22 -12.19 -32.85
C ILE D 236 19.71 -11.93 -32.70
N CYS D 237 20.30 -12.38 -31.60
CA CYS D 237 21.75 -12.21 -31.42
C CYS D 237 22.54 -12.96 -32.49
N ARG D 238 22.16 -14.22 -32.75
CA ARG D 238 22.87 -15.00 -33.77
C ARG D 238 22.76 -14.35 -35.15
N LYS D 239 21.59 -13.82 -35.48
CA LYS D 239 21.42 -13.21 -36.80
C LYS D 239 22.18 -11.89 -36.90
N LEU D 240 22.20 -11.09 -35.84
CA LEU D 240 22.72 -9.73 -35.95
C LEU D 240 24.01 -9.50 -35.19
N ALA D 241 24.19 -10.09 -34.02
CA ALA D 241 25.42 -9.87 -33.26
C ALA D 241 26.57 -10.67 -33.88
N ARG D 242 27.67 -9.99 -34.11
CA ARG D 242 28.86 -10.57 -34.72
C ARG D 242 30.08 -10.10 -33.93
N PRO D 243 31.18 -10.85 -34.00
CA PRO D 243 32.42 -10.39 -33.36
C PRO D 243 32.79 -8.99 -33.82
N MET D 244 32.97 -8.10 -32.86
CA MET D 244 33.23 -6.69 -33.12
C MET D 244 34.34 -6.21 -32.20
N GLU D 245 35.14 -5.27 -32.71
CA GLU D 245 36.21 -4.70 -31.90
C GLU D 245 35.63 -4.05 -30.65
N ARG D 246 36.28 -4.30 -29.51
CA ARG D 246 35.76 -3.83 -28.24
C ARG D 246 35.98 -2.32 -28.10
N THR D 247 35.15 -1.69 -27.26
CA THR D 247 35.27 -0.26 -27.03
C THR D 247 36.60 0.06 -26.35
N GLU D 248 37.13 1.24 -26.64
CA GLU D 248 38.42 1.63 -26.07
C GLU D 248 38.34 1.73 -24.55
N LYS D 249 37.22 2.23 -24.03
CA LYS D 249 36.97 2.24 -22.60
C LYS D 249 36.22 0.98 -22.19
N VAL D 250 36.22 0.72 -20.89
CA VAL D 250 35.50 -0.45 -20.39
C VAL D 250 34.01 -0.24 -20.57
N SER D 251 33.36 -1.22 -21.19
CA SER D 251 31.94 -1.13 -21.51
C SER D 251 31.25 -2.43 -21.13
N CYS D 252 29.95 -2.35 -20.91
CA CYS D 252 29.15 -3.47 -20.44
C CYS D 252 27.85 -3.57 -21.24
N ASN D 253 27.25 -4.75 -21.22
CA ASN D 253 25.96 -5.00 -21.86
C ASN D 253 24.99 -5.48 -20.79
N LEU D 254 23.84 -4.81 -20.70
CA LEU D 254 22.78 -5.26 -19.80
C LEU D 254 21.84 -6.18 -20.58
N LEU D 255 21.93 -7.48 -20.30
CA LEU D 255 21.18 -8.49 -21.02
C LEU D 255 20.07 -9.06 -20.15
N GLY D 256 18.90 -9.25 -20.73
CA GLY D 256 17.78 -9.80 -20.01
C GLY D 256 16.49 -8.99 -19.98
N PRO D 257 16.56 -7.67 -19.82
CA PRO D 257 15.31 -6.90 -19.67
C PRO D 257 14.44 -6.95 -20.91
N THR D 258 13.29 -7.62 -20.79
CA THR D 258 12.30 -7.68 -21.84
C THR D 258 11.05 -6.95 -21.38
N ALA D 259 10.24 -6.54 -22.35
CA ALA D 259 9.00 -5.86 -22.04
C ALA D 259 8.07 -6.78 -21.23
N LEU D 260 7.16 -6.15 -20.48
CA LEU D 260 6.28 -6.87 -19.57
C LEU D 260 7.05 -7.58 -18.47
N GLY D 261 8.22 -7.04 -18.13
CA GLY D 261 9.04 -7.61 -17.09
C GLY D 261 8.86 -6.89 -15.77
N PHE D 262 8.97 -7.62 -14.66
CA PHE D 262 8.76 -7.05 -13.33
C PHE D 262 9.85 -6.04 -13.01
N ARG D 263 9.48 -4.76 -13.08
CA ARG D 263 10.36 -3.65 -12.71
C ARG D 263 11.69 -3.70 -13.47
N HIS D 264 11.64 -4.16 -14.71
CA HIS D 264 12.81 -4.13 -15.57
C HIS D 264 13.25 -2.71 -15.88
N ARG D 265 12.30 -1.80 -16.08
CA ARG D 265 12.62 -0.43 -16.46
C ARG D 265 13.44 0.27 -15.37
N ASP D 266 13.03 0.13 -14.12
CA ASP D 266 13.75 0.78 -13.03
C ASP D 266 15.04 0.05 -12.69
N ASP D 267 15.05 -1.27 -12.85
CA ASP D 267 16.27 -2.04 -12.63
C ASP D 267 17.35 -1.65 -13.62
N ILE D 268 16.97 -1.39 -14.87
CA ILE D 268 17.93 -0.91 -15.86
C ILE D 268 18.60 0.37 -15.37
N LEU D 269 17.80 1.32 -14.89
CA LEU D 269 18.33 2.60 -14.44
C LEU D 269 19.23 2.42 -13.21
N GLU D 270 18.82 1.57 -12.27
CA GLU D 270 19.62 1.37 -11.07
C GLU D 270 20.96 0.71 -11.40
N VAL D 271 20.96 -0.34 -12.22
CA VAL D 271 22.20 -1.00 -12.58
C VAL D 271 23.07 -0.07 -13.42
N THR D 272 22.45 0.77 -14.25
CA THR D 272 23.22 1.74 -15.02
C THR D 272 23.92 2.73 -14.11
N ARG D 273 23.21 3.23 -13.08
CA ARG D 273 23.84 4.14 -12.13
C ARG D 273 24.96 3.44 -11.36
N LEU D 274 24.75 2.18 -10.99
CA LEU D 274 25.81 1.42 -10.32
C LEU D 274 27.06 1.34 -11.19
N LEU D 275 26.89 0.93 -12.45
CA LEU D 275 28.03 0.76 -13.34
C LEU D 275 28.71 2.10 -13.62
N GLU D 276 27.93 3.16 -13.80
CA GLU D 276 28.51 4.47 -14.02
C GLU D 276 29.29 4.95 -12.80
N GLY D 277 28.78 4.66 -11.61
CA GLY D 277 29.54 4.94 -10.40
C GLY D 277 30.85 4.18 -10.35
N MET D 278 30.85 2.94 -10.84
CA MET D 278 32.11 2.22 -10.97
C MET D 278 33.04 2.88 -11.98
N GLY D 279 32.48 3.53 -13.00
CA GLY D 279 33.24 3.95 -14.17
C GLY D 279 33.06 3.08 -15.38
N ILE D 280 32.05 2.22 -15.40
CA ILE D 280 31.79 1.30 -16.50
C ILE D 280 30.56 1.80 -17.26
N ALA D 281 30.73 2.06 -18.55
CA ALA D 281 29.61 2.49 -19.37
C ALA D 281 28.85 1.29 -19.89
N VAL D 282 27.53 1.46 -20.05
CA VAL D 282 26.66 0.42 -20.59
C VAL D 282 26.68 0.57 -22.11
N ASN D 283 27.26 -0.43 -22.79
CA ASN D 283 27.30 -0.38 -24.25
C ASN D 283 25.89 -0.47 -24.84
N ALA D 284 25.11 -1.44 -24.40
CA ALA D 284 23.75 -1.60 -24.91
C ALA D 284 22.92 -2.37 -23.90
N VAL D 285 21.66 -1.97 -23.76
CA VAL D 285 20.66 -2.69 -22.97
C VAL D 285 19.77 -3.42 -23.96
N ALA D 286 19.61 -4.72 -23.77
CA ALA D 286 18.81 -5.52 -24.67
C ALA D 286 18.07 -6.60 -23.89
N PRO D 287 16.87 -7.00 -24.34
CA PRO D 287 16.09 -6.46 -25.47
C PRO D 287 15.49 -5.07 -25.26
N MET D 288 15.15 -4.66 -24.03
CA MET D 288 14.56 -3.34 -23.83
C MET D 288 15.50 -2.24 -24.27
N GLY D 289 14.96 -1.24 -24.97
CA GLY D 289 15.75 -0.12 -25.43
C GLY D 289 16.84 -0.49 -26.39
N ALA D 290 16.64 -1.55 -27.17
CA ALA D 290 17.63 -2.03 -28.11
C ALA D 290 17.09 -1.89 -29.52
N SER D 291 18.00 -1.97 -30.48
CA SER D 291 17.71 -1.97 -31.90
C SER D 291 18.56 -3.03 -32.56
N PRO D 292 18.21 -3.45 -33.78
CA PRO D 292 19.11 -4.32 -34.53
C PRO D 292 20.51 -3.73 -34.68
N ALA D 293 20.60 -2.41 -34.79
CA ALA D 293 21.90 -1.75 -34.75
C ALA D 293 22.62 -2.00 -33.43
N ASP D 294 21.90 -1.93 -32.31
CA ASP D 294 22.52 -2.21 -31.02
C ASP D 294 22.90 -3.68 -30.87
N ILE D 295 22.08 -4.59 -31.41
CA ILE D 295 22.47 -5.99 -31.41
C ILE D 295 23.73 -6.18 -32.24
N ALA D 296 23.92 -5.36 -33.28
CA ALA D 296 25.18 -5.40 -34.02
C ALA D 296 26.37 -4.99 -33.17
N ARG D 297 26.21 -3.99 -32.31
CA ARG D 297 27.29 -3.53 -31.43
C ARG D 297 27.40 -4.32 -30.15
N LEU D 298 26.53 -5.31 -29.93
CA LEU D 298 26.64 -6.16 -28.75
C LEU D 298 28.00 -6.83 -28.63
N GLY D 299 28.71 -7.03 -29.75
CA GLY D 299 30.04 -7.60 -29.69
C GLY D 299 31.12 -6.66 -29.23
N ALA D 300 30.80 -5.37 -29.07
CA ALA D 300 31.77 -4.37 -28.66
C ALA D 300 31.91 -4.26 -27.15
N ALA D 301 31.13 -5.00 -26.38
CA ALA D 301 31.21 -4.92 -24.93
C ALA D 301 32.29 -5.84 -24.39
N HIS D 302 33.02 -5.35 -23.38
CA HIS D 302 34.05 -6.15 -22.74
C HIS D 302 33.49 -7.32 -21.97
N PHE D 303 32.29 -7.19 -21.39
CA PHE D 303 31.66 -8.27 -20.65
C PHE D 303 30.16 -8.02 -20.65
N ASN D 304 29.42 -9.07 -20.28
CA ASN D 304 27.97 -9.01 -20.24
C ASN D 304 27.49 -9.05 -18.79
N VAL D 305 26.40 -8.35 -18.51
CA VAL D 305 25.72 -8.42 -17.23
C VAL D 305 24.35 -9.02 -17.47
N LEU D 306 24.13 -10.22 -16.92
CA LEU D 306 22.87 -10.94 -17.09
C LEU D 306 21.96 -10.56 -15.93
N LEU D 307 21.20 -9.47 -16.11
CA LEU D 307 20.24 -9.05 -15.10
C LEU D 307 19.14 -10.08 -14.92
N TYR D 308 18.65 -10.64 -16.03
CA TYR D 308 17.53 -11.58 -15.99
C TYR D 308 17.91 -12.84 -16.77
N PRO D 309 18.37 -13.89 -16.07
CA PRO D 309 18.68 -15.14 -16.77
C PRO D 309 17.49 -15.74 -17.50
N GLU D 310 16.28 -15.55 -16.98
CA GLU D 310 15.09 -16.17 -17.58
C GLU D 310 14.92 -15.77 -19.04
N THR D 311 15.25 -14.53 -19.38
CA THR D 311 15.09 -14.04 -20.75
C THR D 311 16.40 -13.75 -21.45
N GLY D 312 17.54 -14.04 -20.82
CA GLY D 312 18.81 -13.68 -21.43
C GLY D 312 19.95 -14.67 -21.23
N GLU D 313 19.70 -15.80 -20.57
CA GLU D 313 20.80 -16.74 -20.32
C GLU D 313 21.35 -17.32 -21.61
N SER D 314 20.47 -17.67 -22.55
CA SER D 314 20.92 -18.24 -23.81
C SER D 314 21.76 -17.24 -24.60
N ALA D 315 21.32 -15.98 -24.64
CA ALA D 315 22.10 -14.95 -25.31
C ALA D 315 23.43 -14.72 -24.63
N ALA D 316 23.46 -14.71 -23.30
CA ALA D 316 24.72 -14.52 -22.58
C ALA D 316 25.69 -15.66 -22.85
N ARG D 317 25.20 -16.90 -22.85
CA ARG D 317 26.07 -18.03 -23.17
C ARG D 317 26.57 -17.96 -24.60
N TRP D 318 25.69 -17.62 -25.55
CA TRP D 318 26.11 -17.48 -26.94
C TRP D 318 27.18 -16.41 -27.09
N ALA D 319 27.02 -15.29 -26.39
CA ALA D 319 28.04 -14.25 -26.43
C ALA D 319 29.33 -14.74 -25.81
N GLU D 320 29.24 -15.52 -24.74
CA GLU D 320 30.44 -16.12 -24.14
C GLU D 320 31.21 -16.95 -25.16
N LYS D 321 30.52 -17.82 -25.89
CA LYS D 321 31.18 -18.68 -26.88
C LYS D 321 31.70 -17.91 -28.08
N THR D 322 30.85 -17.12 -28.73
CA THR D 322 31.25 -16.50 -30.00
C THR D 322 31.92 -15.15 -29.78
N LEU D 323 31.28 -14.26 -29.02
CA LEU D 323 31.76 -12.90 -28.82
C LEU D 323 32.78 -12.81 -27.71
N LYS D 324 33.09 -13.92 -27.03
CA LYS D 324 34.09 -13.97 -25.96
C LYS D 324 33.74 -12.98 -24.84
N GLN D 325 32.49 -13.02 -24.40
CA GLN D 325 32.00 -12.10 -23.39
C GLN D 325 31.56 -12.87 -22.16
N PRO D 326 32.32 -12.85 -21.07
CA PRO D 326 31.84 -13.45 -19.82
C PRO D 326 30.66 -12.66 -19.27
N TYR D 327 29.75 -13.37 -18.62
CA TYR D 327 28.55 -12.76 -18.07
C TYR D 327 28.47 -12.99 -16.58
N THR D 328 27.94 -11.99 -15.87
CA THR D 328 27.82 -12.05 -14.42
C THR D 328 26.83 -13.12 -14.01
N LYS D 329 27.20 -13.92 -13.01
CA LYS D 329 26.31 -14.92 -12.45
C LYS D 329 25.59 -14.45 -11.20
N THR D 330 25.76 -13.19 -10.82
CA THR D 330 25.15 -12.63 -9.62
C THR D 330 24.09 -11.62 -10.01
N VAL D 331 22.89 -11.78 -9.49
CA VAL D 331 21.79 -10.84 -9.73
C VAL D 331 21.73 -9.86 -8.56
N PRO D 332 21.88 -8.56 -8.82
CA PRO D 332 22.05 -7.59 -7.72
C PRO D 332 20.75 -7.18 -7.06
N ILE D 333 20.03 -8.16 -6.51
CA ILE D 333 18.81 -7.90 -5.75
C ILE D 333 19.10 -8.12 -4.28
N GLY D 334 19.10 -7.03 -3.51
CA GLY D 334 19.44 -7.08 -2.11
C GLY D 334 20.86 -6.59 -1.85
N VAL D 335 21.09 -6.14 -0.62
CA VAL D 335 22.36 -5.49 -0.28
C VAL D 335 23.52 -6.48 -0.46
N GLY D 336 23.38 -7.67 0.09
CA GLY D 336 24.44 -8.66 -0.06
C GLY D 336 24.66 -9.05 -1.50
N ALA D 337 23.56 -9.32 -2.22
CA ALA D 337 23.67 -9.67 -3.63
C ALA D 337 24.17 -8.49 -4.46
N THR D 338 23.77 -7.27 -4.12
CA THR D 338 24.27 -6.10 -4.84
C THR D 338 25.77 -5.93 -4.63
N ARG D 339 26.26 -6.19 -3.42
CA ARG D 339 27.68 -6.04 -3.16
C ARG D 339 28.50 -7.16 -3.82
N ASP D 340 27.97 -8.39 -3.82
CA ASP D 340 28.61 -9.45 -4.58
C ASP D 340 28.64 -9.13 -6.06
N PHE D 341 27.56 -8.59 -6.59
CA PHE D 341 27.52 -8.15 -7.98
C PHE D 341 28.54 -7.04 -8.23
N VAL D 342 28.69 -6.13 -7.26
CA VAL D 342 29.67 -5.07 -7.38
C VAL D 342 31.08 -5.63 -7.50
N ALA D 343 31.41 -6.57 -6.62
CA ALA D 343 32.74 -7.18 -6.64
C ALA D 343 32.97 -7.94 -7.94
N GLU D 344 31.97 -8.74 -8.36
CA GLU D 344 32.12 -9.53 -9.57
C GLU D 344 32.26 -8.65 -10.81
N VAL D 345 31.45 -7.59 -10.89
CA VAL D 345 31.50 -6.70 -12.05
C VAL D 345 32.81 -5.92 -12.07
N ALA D 346 33.30 -5.51 -10.90
CA ALA D 346 34.60 -4.84 -10.84
C ALA D 346 35.72 -5.78 -11.26
N ALA D 347 35.65 -7.05 -10.84
CA ALA D 347 36.66 -8.02 -11.25
C ALA D 347 36.63 -8.23 -12.76
N LEU D 348 35.44 -8.37 -13.34
CA LEU D 348 35.33 -8.56 -14.79
C LEU D 348 35.81 -7.35 -15.55
N ALA D 349 35.46 -6.15 -15.08
CA ALA D 349 35.83 -4.93 -15.78
C ALA D 349 37.28 -4.55 -15.53
N GLY D 350 37.81 -4.88 -14.36
CA GLY D 350 39.15 -4.46 -14.00
C GLY D 350 39.24 -3.16 -13.24
N VAL D 351 38.11 -2.62 -12.81
CA VAL D 351 38.07 -1.37 -12.07
C VAL D 351 37.90 -1.69 -10.59
N ALA D 352 38.28 -0.75 -9.73
CA ALA D 352 38.12 -0.95 -8.30
C ALA D 352 36.63 -1.02 -7.94
N PRO D 353 36.25 -1.89 -7.01
CA PRO D 353 34.83 -2.00 -6.63
C PRO D 353 34.37 -0.75 -5.89
N VAL D 354 33.49 0.01 -6.52
CA VAL D 354 32.95 1.24 -5.94
C VAL D 354 31.43 1.20 -6.04
N ALA D 355 30.77 1.41 -4.91
CA ALA D 355 29.32 1.47 -4.87
C ALA D 355 28.90 2.55 -3.88
N ASP D 356 27.77 3.19 -4.16
CA ASP D 356 27.28 4.31 -3.37
C ASP D 356 26.24 3.79 -2.37
N ASP D 357 26.62 3.72 -1.11
CA ASP D 357 25.74 3.30 -0.04
C ASP D 357 25.11 4.48 0.70
N SER D 358 25.29 5.71 0.21
CA SER D 358 24.82 6.88 0.93
C SER D 358 23.30 6.88 1.06
N ARG D 359 22.60 6.54 -0.01
CA ARG D 359 21.14 6.49 0.03
C ARG D 359 20.61 5.16 0.53
N LEU D 360 21.49 4.19 0.78
CA LEU D 360 21.09 2.91 1.32
C LEU D 360 20.66 3.02 2.77
N ARG D 361 19.41 2.67 3.06
CA ARG D 361 18.88 2.73 4.41
C ARG D 361 18.35 1.40 4.93
N GLN D 362 18.24 0.38 4.08
CA GLN D 362 17.75 -0.94 4.50
C GLN D 362 18.51 -1.53 5.69
N PRO D 363 19.85 -1.52 5.74
CA PRO D 363 20.53 -2.13 6.89
C PRO D 363 20.22 -1.44 8.21
N TRP D 364 20.27 -0.11 8.25
CA TRP D 364 19.96 0.60 9.50
C TRP D 364 18.50 0.41 9.89
N TRP D 365 17.60 0.43 8.90
CA TRP D 365 16.18 0.35 9.21
C TRP D 365 15.77 -1.06 9.59
N SER D 366 16.57 -2.06 9.23
CA SER D 366 16.36 -3.40 9.77
C SER D 366 17.04 -3.57 11.12
N ALA D 367 18.12 -2.83 11.37
CA ALA D 367 18.78 -2.86 12.66
C ALA D 367 18.04 -2.06 13.72
N SER D 368 17.13 -1.19 13.30
CA SER D 368 16.39 -0.36 14.24
C SER D 368 15.42 -1.19 15.07
N VAL D 369 15.07 -0.66 16.25
CA VAL D 369 14.17 -1.37 17.15
C VAL D 369 12.78 -1.54 16.56
N ASP D 370 12.39 -0.68 15.63
CA ASP D 370 11.07 -0.80 15.00
C ASP D 370 10.96 -2.08 14.20
N SER D 371 12.07 -2.58 13.67
CA SER D 371 12.09 -3.78 12.84
C SER D 371 12.35 -5.04 13.65
N THR D 372 12.41 -4.94 14.97
CA THR D 372 12.71 -6.09 15.81
C THR D 372 11.64 -7.18 15.70
N TYR D 373 10.37 -6.78 15.57
CA TYR D 373 9.31 -7.77 15.48
C TYR D 373 9.40 -8.60 14.20
N LEU D 374 10.22 -8.16 13.24
CA LEU D 374 10.36 -8.90 11.99
C LEU D 374 11.18 -10.17 12.17
N THR D 375 11.90 -10.28 13.29
CA THR D 375 12.76 -11.43 13.53
C THR D 375 11.94 -12.71 13.65
N GLY D 376 12.25 -13.68 12.80
CA GLY D 376 11.62 -14.98 12.85
C GLY D 376 10.29 -15.10 12.13
N LYS D 377 9.88 -14.07 11.39
CA LYS D 377 8.63 -14.15 10.63
C LYS D 377 8.79 -15.14 9.48
N ARG D 378 7.98 -16.19 9.48
CA ARG D 378 8.04 -17.20 8.45
C ARG D 378 7.48 -16.67 7.14
N VAL D 379 8.21 -16.88 6.05
CA VAL D 379 7.86 -16.33 4.75
C VAL D 379 7.79 -17.44 3.72
N PHE D 380 6.76 -17.40 2.89
CA PHE D 380 6.66 -18.23 1.70
C PHE D 380 7.05 -17.39 0.49
N LEU D 381 7.83 -17.98 -0.41
CA LEU D 381 8.35 -17.28 -1.58
C LEU D 381 8.07 -18.10 -2.83
N PHE D 382 7.47 -17.46 -3.83
CA PHE D 382 7.19 -18.11 -5.10
C PHE D 382 7.33 -17.09 -6.23
N GLY D 383 7.49 -17.60 -7.43
CA GLY D 383 7.61 -16.76 -8.60
C GLY D 383 8.73 -17.25 -9.49
N ASP D 384 9.26 -16.34 -10.31
CA ASP D 384 10.37 -16.70 -11.16
C ASP D 384 11.61 -16.99 -10.32
N ALA D 385 12.40 -17.97 -10.75
CA ALA D 385 13.44 -18.53 -9.89
C ALA D 385 14.45 -17.48 -9.46
N THR D 386 14.88 -16.63 -10.39
CA THR D 386 15.85 -15.59 -10.05
C THR D 386 15.36 -14.72 -8.91
N HIS D 387 14.12 -14.23 -9.04
CA HIS D 387 13.55 -13.35 -8.03
C HIS D 387 13.37 -14.07 -6.71
N VAL D 388 12.99 -15.36 -6.76
CA VAL D 388 12.76 -16.10 -5.52
C VAL D 388 14.06 -16.35 -4.77
N ILE D 389 15.12 -16.75 -5.48
CA ILE D 389 16.41 -16.95 -4.83
C ILE D 389 16.91 -15.63 -4.24
N ALA D 390 16.84 -14.56 -5.01
CA ALA D 390 17.31 -13.27 -4.52
C ALA D 390 16.50 -12.82 -3.31
N ALA D 391 15.18 -13.00 -3.35
CA ALA D 391 14.34 -12.54 -2.26
C ALA D 391 14.52 -13.40 -1.02
N ALA D 392 14.79 -14.69 -1.20
CA ALA D 392 15.07 -15.54 -0.05
C ALA D 392 16.36 -15.12 0.64
N ARG D 393 17.39 -14.82 -0.15
CA ARG D 393 18.62 -14.33 0.44
C ARG D 393 18.39 -13.01 1.16
N VAL D 394 17.64 -12.09 0.54
CA VAL D 394 17.34 -10.81 1.18
C VAL D 394 16.61 -11.04 2.49
N ALA D 395 15.54 -11.84 2.46
CA ALA D 395 14.74 -12.06 3.66
C ALA D 395 15.59 -12.62 4.79
N ARG D 396 16.29 -13.73 4.54
CA ARG D 396 17.05 -14.35 5.63
C ARG D 396 18.17 -13.44 6.12
N ASP D 397 19.00 -12.91 5.20
CA ASP D 397 20.21 -12.23 5.63
C ASP D 397 19.93 -10.83 6.17
N GLU D 398 18.97 -10.11 5.60
CA GLU D 398 18.79 -8.70 5.88
C GLU D 398 17.48 -8.37 6.57
N MET D 399 16.54 -9.31 6.67
CA MET D 399 15.22 -9.02 7.20
C MET D 399 14.91 -9.77 8.48
N GLY D 400 15.70 -10.77 8.83
CA GLY D 400 15.41 -11.58 10.00
C GLY D 400 14.31 -12.59 9.81
N PHE D 401 13.79 -12.73 8.59
CA PHE D 401 12.77 -13.70 8.29
C PHE D 401 13.39 -15.08 8.18
N GLU D 402 12.63 -16.10 8.57
CA GLU D 402 13.01 -17.48 8.32
C GLU D 402 12.21 -17.99 7.12
N VAL D 403 12.91 -18.44 6.09
CA VAL D 403 12.27 -18.88 4.86
C VAL D 403 11.71 -20.28 5.10
N VAL D 404 10.38 -20.39 5.11
CA VAL D 404 9.75 -21.70 5.27
C VAL D 404 9.20 -22.23 3.96
N GLY D 405 9.16 -21.40 2.92
CA GLY D 405 8.71 -21.86 1.62
C GLY D 405 9.50 -21.19 0.53
N MET D 406 9.79 -21.95 -0.53
CA MET D 406 10.63 -21.48 -1.62
C MET D 406 10.32 -22.31 -2.85
N GLY D 407 9.99 -21.64 -3.96
CA GLY D 407 9.65 -22.35 -5.17
C GLY D 407 9.66 -21.45 -6.38
N CYS D 408 9.57 -22.07 -7.55
CA CYS D 408 9.57 -21.36 -8.82
C CYS D 408 8.68 -22.08 -9.81
N TYR D 409 8.22 -21.34 -10.82
CA TYR D 409 7.43 -21.93 -11.90
C TYR D 409 8.23 -22.18 -13.16
N ASN D 410 9.49 -21.76 -13.21
CA ASN D 410 10.37 -22.03 -14.35
C ASN D 410 11.06 -23.36 -14.12
N ARG D 411 10.65 -24.39 -14.85
CA ARG D 411 11.36 -25.66 -14.81
C ARG D 411 12.75 -25.56 -15.42
N GLU D 412 13.00 -24.51 -16.20
CA GLU D 412 14.32 -24.27 -16.77
C GLU D 412 15.35 -23.93 -15.71
N PHE D 413 14.92 -23.50 -14.53
CA PHE D 413 15.80 -23.12 -13.43
C PHE D 413 15.54 -23.98 -12.21
N ALA D 414 15.06 -25.22 -12.42
CA ALA D 414 14.79 -26.11 -11.31
C ALA D 414 16.06 -26.42 -10.53
N ARG D 415 17.14 -26.79 -11.23
CA ARG D 415 18.39 -27.11 -10.55
C ARG D 415 18.92 -25.94 -9.72
N PRO D 416 19.00 -24.71 -10.24
CA PRO D 416 19.33 -23.58 -9.35
C PRO D 416 18.32 -23.40 -8.23
N MET D 417 17.04 -23.63 -8.50
CA MET D 417 16.02 -23.47 -7.48
C MET D 417 16.21 -24.46 -6.34
N ARG D 418 16.40 -25.74 -6.68
CA ARG D 418 16.62 -26.75 -5.65
C ARG D 418 17.93 -26.48 -4.91
N ALA D 419 18.98 -26.10 -5.63
CA ALA D 419 20.26 -25.83 -4.99
C ALA D 419 20.16 -24.68 -4.00
N ALA D 420 19.43 -23.61 -4.37
CA ALA D 420 19.21 -22.51 -3.45
C ALA D 420 18.37 -22.94 -2.26
N ALA D 421 17.32 -23.74 -2.51
CA ALA D 421 16.45 -24.15 -1.42
C ALA D 421 17.15 -25.04 -0.42
N LYS D 422 18.12 -25.84 -0.87
CA LYS D 422 18.90 -26.66 0.08
C LYS D 422 19.67 -25.79 1.07
N GLY D 423 20.07 -24.59 0.66
CA GLY D 423 20.77 -23.71 1.58
C GLY D 423 19.92 -23.30 2.75
N TYR D 424 18.61 -23.20 2.55
CA TYR D 424 17.67 -22.86 3.60
C TYR D 424 17.08 -24.09 4.28
N GLY D 425 17.46 -25.28 3.84
CA GLY D 425 17.00 -26.50 4.48
C GLY D 425 15.65 -27.00 4.03
N LEU D 426 15.17 -26.58 2.86
CA LEU D 426 13.88 -27.01 2.37
C LEU D 426 14.01 -27.50 0.93
N GLU D 427 12.97 -28.18 0.47
CA GLU D 427 12.89 -28.67 -0.90
C GLU D 427 12.07 -27.69 -1.73
N ALA D 428 12.64 -27.24 -2.84
CA ALA D 428 11.99 -26.23 -3.66
C ALA D 428 10.71 -26.77 -4.28
N LEU D 429 9.69 -25.93 -4.33
CA LEU D 429 8.42 -26.28 -4.97
C LEU D 429 8.47 -25.80 -6.41
N VAL D 430 8.95 -26.65 -7.31
CA VAL D 430 9.04 -26.32 -8.73
C VAL D 430 7.77 -26.84 -9.38
N THR D 431 6.79 -25.96 -9.56
CA THR D 431 5.51 -26.34 -10.13
C THR D 431 4.92 -25.14 -10.86
N ASP D 432 4.00 -25.43 -11.79
CA ASP D 432 3.27 -24.40 -12.52
C ASP D 432 1.79 -24.40 -12.20
N ASP D 433 1.36 -25.16 -11.20
CA ASP D 433 -0.04 -25.22 -10.80
C ASP D 433 -0.22 -24.34 -9.57
N TYR D 434 -1.15 -23.39 -9.65
CA TYR D 434 -1.40 -22.51 -8.51
C TYR D 434 -2.05 -23.28 -7.36
N LEU D 435 -2.71 -24.39 -7.68
CA LEU D 435 -3.27 -25.24 -6.63
C LEU D 435 -2.19 -25.84 -5.75
N GLU D 436 -1.07 -26.25 -6.34
CA GLU D 436 0.03 -26.79 -5.55
C GLU D 436 0.62 -25.73 -4.64
N VAL D 437 0.76 -24.50 -5.14
CA VAL D 437 1.26 -23.40 -4.32
C VAL D 437 0.29 -23.11 -3.18
N GLU D 438 -1.02 -23.11 -3.47
CA GLU D 438 -2.02 -22.89 -2.44
C GLU D 438 -1.96 -23.98 -1.37
N GLU D 439 -1.80 -25.23 -1.79
CA GLU D 439 -1.70 -26.35 -0.86
C GLU D 439 -0.48 -26.19 0.02
N ALA D 440 0.66 -25.81 -0.58
CA ALA D 440 1.88 -25.60 0.19
C ALA D 440 1.71 -24.48 1.21
N ILE D 441 1.08 -23.38 0.81
CA ILE D 441 0.87 -22.26 1.73
C ILE D 441 -0.04 -22.68 2.87
N GLN D 442 -1.14 -23.38 2.56
CA GLN D 442 -2.06 -23.81 3.62
C GLN D 442 -1.40 -24.78 4.58
N ALA D 443 -0.63 -25.75 4.06
CA ALA D 443 0.05 -26.69 4.93
C ALA D 443 1.18 -26.02 5.69
N LEU D 444 1.64 -24.86 5.21
CA LEU D 444 2.77 -24.17 5.79
C LEU D 444 2.39 -22.99 6.65
N ALA D 445 1.25 -22.35 6.38
CA ALA D 445 0.75 -21.18 7.10
C ALA D 445 1.82 -20.12 7.28
N PRO D 446 2.35 -19.53 6.21
CA PRO D 446 3.39 -18.51 6.37
C PRO D 446 2.84 -17.24 7.01
N GLU D 447 3.73 -16.51 7.68
CA GLU D 447 3.34 -15.24 8.27
C GLU D 447 3.29 -14.13 7.21
N LEU D 448 4.17 -14.21 6.22
CA LEU D 448 4.20 -13.27 5.10
C LEU D 448 4.42 -14.05 3.81
N ILE D 449 3.74 -13.65 2.75
CA ILE D 449 3.87 -14.29 1.45
C ILE D 449 4.46 -13.28 0.47
N LEU D 450 5.57 -13.66 -0.15
CA LEU D 450 6.22 -12.87 -1.20
C LEU D 450 6.15 -13.68 -2.48
N GLY D 451 5.50 -13.14 -3.50
CA GLY D 451 5.35 -13.91 -4.72
C GLY D 451 4.74 -13.17 -5.89
N THR D 452 3.96 -13.89 -6.69
CA THR D 452 3.32 -13.32 -7.86
C THR D 452 1.97 -12.72 -7.46
N GLN D 453 1.21 -12.25 -8.45
CA GLN D 453 -0.14 -11.77 -8.17
C GLN D 453 -1.08 -12.91 -7.83
N MET D 454 -0.83 -14.11 -8.35
CA MET D 454 -1.59 -15.27 -7.90
C MET D 454 -1.36 -15.55 -6.42
N GLU D 455 -0.10 -15.51 -5.97
CA GLU D 455 0.22 -15.68 -4.57
C GLU D 455 -0.25 -14.52 -3.72
N ARG D 456 -0.33 -13.32 -4.29
CA ARG D 456 -0.90 -12.16 -3.62
C ARG D 456 -2.41 -12.24 -3.50
N HIS D 457 -3.04 -13.18 -4.19
CA HIS D 457 -4.47 -13.36 -4.11
C HIS D 457 -4.82 -14.60 -3.30
N ILE D 458 -3.90 -15.57 -3.26
CA ILE D 458 -4.06 -16.70 -2.35
C ILE D 458 -3.93 -16.23 -0.90
N ALA D 459 -3.03 -15.28 -0.64
CA ALA D 459 -2.84 -14.79 0.72
C ALA D 459 -4.08 -14.06 1.23
N LYS D 460 -4.73 -13.28 0.37
CA LYS D 460 -5.87 -12.47 0.82
C LYS D 460 -7.02 -13.35 1.30
N ARG D 461 -7.33 -14.42 0.57
CA ARG D 461 -8.40 -15.30 1.00
C ARG D 461 -8.01 -16.08 2.24
N LEU D 462 -6.72 -16.28 2.48
CA LEU D 462 -6.22 -16.85 3.72
C LEU D 462 -5.87 -15.78 4.76
N GLY D 463 -6.02 -14.50 4.43
CA GLY D 463 -5.75 -13.45 5.38
C GLY D 463 -4.30 -13.37 5.82
N ILE D 464 -3.38 -13.49 4.88
CA ILE D 464 -1.94 -13.46 5.16
C ILE D 464 -1.38 -12.18 4.57
N PRO D 465 -0.47 -11.49 5.27
CA PRO D 465 0.22 -10.36 4.65
C PRO D 465 0.96 -10.80 3.40
N CYS D 466 0.87 -9.99 2.35
CA CYS D 466 1.35 -10.36 1.03
C CYS D 466 2.06 -9.19 0.35
N ALA D 467 3.00 -9.53 -0.52
CA ALA D 467 3.65 -8.56 -1.38
C ALA D 467 4.09 -9.28 -2.66
N VAL D 468 4.29 -8.51 -3.72
CA VAL D 468 4.59 -9.04 -5.04
C VAL D 468 6.08 -8.86 -5.32
N ILE D 469 6.74 -9.95 -5.70
CA ILE D 469 8.16 -9.92 -6.02
C ILE D 469 8.47 -10.43 -7.43
N SER D 470 7.54 -11.08 -8.11
CA SER D 470 7.85 -11.80 -9.33
C SER D 470 7.01 -11.29 -10.50
N ALA D 471 7.20 -11.92 -11.67
CA ALA D 471 6.79 -11.40 -12.97
C ALA D 471 5.27 -11.33 -13.18
N PRO D 472 4.49 -12.41 -12.94
CA PRO D 472 3.04 -12.29 -13.18
C PRO D 472 2.42 -11.23 -12.30
N VAL D 473 1.97 -10.13 -12.90
CA VAL D 473 1.52 -8.97 -12.16
C VAL D 473 0.34 -8.34 -12.89
N HIS D 474 -0.22 -7.28 -12.28
CA HIS D 474 -1.33 -6.53 -12.84
C HIS D 474 -0.84 -5.19 -13.38
N VAL D 475 -1.80 -4.42 -13.90
CA VAL D 475 -1.51 -3.07 -14.35
C VAL D 475 -1.11 -2.19 -13.17
N GLN D 476 -1.72 -2.42 -12.01
CA GLN D 476 -1.38 -1.67 -10.81
C GLN D 476 0.06 -1.92 -10.37
N ASP D 477 0.57 -3.13 -10.61
CA ASP D 477 1.89 -3.48 -10.12
C ASP D 477 2.99 -2.80 -10.93
N PHE D 478 2.72 -2.48 -12.19
CA PHE D 478 3.62 -1.64 -12.94
C PHE D 478 3.48 -0.20 -12.46
N PRO D 479 4.49 0.35 -11.80
CA PRO D 479 4.32 1.66 -11.16
C PRO D 479 4.78 2.82 -12.01
N ALA D 480 4.14 3.99 -11.83
CA ALA D 480 4.67 5.21 -12.41
C ALA D 480 5.92 5.66 -11.68
N ARG D 481 5.96 5.44 -10.36
CA ARG D 481 7.10 5.84 -9.56
C ARG D 481 8.29 4.91 -9.80
N TYR D 482 9.48 5.41 -9.47
CA TYR D 482 10.70 4.65 -9.62
C TYR D 482 10.74 3.54 -8.56
N SER D 483 10.55 2.30 -9.00
CA SER D 483 10.47 1.15 -8.09
C SER D 483 11.41 0.04 -8.57
N PRO D 484 12.72 0.22 -8.38
CA PRO D 484 13.65 -0.86 -8.71
C PRO D 484 13.58 -1.97 -7.67
N GLN D 485 13.95 -3.17 -8.11
CA GLN D 485 14.20 -4.29 -7.21
C GLN D 485 15.67 -4.63 -7.10
N MET D 486 16.53 -3.93 -7.84
CA MET D 486 17.96 -4.18 -7.88
C MET D 486 18.69 -3.01 -7.24
N GLY D 487 19.92 -3.25 -6.81
CA GLY D 487 20.73 -2.21 -6.23
C GLY D 487 20.30 -1.83 -4.82
N PHE D 488 20.89 -0.74 -4.33
CA PHE D 488 20.63 -0.30 -2.96
C PHE D 488 19.29 0.42 -2.85
N GLU D 489 18.95 1.24 -3.84
CA GLU D 489 17.61 1.82 -3.87
C GLU D 489 16.56 0.73 -4.04
N GLY D 490 16.87 -0.30 -4.83
CA GLY D 490 15.99 -1.45 -4.91
C GLY D 490 15.88 -2.17 -3.58
N ALA D 491 16.95 -2.19 -2.80
CA ALA D 491 16.90 -2.78 -1.47
C ALA D 491 15.97 -2.00 -0.55
N ASN D 492 16.03 -0.67 -0.62
CA ASN D 492 15.10 0.17 0.14
C ASN D 492 13.66 -0.09 -0.29
N VAL D 493 13.44 -0.18 -1.60
CA VAL D 493 12.10 -0.46 -2.12
C VAL D 493 11.61 -1.82 -1.63
N LEU D 494 12.51 -2.81 -1.63
CA LEU D 494 12.17 -4.14 -1.14
C LEU D 494 11.79 -4.11 0.33
N PHE D 495 12.58 -3.40 1.15
CA PHE D 495 12.25 -3.24 2.55
C PHE D 495 10.85 -2.67 2.73
N ASP D 496 10.58 -1.54 2.09
CA ASP D 496 9.30 -0.88 2.28
C ASP D 496 8.14 -1.75 1.78
N THR D 497 8.31 -2.36 0.60
CA THR D 497 7.26 -3.16 0.01
C THR D 497 6.96 -4.39 0.85
N TRP D 498 8.00 -5.04 1.40
CA TRP D 498 7.79 -6.25 2.17
C TRP D 498 7.27 -5.93 3.57
N ILE D 499 7.62 -4.76 4.11
CA ILE D 499 7.19 -4.44 5.46
C ILE D 499 5.79 -3.85 5.47
N HIS D 500 5.37 -3.23 4.36
CA HIS D 500 4.05 -2.59 4.30
C HIS D 500 2.90 -3.53 4.67
N PRO D 501 2.84 -4.76 4.13
CA PRO D 501 1.76 -5.67 4.57
C PRO D 501 1.82 -5.99 6.05
N LEU D 502 3.03 -6.21 6.59
CA LEU D 502 3.14 -6.53 8.02
C LEU D 502 2.80 -5.32 8.88
N THR D 503 3.25 -4.13 8.47
CA THR D 503 2.90 -2.91 9.20
C THR D 503 1.40 -2.68 9.18
N MET D 504 0.79 -2.80 8.01
CA MET D 504 -0.70 -2.74 7.93
CA MET D 504 -0.67 -2.68 7.90
C MET D 504 -1.52 -3.74 8.79
N GLY D 505 -0.98 -4.94 8.75
CA GLY D 505 -1.63 -5.94 9.59
C GLY D 505 -1.50 -5.64 11.06
N LEU D 506 -0.31 -5.22 11.49
CA LEU D 506 -0.10 -4.87 12.89
C LEU D 506 -0.95 -3.67 13.29
N GLU D 507 -1.03 -2.66 12.42
CA GLU D 507 -1.81 -1.46 12.73
C GLU D 507 -3.29 -1.78 12.82
N GLU D 508 -3.81 -2.56 11.88
CA GLU D 508 -5.22 -2.94 11.94
C GLU D 508 -5.51 -3.83 13.14
N HIS D 509 -4.56 -4.72 13.48
CA HIS D 509 -4.72 -5.56 14.66
C HIS D 509 -4.78 -4.72 15.93
N LEU D 510 -3.89 -3.72 16.05
CA LEU D 510 -3.94 -2.83 17.20
C LEU D 510 -5.25 -2.05 17.24
N LEU D 511 -5.71 -1.57 16.08
CA LEU D 511 -6.98 -0.85 16.02
C LEU D 511 -8.13 -1.73 16.48
N THR D 512 -8.12 -3.00 16.06
CA THR D 512 -9.15 -3.93 16.50
C THR D 512 -9.09 -4.18 18.00
N MET D 513 -7.88 -4.30 18.56
CA MET D 513 -7.77 -4.48 20.00
C MET D 513 -8.29 -3.27 20.77
N PHE D 514 -7.96 -2.06 20.30
CA PHE D 514 -8.44 -0.83 20.93
C PHE D 514 -9.91 -0.56 20.65
N ARG D 515 -10.54 -1.32 19.75
CA ARG D 515 -11.96 -1.17 19.44
C ARG D 515 -12.30 0.25 18.98
#